data_6I0Q
# 
_entry.id   6I0Q 
# 
_audit_conform.dict_name       mmcif_pdbx.dic 
_audit_conform.dict_version    5.383 
_audit_conform.dict_location   http://mmcif.pdb.org/dictionaries/ascii/mmcif_pdbx.dic 
# 
loop_
_database_2.database_id 
_database_2.database_code 
_database_2.pdbx_database_accession 
_database_2.pdbx_DOI 
PDB   6I0Q         pdb_00006i0q 10.2210/pdb6i0q/pdb 
WWPDB D_1200012636 ?            ?                   
# 
loop_
_pdbx_audit_revision_history.ordinal 
_pdbx_audit_revision_history.data_content_type 
_pdbx_audit_revision_history.major_revision 
_pdbx_audit_revision_history.minor_revision 
_pdbx_audit_revision_history.revision_date 
1 'Structure model' 1 0 2019-10-02 
2 'Structure model' 1 1 2019-10-23 
3 'Structure model' 1 2 2024-01-24 
# 
_pdbx_audit_revision_details.ordinal             1 
_pdbx_audit_revision_details.revision_ordinal    1 
_pdbx_audit_revision_details.data_content_type   'Structure model' 
_pdbx_audit_revision_details.provider            repository 
_pdbx_audit_revision_details.type                'Initial release' 
_pdbx_audit_revision_details.description         ? 
_pdbx_audit_revision_details.details             ? 
# 
loop_
_pdbx_audit_revision_group.ordinal 
_pdbx_audit_revision_group.revision_ordinal 
_pdbx_audit_revision_group.data_content_type 
_pdbx_audit_revision_group.group 
1 2 'Structure model' 'Data collection'        
2 2 'Structure model' 'Database references'    
3 3 'Structure model' 'Data collection'        
4 3 'Structure model' 'Database references'    
5 3 'Structure model' 'Refinement description' 
# 
loop_
_pdbx_audit_revision_category.ordinal 
_pdbx_audit_revision_category.revision_ordinal 
_pdbx_audit_revision_category.data_content_type 
_pdbx_audit_revision_category.category 
1 2 'Structure model' citation                      
2 2 'Structure model' citation_author               
3 3 'Structure model' chem_comp_atom                
4 3 'Structure model' chem_comp_bond                
5 3 'Structure model' database_2                    
6 3 'Structure model' pdbx_initial_refinement_model 
# 
loop_
_pdbx_audit_revision_item.ordinal 
_pdbx_audit_revision_item.revision_ordinal 
_pdbx_audit_revision_item.data_content_type 
_pdbx_audit_revision_item.item 
1 2 'Structure model' '_citation.journal_volume'            
2 2 'Structure model' '_citation.page_first'                
3 2 'Structure model' '_citation.page_last'                 
4 2 'Structure model' '_citation.title'                     
5 2 'Structure model' '_citation_author.name'               
6 3 'Structure model' '_database_2.pdbx_DOI'                
7 3 'Structure model' '_database_2.pdbx_database_accession' 
# 
_pdbx_database_status.status_code                     REL 
_pdbx_database_status.status_code_sf                  REL 
_pdbx_database_status.status_code_mr                  ? 
_pdbx_database_status.entry_id                        6I0Q 
_pdbx_database_status.recvd_initial_deposition_date   2018-10-26 
_pdbx_database_status.SG_entry                        N 
_pdbx_database_status.deposit_site                    PDBE 
_pdbx_database_status.process_site                    PDBE 
_pdbx_database_status.status_code_cs                  ? 
_pdbx_database_status.methods_development_category    ? 
_pdbx_database_status.pdb_format_compatible           Y 
_pdbx_database_status.status_code_nmr_data            ? 
# 
loop_
_audit_author.name 
_audit_author.pdbx_ordinal 
_audit_author.identifier_ORCID 
'Kasaragod, V.B.' 1 ? 
'Sereikaite, V.'  2 ? 
'Stromgaard, K.'  3 ? 
'Schindelin, H.'  4 ? 
# 
_citation.abstract                  ? 
_citation.abstract_id_CAS           ? 
_citation.book_id_ISBN              ? 
_citation.book_publisher            ? 
_citation.book_publisher_city       ? 
_citation.book_title                ? 
_citation.coordinate_linkage        ? 
_citation.country                   US 
_citation.database_id_Medline       ? 
_citation.details                   ? 
_citation.id                        primary 
_citation.journal_abbrev            J.Med.Chem. 
_citation.journal_id_ASTM           JMCMAR 
_citation.journal_id_CSD            0151 
_citation.journal_id_ISSN           0022-2623 
_citation.journal_full              ? 
_citation.journal_issue             ? 
_citation.journal_volume            62 
_citation.language                  ? 
_citation.page_first                8819 
_citation.page_last                 8830 
_citation.title                     
;Targeting the gamma-Aminobutyric Acid Type B (GABAB) Receptor Complex: Development of Inhibitors Targeting the K+Channel Tetramerization Domain (KCTD) Containing Proteins/GABABReceptor Protein-Protein Interaction.
;
_citation.year                      2019 
_citation.database_id_CSD           ? 
_citation.pdbx_database_id_DOI      10.1021/acs.jmedchem.9b01087 
_citation.pdbx_database_id_PubMed   31509708 
_citation.unpublished_flag          ? 
# 
loop_
_citation_author.citation_id 
_citation_author.name 
_citation_author.ordinal 
_citation_author.identifier_ORCID 
primary 'Sereikaite, V.'  1 ? 
primary 'Fritzius, T.'    2 ? 
primary 'Kasaragod, V.B.' 3 ? 
primary 'Bader, N.'       4 ? 
primary 'Maric, H.M.'     5 ? 
primary 'Schindelin, H.'  6 ? 
primary 'Bettler, B.'     7 ? 
primary 'Stromgaard, K.'  8 ? 
# 
loop_
_entity.id 
_entity.type 
_entity.src_method 
_entity.pdbx_description 
_entity.formula_weight 
_entity.pdbx_number_of_molecules 
_entity.pdbx_ec 
_entity.pdbx_mutation 
_entity.pdbx_fragment 
_entity.details 
1 polymer man 'BTB/POZ domain-containing protein KCTD16' 12176.007 1  ? ? ? ? 
2 water   nat water                                      18.015    40 ? ? ? ? 
# 
_entity_name_com.entity_id   1 
_entity_name_com.name        'Potassium channel tetramerization domain-containing protein 16' 
# 
_entity_poly.entity_id                      1 
_entity_poly.type                           'polypeptide(L)' 
_entity_poly.nstd_linkage                   no 
_entity_poly.nstd_monomer                   no 
_entity_poly.pdbx_seq_one_letter_code       
;SFPEVVELNVGGQVYFTRHSTLISIPHSLLWKMFSPKRDTANDLAKDSKGRFFIDRDGFLFRYILDYLRDRQVVLPDHFP
EKGRLKREAEYFQLPDLVKLLTP
;
_entity_poly.pdbx_seq_one_letter_code_can   
;SFPEVVELNVGGQVYFTRHSTLISIPHSLLWKMFSPKRDTANDLAKDSKGRFFIDRDGFLFRYILDYLRDRQVVLPDHFP
EKGRLKREAEYFQLPDLVKLLTP
;
_entity_poly.pdbx_strand_id                 A 
_entity_poly.pdbx_target_identifier         ? 
# 
_pdbx_entity_nonpoly.entity_id   2 
_pdbx_entity_nonpoly.name        water 
_pdbx_entity_nonpoly.comp_id     HOH 
# 
loop_
_entity_poly_seq.entity_id 
_entity_poly_seq.num 
_entity_poly_seq.mon_id 
_entity_poly_seq.hetero 
1 1   SER n 
1 2   PHE n 
1 3   PRO n 
1 4   GLU n 
1 5   VAL n 
1 6   VAL n 
1 7   GLU n 
1 8   LEU n 
1 9   ASN n 
1 10  VAL n 
1 11  GLY n 
1 12  GLY n 
1 13  GLN n 
1 14  VAL n 
1 15  TYR n 
1 16  PHE n 
1 17  THR n 
1 18  ARG n 
1 19  HIS n 
1 20  SER n 
1 21  THR n 
1 22  LEU n 
1 23  ILE n 
1 24  SER n 
1 25  ILE n 
1 26  PRO n 
1 27  HIS n 
1 28  SER n 
1 29  LEU n 
1 30  LEU n 
1 31  TRP n 
1 32  LYS n 
1 33  MET n 
1 34  PHE n 
1 35  SER n 
1 36  PRO n 
1 37  LYS n 
1 38  ARG n 
1 39  ASP n 
1 40  THR n 
1 41  ALA n 
1 42  ASN n 
1 43  ASP n 
1 44  LEU n 
1 45  ALA n 
1 46  LYS n 
1 47  ASP n 
1 48  SER n 
1 49  LYS n 
1 50  GLY n 
1 51  ARG n 
1 52  PHE n 
1 53  PHE n 
1 54  ILE n 
1 55  ASP n 
1 56  ARG n 
1 57  ASP n 
1 58  GLY n 
1 59  PHE n 
1 60  LEU n 
1 61  PHE n 
1 62  ARG n 
1 63  TYR n 
1 64  ILE n 
1 65  LEU n 
1 66  ASP n 
1 67  TYR n 
1 68  LEU n 
1 69  ARG n 
1 70  ASP n 
1 71  ARG n 
1 72  GLN n 
1 73  VAL n 
1 74  VAL n 
1 75  LEU n 
1 76  PRO n 
1 77  ASP n 
1 78  HIS n 
1 79  PHE n 
1 80  PRO n 
1 81  GLU n 
1 82  LYS n 
1 83  GLY n 
1 84  ARG n 
1 85  LEU n 
1 86  LYS n 
1 87  ARG n 
1 88  GLU n 
1 89  ALA n 
1 90  GLU n 
1 91  TYR n 
1 92  PHE n 
1 93  GLN n 
1 94  LEU n 
1 95  PRO n 
1 96  ASP n 
1 97  LEU n 
1 98  VAL n 
1 99  LYS n 
1 100 LEU n 
1 101 LEU n 
1 102 THR n 
1 103 PRO n 
# 
_entity_src_gen.entity_id                          1 
_entity_src_gen.pdbx_src_id                        1 
_entity_src_gen.pdbx_alt_source_flag               sample 
_entity_src_gen.pdbx_seq_type                      'Biological sequence' 
_entity_src_gen.pdbx_beg_seq_num                   1 
_entity_src_gen.pdbx_end_seq_num                   103 
_entity_src_gen.gene_src_common_name               Human 
_entity_src_gen.gene_src_genus                     ? 
_entity_src_gen.pdbx_gene_src_gene                 'KCTD16, KIAA1317' 
_entity_src_gen.gene_src_species                   ? 
_entity_src_gen.gene_src_strain                    ? 
_entity_src_gen.gene_src_tissue                    ? 
_entity_src_gen.gene_src_tissue_fraction           ? 
_entity_src_gen.gene_src_details                   ? 
_entity_src_gen.pdbx_gene_src_fragment             ? 
_entity_src_gen.pdbx_gene_src_scientific_name      'Homo sapiens' 
_entity_src_gen.pdbx_gene_src_ncbi_taxonomy_id     9606 
_entity_src_gen.pdbx_gene_src_variant              ? 
_entity_src_gen.pdbx_gene_src_cell_line            ? 
_entity_src_gen.pdbx_gene_src_atcc                 ? 
_entity_src_gen.pdbx_gene_src_organ                ? 
_entity_src_gen.pdbx_gene_src_organelle            ? 
_entity_src_gen.pdbx_gene_src_cell                 ? 
_entity_src_gen.pdbx_gene_src_cellular_location    ? 
_entity_src_gen.host_org_common_name               ? 
_entity_src_gen.pdbx_host_org_scientific_name      'Escherichia coli' 
_entity_src_gen.pdbx_host_org_ncbi_taxonomy_id     562 
_entity_src_gen.host_org_genus                     ? 
_entity_src_gen.pdbx_host_org_gene                 ? 
_entity_src_gen.pdbx_host_org_organ                ? 
_entity_src_gen.host_org_species                   ? 
_entity_src_gen.pdbx_host_org_tissue               ? 
_entity_src_gen.pdbx_host_org_tissue_fraction      ? 
_entity_src_gen.pdbx_host_org_strain               ? 
_entity_src_gen.pdbx_host_org_variant              ? 
_entity_src_gen.pdbx_host_org_cell_line            ? 
_entity_src_gen.pdbx_host_org_atcc                 ? 
_entity_src_gen.pdbx_host_org_culture_collection   ? 
_entity_src_gen.pdbx_host_org_cell                 ? 
_entity_src_gen.pdbx_host_org_organelle            ? 
_entity_src_gen.pdbx_host_org_cellular_location    ? 
_entity_src_gen.pdbx_host_org_vector_type          ? 
_entity_src_gen.pdbx_host_org_vector               ? 
_entity_src_gen.host_org_details                   ? 
_entity_src_gen.expression_system_id               ? 
_entity_src_gen.plasmid_name                       ? 
_entity_src_gen.plasmid_details                    ? 
_entity_src_gen.pdbx_description                   ? 
# 
loop_
_chem_comp.id 
_chem_comp.type 
_chem_comp.mon_nstd_flag 
_chem_comp.name 
_chem_comp.pdbx_synonyms 
_chem_comp.formula 
_chem_comp.formula_weight 
ALA 'L-peptide linking' y ALANINE         ? 'C3 H7 N O2'     89.093  
ARG 'L-peptide linking' y ARGININE        ? 'C6 H15 N4 O2 1' 175.209 
ASN 'L-peptide linking' y ASPARAGINE      ? 'C4 H8 N2 O3'    132.118 
ASP 'L-peptide linking' y 'ASPARTIC ACID' ? 'C4 H7 N O4'     133.103 
GLN 'L-peptide linking' y GLUTAMINE       ? 'C5 H10 N2 O3'   146.144 
GLU 'L-peptide linking' y 'GLUTAMIC ACID' ? 'C5 H9 N O4'     147.129 
GLY 'peptide linking'   y GLYCINE         ? 'C2 H5 N O2'     75.067  
HIS 'L-peptide linking' y HISTIDINE       ? 'C6 H10 N3 O2 1' 156.162 
HOH non-polymer         . WATER           ? 'H2 O'           18.015  
ILE 'L-peptide linking' y ISOLEUCINE      ? 'C6 H13 N O2'    131.173 
LEU 'L-peptide linking' y LEUCINE         ? 'C6 H13 N O2'    131.173 
LYS 'L-peptide linking' y LYSINE          ? 'C6 H15 N2 O2 1' 147.195 
MET 'L-peptide linking' y METHIONINE      ? 'C5 H11 N O2 S'  149.211 
PHE 'L-peptide linking' y PHENYLALANINE   ? 'C9 H11 N O2'    165.189 
PRO 'L-peptide linking' y PROLINE         ? 'C5 H9 N O2'     115.130 
SER 'L-peptide linking' y SERINE          ? 'C3 H7 N O3'     105.093 
THR 'L-peptide linking' y THREONINE       ? 'C4 H9 N O3'     119.119 
TRP 'L-peptide linking' y TRYPTOPHAN      ? 'C11 H12 N2 O2'  204.225 
TYR 'L-peptide linking' y TYROSINE        ? 'C9 H11 N O3'    181.189 
VAL 'L-peptide linking' y VALINE          ? 'C5 H11 N O2'    117.146 
# 
loop_
_pdbx_poly_seq_scheme.asym_id 
_pdbx_poly_seq_scheme.entity_id 
_pdbx_poly_seq_scheme.seq_id 
_pdbx_poly_seq_scheme.mon_id 
_pdbx_poly_seq_scheme.ndb_seq_num 
_pdbx_poly_seq_scheme.pdb_seq_num 
_pdbx_poly_seq_scheme.auth_seq_num 
_pdbx_poly_seq_scheme.pdb_mon_id 
_pdbx_poly_seq_scheme.auth_mon_id 
_pdbx_poly_seq_scheme.pdb_strand_id 
_pdbx_poly_seq_scheme.pdb_ins_code 
_pdbx_poly_seq_scheme.hetero 
A 1 1   SER 1   22  22  SER SER A . n 
A 1 2   PHE 2   23  23  PHE PHE A . n 
A 1 3   PRO 3   24  24  PRO PRO A . n 
A 1 4   GLU 4   25  25  GLU GLU A . n 
A 1 5   VAL 5   26  26  VAL VAL A . n 
A 1 6   VAL 6   27  27  VAL VAL A . n 
A 1 7   GLU 7   28  28  GLU GLU A . n 
A 1 8   LEU 8   29  29  LEU LEU A . n 
A 1 9   ASN 9   30  30  ASN ASN A . n 
A 1 10  VAL 10  31  31  VAL VAL A . n 
A 1 11  GLY 11  32  32  GLY GLY A . n 
A 1 12  GLY 12  33  33  GLY GLY A . n 
A 1 13  GLN 13  34  34  GLN GLN A . n 
A 1 14  VAL 14  35  35  VAL VAL A . n 
A 1 15  TYR 15  36  36  TYR TYR A . n 
A 1 16  PHE 16  37  37  PHE PHE A . n 
A 1 17  THR 17  38  38  THR THR A . n 
A 1 18  ARG 18  39  39  ARG ARG A . n 
A 1 19  HIS 19  40  40  HIS HIS A . n 
A 1 20  SER 20  41  41  SER SER A . n 
A 1 21  THR 21  42  42  THR THR A . n 
A 1 22  LEU 22  43  43  LEU LEU A . n 
A 1 23  ILE 23  44  44  ILE ILE A . n 
A 1 24  SER 24  45  45  SER SER A . n 
A 1 25  ILE 25  46  46  ILE ILE A . n 
A 1 26  PRO 26  47  47  PRO PRO A . n 
A 1 27  HIS 27  48  48  HIS HIS A . n 
A 1 28  SER 28  49  49  SER SER A . n 
A 1 29  LEU 29  50  50  LEU LEU A . n 
A 1 30  LEU 30  51  51  LEU LEU A . n 
A 1 31  TRP 31  52  52  TRP TRP A . n 
A 1 32  LYS 32  53  53  LYS LYS A . n 
A 1 33  MET 33  54  54  MET MET A . n 
A 1 34  PHE 34  55  55  PHE PHE A . n 
A 1 35  SER 35  56  56  SER SER A . n 
A 1 36  PRO 36  57  57  PRO PRO A . n 
A 1 37  LYS 37  58  58  LYS LYS A . n 
A 1 38  ARG 38  59  ?   ?   ?   A . n 
A 1 39  ASP 39  60  ?   ?   ?   A . n 
A 1 40  THR 40  61  ?   ?   ?   A . n 
A 1 41  ALA 41  62  62  ALA ALA A . n 
A 1 42  ASN 42  63  63  ASN ASN A . n 
A 1 43  ASP 43  64  64  ASP ASP A . n 
A 1 44  LEU 44  65  65  LEU LEU A . n 
A 1 45  ALA 45  66  66  ALA ALA A . n 
A 1 46  LYS 46  67  67  LYS LYS A . n 
A 1 47  ASP 47  68  68  ASP ASP A . n 
A 1 48  SER 48  69  69  SER SER A . n 
A 1 49  LYS 49  70  70  LYS LYS A . n 
A 1 50  GLY 50  71  71  GLY GLY A . n 
A 1 51  ARG 51  72  72  ARG ARG A . n 
A 1 52  PHE 52  73  73  PHE PHE A . n 
A 1 53  PHE 53  74  74  PHE PHE A . n 
A 1 54  ILE 54  75  75  ILE ILE A . n 
A 1 55  ASP 55  76  76  ASP ASP A . n 
A 1 56  ARG 56  77  77  ARG ARG A . n 
A 1 57  ASP 57  78  78  ASP ASP A . n 
A 1 58  GLY 58  79  79  GLY GLY A . n 
A 1 59  PHE 59  80  80  PHE PHE A . n 
A 1 60  LEU 60  81  81  LEU LEU A . n 
A 1 61  PHE 61  82  82  PHE PHE A . n 
A 1 62  ARG 62  83  83  ARG ARG A . n 
A 1 63  TYR 63  84  84  TYR TYR A . n 
A 1 64  ILE 64  85  85  ILE ILE A . n 
A 1 65  LEU 65  86  86  LEU LEU A . n 
A 1 66  ASP 66  87  87  ASP ASP A . n 
A 1 67  TYR 67  88  88  TYR TYR A . n 
A 1 68  LEU 68  89  89  LEU LEU A . n 
A 1 69  ARG 69  90  90  ARG ARG A . n 
A 1 70  ASP 70  91  91  ASP ASP A . n 
A 1 71  ARG 71  92  92  ARG ARG A . n 
A 1 72  GLN 72  93  93  GLN GLN A . n 
A 1 73  VAL 73  94  94  VAL VAL A . n 
A 1 74  VAL 74  95  95  VAL VAL A . n 
A 1 75  LEU 75  96  96  LEU LEU A . n 
A 1 76  PRO 76  97  97  PRO PRO A . n 
A 1 77  ASP 77  98  98  ASP ASP A . n 
A 1 78  HIS 78  99  99  HIS HIS A . n 
A 1 79  PHE 79  100 100 PHE PHE A . n 
A 1 80  PRO 80  101 101 PRO PRO A . n 
A 1 81  GLU 81  102 102 GLU GLU A . n 
A 1 82  LYS 82  103 103 LYS LYS A . n 
A 1 83  GLY 83  104 104 GLY GLY A . n 
A 1 84  ARG 84  105 105 ARG ARG A . n 
A 1 85  LEU 85  106 106 LEU LEU A . n 
A 1 86  LYS 86  107 107 LYS LYS A . n 
A 1 87  ARG 87  108 108 ARG ARG A . n 
A 1 88  GLU 88  109 109 GLU GLU A . n 
A 1 89  ALA 89  110 110 ALA ALA A . n 
A 1 90  GLU 90  111 111 GLU GLU A . n 
A 1 91  TYR 91  112 112 TYR TYR A . n 
A 1 92  PHE 92  113 113 PHE PHE A . n 
A 1 93  GLN 93  114 114 GLN GLN A . n 
A 1 94  LEU 94  115 115 LEU LEU A . n 
A 1 95  PRO 95  116 116 PRO PRO A . n 
A 1 96  ASP 96  117 117 ASP ASP A . n 
A 1 97  LEU 97  118 118 LEU LEU A . n 
A 1 98  VAL 98  119 119 VAL VAL A . n 
A 1 99  LYS 99  120 120 LYS LYS A . n 
A 1 100 LEU 100 121 121 LEU LEU A . n 
A 1 101 LEU 101 122 122 LEU LEU A . n 
A 1 102 THR 102 123 123 THR THR A . n 
A 1 103 PRO 103 124 124 PRO PRO A . n 
# 
loop_
_pdbx_nonpoly_scheme.asym_id 
_pdbx_nonpoly_scheme.entity_id 
_pdbx_nonpoly_scheme.mon_id 
_pdbx_nonpoly_scheme.ndb_seq_num 
_pdbx_nonpoly_scheme.pdb_seq_num 
_pdbx_nonpoly_scheme.auth_seq_num 
_pdbx_nonpoly_scheme.pdb_mon_id 
_pdbx_nonpoly_scheme.auth_mon_id 
_pdbx_nonpoly_scheme.pdb_strand_id 
_pdbx_nonpoly_scheme.pdb_ins_code 
B 2 HOH 1  201 27 HOH HOH A . 
B 2 HOH 2  202 30 HOH HOH A . 
B 2 HOH 3  203 8  HOH HOH A . 
B 2 HOH 4  204 2  HOH HOH A . 
B 2 HOH 5  205 13 HOH HOH A . 
B 2 HOH 6  206 3  HOH HOH A . 
B 2 HOH 7  207 1  HOH HOH A . 
B 2 HOH 8  208 6  HOH HOH A . 
B 2 HOH 9  209 7  HOH HOH A . 
B 2 HOH 10 210 5  HOH HOH A . 
B 2 HOH 11 211 4  HOH HOH A . 
B 2 HOH 12 212 10 HOH HOH A . 
B 2 HOH 13 213 18 HOH HOH A . 
B 2 HOH 14 214 15 HOH HOH A . 
B 2 HOH 15 215 9  HOH HOH A . 
B 2 HOH 16 216 16 HOH HOH A . 
B 2 HOH 17 217 21 HOH HOH A . 
B 2 HOH 18 218 32 HOH HOH A . 
B 2 HOH 19 219 24 HOH HOH A . 
B 2 HOH 20 220 37 HOH HOH A . 
B 2 HOH 21 221 35 HOH HOH A . 
B 2 HOH 22 222 11 HOH HOH A . 
B 2 HOH 23 223 36 HOH HOH A . 
B 2 HOH 24 224 33 HOH HOH A . 
B 2 HOH 25 225 41 HOH HOH A . 
B 2 HOH 26 226 17 HOH HOH A . 
B 2 HOH 27 227 14 HOH HOH A . 
B 2 HOH 28 228 34 HOH HOH A . 
B 2 HOH 29 229 29 HOH HOH A . 
B 2 HOH 30 230 38 HOH HOH A . 
B 2 HOH 31 231 28 HOH HOH A . 
B 2 HOH 32 232 25 HOH HOH A . 
B 2 HOH 33 233 20 HOH HOH A . 
B 2 HOH 34 234 23 HOH HOH A . 
B 2 HOH 35 235 22 HOH HOH A . 
B 2 HOH 36 236 19 HOH HOH A . 
B 2 HOH 37 237 26 HOH HOH A . 
B 2 HOH 38 238 39 HOH HOH A . 
B 2 HOH 39 239 40 HOH HOH A . 
B 2 HOH 40 240 31 HOH HOH A . 
# 
loop_
_software.citation_id 
_software.classification 
_software.compiler_name 
_software.compiler_version 
_software.contact_author 
_software.contact_author_email 
_software.date 
_software.description 
_software.dependencies 
_software.hardware 
_software.language 
_software.location 
_software.mods 
_software.name 
_software.os 
_software.os_version 
_software.type 
_software.version 
_software.pdbx_ordinal 
? refinement       ? ? ? ? ? ? ? ? ? ? ? PHENIX  ? ? ? '(1.11_2567: ???)' 1 
? 'data reduction' ? ? ? ? ? ? ? ? ? ? ? XDS     ? ? ? .                  2 
? 'data scaling'   ? ? ? ? ? ? ? ? ? ? ? Aimless ? ? ? .                  3 
? phasing          ? ? ? ? ? ? ? ? ? ? ? PHASER  ? ? ? .                  4 
# 
_cell.angle_alpha                  90.00 
_cell.angle_alpha_esd              ? 
_cell.angle_beta                   90.00 
_cell.angle_beta_esd               ? 
_cell.angle_gamma                  120.00 
_cell.angle_gamma_esd              ? 
_cell.entry_id                     6I0Q 
_cell.details                      ? 
_cell.formula_units_Z              ? 
_cell.length_a                     62.407 
_cell.length_a_esd                 ? 
_cell.length_b                     62.407 
_cell.length_b_esd                 ? 
_cell.length_c                     41.861 
_cell.length_c_esd                 ? 
_cell.volume                       ? 
_cell.volume_esd                   ? 
_cell.Z_PDB                        6 
_cell.reciprocal_angle_alpha       ? 
_cell.reciprocal_angle_beta        ? 
_cell.reciprocal_angle_gamma       ? 
_cell.reciprocal_angle_alpha_esd   ? 
_cell.reciprocal_angle_beta_esd    ? 
_cell.reciprocal_angle_gamma_esd   ? 
_cell.reciprocal_length_a          ? 
_cell.reciprocal_length_b          ? 
_cell.reciprocal_length_c          ? 
_cell.reciprocal_length_a_esd      ? 
_cell.reciprocal_length_b_esd      ? 
_cell.reciprocal_length_c_esd      ? 
_cell.pdbx_unique_axis             ? 
# 
_symmetry.entry_id                         6I0Q 
_symmetry.cell_setting                     ? 
_symmetry.Int_Tables_number                170 
_symmetry.space_group_name_Hall            ? 
_symmetry.space_group_name_H-M             'P 65' 
_symmetry.pdbx_full_space_group_name_H-M   ? 
# 
_exptl.absorpt_coefficient_mu     ? 
_exptl.absorpt_correction_T_max   ? 
_exptl.absorpt_correction_T_min   ? 
_exptl.absorpt_correction_type    ? 
_exptl.absorpt_process_details    ? 
_exptl.entry_id                   6I0Q 
_exptl.crystals_number            1 
_exptl.details                    ? 
_exptl.method                     'X-RAY DIFFRACTION' 
_exptl.method_details             ? 
# 
_exptl_crystal.colour                      ? 
_exptl_crystal.density_diffrn              ? 
_exptl_crystal.density_Matthews            1.93 
_exptl_crystal.density_method              ? 
_exptl_crystal.density_percent_sol         36.36 
_exptl_crystal.description                 ? 
_exptl_crystal.F_000                       ? 
_exptl_crystal.id                          1 
_exptl_crystal.preparation                 ? 
_exptl_crystal.size_max                    ? 
_exptl_crystal.size_mid                    ? 
_exptl_crystal.size_min                    ? 
_exptl_crystal.size_rad                    ? 
_exptl_crystal.colour_lustre               ? 
_exptl_crystal.colour_modifier             ? 
_exptl_crystal.colour_primary              ? 
_exptl_crystal.density_meas                ? 
_exptl_crystal.density_meas_esd            ? 
_exptl_crystal.density_meas_gt             ? 
_exptl_crystal.density_meas_lt             ? 
_exptl_crystal.density_meas_temp           ? 
_exptl_crystal.density_meas_temp_esd       ? 
_exptl_crystal.density_meas_temp_gt        ? 
_exptl_crystal.density_meas_temp_lt        ? 
_exptl_crystal.pdbx_crystal_image_url      ? 
_exptl_crystal.pdbx_crystal_image_format   ? 
_exptl_crystal.pdbx_mosaicity              ? 
_exptl_crystal.pdbx_mosaicity_esd          ? 
# 
_exptl_crystal_grow.apparatus       ? 
_exptl_crystal_grow.atmosphere      ? 
_exptl_crystal_grow.crystal_id      1 
_exptl_crystal_grow.details         ? 
_exptl_crystal_grow.method          'VAPOR DIFFUSION, SITTING DROP' 
_exptl_crystal_grow.method_ref      ? 
_exptl_crystal_grow.pH              ? 
_exptl_crystal_grow.pressure        ? 
_exptl_crystal_grow.pressure_esd    ? 
_exptl_crystal_grow.seeding         ? 
_exptl_crystal_grow.seeding_ref     ? 
_exptl_crystal_grow.temp            293 
_exptl_crystal_grow.temp_details    ? 
_exptl_crystal_grow.temp_esd        ? 
_exptl_crystal_grow.time            ? 
_exptl_crystal_grow.pdbx_details    '0.2 M ammonium sulfate and 20% PEG 3350' 
_exptl_crystal_grow.pdbx_pH_range   ? 
# 
_diffrn.ambient_environment              ? 
_diffrn.ambient_temp                     100 
_diffrn.ambient_temp_details             ? 
_diffrn.ambient_temp_esd                 ? 
_diffrn.crystal_id                       1 
_diffrn.crystal_support                  ? 
_diffrn.crystal_treatment                ? 
_diffrn.details                          ? 
_diffrn.id                               1 
_diffrn.ambient_pressure                 ? 
_diffrn.ambient_pressure_esd             ? 
_diffrn.ambient_pressure_gt              ? 
_diffrn.ambient_pressure_lt              ? 
_diffrn.ambient_temp_gt                  ? 
_diffrn.ambient_temp_lt                  ? 
_diffrn.pdbx_serial_crystal_experiment   N 
# 
_diffrn_detector.details                      ? 
_diffrn_detector.detector                     PIXEL 
_diffrn_detector.diffrn_id                    1 
_diffrn_detector.type                         'DECTRIS PILATUS3 S 6M' 
_diffrn_detector.area_resol_mean              ? 
_diffrn_detector.dtime                        ? 
_diffrn_detector.pdbx_frames_total            ? 
_diffrn_detector.pdbx_collection_time_total   ? 
_diffrn_detector.pdbx_collection_date         2018-06-03 
_diffrn_detector.pdbx_frequency               ? 
# 
_diffrn_radiation.collimation                      ? 
_diffrn_radiation.diffrn_id                        1 
_diffrn_radiation.filter_edge                      ? 
_diffrn_radiation.inhomogeneity                    ? 
_diffrn_radiation.monochromator                    ? 
_diffrn_radiation.polarisn_norm                    ? 
_diffrn_radiation.polarisn_ratio                   ? 
_diffrn_radiation.probe                            ? 
_diffrn_radiation.type                             ? 
_diffrn_radiation.xray_symbol                      ? 
_diffrn_radiation.wavelength_id                    1 
_diffrn_radiation.pdbx_monochromatic_or_laue_m_l   M 
_diffrn_radiation.pdbx_wavelength_list             ? 
_diffrn_radiation.pdbx_wavelength                  ? 
_diffrn_radiation.pdbx_diffrn_protocol             'SINGLE WAVELENGTH' 
_diffrn_radiation.pdbx_analyzer                    ? 
_diffrn_radiation.pdbx_scattering_type             x-ray 
# 
_diffrn_radiation_wavelength.id           1 
_diffrn_radiation_wavelength.wavelength   0.8 
_diffrn_radiation_wavelength.wt           1.0 
# 
_diffrn_source.current                     ? 
_diffrn_source.details                     ? 
_diffrn_source.diffrn_id                   1 
_diffrn_source.power                       ? 
_diffrn_source.size                        ? 
_diffrn_source.source                      SYNCHROTRON 
_diffrn_source.target                      ? 
_diffrn_source.type                        'ESRF BEAMLINE ID23-2' 
_diffrn_source.voltage                     ? 
_diffrn_source.take-off_angle              ? 
_diffrn_source.pdbx_wavelength_list        0.8 
_diffrn_source.pdbx_wavelength             ? 
_diffrn_source.pdbx_synchrotron_beamline   ID23-2 
_diffrn_source.pdbx_synchrotron_site       ESRF 
# 
_reflns.B_iso_Wilson_estimate            ? 
_reflns.entry_id                         6I0Q 
_reflns.data_reduction_details           ? 
_reflns.data_reduction_method            ? 
_reflns.d_resolution_high                2.3 
_reflns.d_resolution_low                 41.86 
_reflns.details                          ? 
_reflns.limit_h_max                      ? 
_reflns.limit_h_min                      ? 
_reflns.limit_k_max                      ? 
_reflns.limit_k_min                      ? 
_reflns.limit_l_max                      ? 
_reflns.limit_l_min                      ? 
_reflns.number_all                       ? 
_reflns.number_obs                       4228 
_reflns.observed_criterion               ? 
_reflns.observed_criterion_F_max         ? 
_reflns.observed_criterion_F_min         ? 
_reflns.observed_criterion_I_max         ? 
_reflns.observed_criterion_I_min         ? 
_reflns.observed_criterion_sigma_F       ? 
_reflns.observed_criterion_sigma_I       ? 
_reflns.percent_possible_obs             100 
_reflns.R_free_details                   ? 
_reflns.Rmerge_F_all                     ? 
_reflns.Rmerge_F_obs                     ? 
_reflns.Friedel_coverage                 ? 
_reflns.number_gt                        ? 
_reflns.threshold_expression             ? 
_reflns.pdbx_redundancy                  9.1 
_reflns.pdbx_Rmerge_I_obs                0.2 
_reflns.pdbx_Rmerge_I_all                ? 
_reflns.pdbx_Rsym_value                  ? 
_reflns.pdbx_netI_over_av_sigmaI         ? 
_reflns.pdbx_netI_over_sigmaI            8.1 
_reflns.pdbx_res_netI_over_av_sigmaI_2   ? 
_reflns.pdbx_res_netI_over_sigmaI_2      ? 
_reflns.pdbx_chi_squared                 ? 
_reflns.pdbx_scaling_rejects             ? 
_reflns.pdbx_d_res_high_opt              ? 
_reflns.pdbx_d_res_low_opt               ? 
_reflns.pdbx_d_res_opt_method            ? 
_reflns.phase_calculation_details        ? 
_reflns.pdbx_Rrim_I_all                  0.229 
_reflns.pdbx_Rpim_I_all                  0.104 
_reflns.pdbx_d_opt                       ? 
_reflns.pdbx_number_measured_all         ? 
_reflns.pdbx_diffrn_id                   1 
_reflns.pdbx_ordinal                     1 
_reflns.pdbx_CC_half                     0.994 
_reflns.pdbx_R_split                     ? 
# 
_reflns_shell.d_res_high                  2.3 
_reflns_shell.d_res_low                   2.38 
_reflns_shell.meanI_over_sigI_all         ? 
_reflns_shell.meanI_over_sigI_obs         1.8 
_reflns_shell.number_measured_all         ? 
_reflns_shell.number_measured_obs         ? 
_reflns_shell.number_possible             ? 
_reflns_shell.number_unique_all           ? 
_reflns_shell.number_unique_obs           403 
_reflns_shell.percent_possible_all        100 
_reflns_shell.percent_possible_obs        ? 
_reflns_shell.Rmerge_F_all                ? 
_reflns_shell.Rmerge_F_obs                ? 
_reflns_shell.Rmerge_I_all                ? 
_reflns_shell.Rmerge_I_obs                1.372 
_reflns_shell.meanI_over_sigI_gt          ? 
_reflns_shell.meanI_over_uI_all           ? 
_reflns_shell.meanI_over_uI_gt            ? 
_reflns_shell.number_measured_gt          ? 
_reflns_shell.number_unique_gt            ? 
_reflns_shell.percent_possible_gt         ? 
_reflns_shell.Rmerge_F_gt                 ? 
_reflns_shell.Rmerge_I_gt                 ? 
_reflns_shell.pdbx_redundancy             9.4 
_reflns_shell.pdbx_Rsym_value             ? 
_reflns_shell.pdbx_chi_squared            ? 
_reflns_shell.pdbx_netI_over_sigmaI_all   ? 
_reflns_shell.pdbx_netI_over_sigmaI_obs   ? 
_reflns_shell.pdbx_Rrim_I_all             1.54 
_reflns_shell.pdbx_Rpim_I_all             0.69 
_reflns_shell.pdbx_rejects                ? 
_reflns_shell.pdbx_ordinal                1 
_reflns_shell.pdbx_diffrn_id              1 
_reflns_shell.pdbx_CC_half                0.54 
_reflns_shell.pdbx_R_split                ? 
# 
_refine.aniso_B[1][1]                            ? 
_refine.aniso_B[1][2]                            ? 
_refine.aniso_B[1][3]                            ? 
_refine.aniso_B[2][2]                            ? 
_refine.aniso_B[2][3]                            ? 
_refine.aniso_B[3][3]                            ? 
_refine.B_iso_max                                ? 
_refine.B_iso_mean                               ? 
_refine.B_iso_min                                ? 
_refine.correlation_coeff_Fo_to_Fc               ? 
_refine.correlation_coeff_Fo_to_Fc_free          ? 
_refine.details                                  ? 
_refine.diff_density_max                         ? 
_refine.diff_density_max_esd                     ? 
_refine.diff_density_min                         ? 
_refine.diff_density_min_esd                     ? 
_refine.diff_density_rms                         ? 
_refine.diff_density_rms_esd                     ? 
_refine.entry_id                                 6I0Q 
_refine.pdbx_refine_id                           'X-RAY DIFFRACTION' 
_refine.ls_abs_structure_details                 ? 
_refine.ls_abs_structure_Flack                   ? 
_refine.ls_abs_structure_Flack_esd               ? 
_refine.ls_abs_structure_Rogers                  ? 
_refine.ls_abs_structure_Rogers_esd              ? 
_refine.ls_d_res_high                            2.300 
_refine.ls_d_res_low                             33.095 
_refine.ls_extinction_coef                       ? 
_refine.ls_extinction_coef_esd                   ? 
_refine.ls_extinction_expression                 ? 
_refine.ls_extinction_method                     ? 
_refine.ls_goodness_of_fit_all                   ? 
_refine.ls_goodness_of_fit_all_esd               ? 
_refine.ls_goodness_of_fit_obs                   ? 
_refine.ls_goodness_of_fit_obs_esd               ? 
_refine.ls_hydrogen_treatment                    ? 
_refine.ls_matrix_type                           ? 
_refine.ls_number_constraints                    ? 
_refine.ls_number_parameters                     ? 
_refine.ls_number_reflns_all                     ? 
_refine.ls_number_reflns_obs                     4212 
_refine.ls_number_reflns_R_free                  287 
_refine.ls_number_reflns_R_work                  ? 
_refine.ls_number_restraints                     ? 
_refine.ls_percent_reflns_obs                    99.98 
_refine.ls_percent_reflns_R_free                 6.81 
_refine.ls_R_factor_all                          ? 
_refine.ls_R_factor_obs                          0.1894 
_refine.ls_R_factor_R_free                       0.2346 
_refine.ls_R_factor_R_free_error                 ? 
_refine.ls_R_factor_R_free_error_details         ? 
_refine.ls_R_factor_R_work                       0.1860 
_refine.ls_R_Fsqd_factor_obs                     ? 
_refine.ls_R_I_factor_obs                        ? 
_refine.ls_redundancy_reflns_all                 ? 
_refine.ls_redundancy_reflns_obs                 ? 
_refine.ls_restrained_S_all                      ? 
_refine.ls_restrained_S_obs                      ? 
_refine.ls_shift_over_esd_max                    ? 
_refine.ls_shift_over_esd_mean                   ? 
_refine.ls_structure_factor_coef                 ? 
_refine.ls_weighting_details                     ? 
_refine.ls_weighting_scheme                      ? 
_refine.ls_wR_factor_all                         ? 
_refine.ls_wR_factor_obs                         ? 
_refine.ls_wR_factor_R_free                      ? 
_refine.ls_wR_factor_R_work                      ? 
_refine.occupancy_max                            ? 
_refine.occupancy_min                            ? 
_refine.solvent_model_details                    ? 
_refine.solvent_model_param_bsol                 ? 
_refine.solvent_model_param_ksol                 ? 
_refine.ls_R_factor_gt                           ? 
_refine.ls_goodness_of_fit_gt                    ? 
_refine.ls_goodness_of_fit_ref                   ? 
_refine.ls_shift_over_su_max                     ? 
_refine.ls_shift_over_su_max_lt                  ? 
_refine.ls_shift_over_su_mean                    ? 
_refine.ls_shift_over_su_mean_lt                 ? 
_refine.pdbx_ls_sigma_I                          ? 
_refine.pdbx_ls_sigma_F                          1.34 
_refine.pdbx_ls_sigma_Fsqd                       ? 
_refine.pdbx_data_cutoff_high_absF               ? 
_refine.pdbx_data_cutoff_high_rms_absF           ? 
_refine.pdbx_data_cutoff_low_absF                ? 
_refine.pdbx_isotropic_thermal_model             ? 
_refine.pdbx_ls_cross_valid_method               'FREE R-VALUE' 
_refine.pdbx_method_to_determine_struct          'MOLECULAR REPLACEMENT' 
_refine.pdbx_starting_model                      5A15 
_refine.pdbx_stereochemistry_target_values       ? 
_refine.pdbx_R_Free_selection_details            ? 
_refine.pdbx_stereochem_target_val_spec_case     ? 
_refine.pdbx_overall_ESU_R                       ? 
_refine.pdbx_overall_ESU_R_Free                  ? 
_refine.pdbx_solvent_vdw_probe_radii             1.11 
_refine.pdbx_solvent_ion_probe_radii             ? 
_refine.pdbx_solvent_shrinkage_radii             0.90 
_refine.pdbx_real_space_R                        ? 
_refine.pdbx_density_correlation                 ? 
_refine.pdbx_pd_number_of_powder_patterns        ? 
_refine.pdbx_pd_number_of_points                 ? 
_refine.pdbx_pd_meas_number_of_points            ? 
_refine.pdbx_pd_proc_ls_prof_R_factor            ? 
_refine.pdbx_pd_proc_ls_prof_wR_factor           ? 
_refine.pdbx_pd_Marquardt_correlation_coeff      ? 
_refine.pdbx_pd_Fsqrd_R_factor                   ? 
_refine.pdbx_pd_ls_matrix_band_width             ? 
_refine.pdbx_overall_phase_error                 15.71 
_refine.pdbx_overall_SU_R_free_Cruickshank_DPI   ? 
_refine.pdbx_overall_SU_R_free_Blow_DPI          ? 
_refine.pdbx_overall_SU_R_Blow_DPI               ? 
_refine.pdbx_TLS_residual_ADP_flag               ? 
_refine.pdbx_diffrn_id                           1 
_refine.overall_SU_B                             ? 
_refine.overall_SU_ML                            0.32 
_refine.overall_SU_R_Cruickshank_DPI             ? 
_refine.overall_SU_R_free                        ? 
_refine.overall_FOM_free_R_set                   ? 
_refine.overall_FOM_work_R_set                   ? 
_refine.pdbx_average_fsc_overall                 ? 
_refine.pdbx_average_fsc_work                    ? 
_refine.pdbx_average_fsc_free                    ? 
# 
_refine_hist.pdbx_refine_id                   'X-RAY DIFFRACTION' 
_refine_hist.cycle_id                         LAST 
_refine_hist.details                          ? 
_refine_hist.d_res_high                       2.300 
_refine_hist.d_res_low                        33.095 
_refine_hist.number_atoms_solvent             40 
_refine_hist.number_atoms_total               876 
_refine_hist.number_reflns_all                ? 
_refine_hist.number_reflns_obs                ? 
_refine_hist.number_reflns_R_free             ? 
_refine_hist.number_reflns_R_work             ? 
_refine_hist.R_factor_all                     ? 
_refine_hist.R_factor_obs                     ? 
_refine_hist.R_factor_R_free                  ? 
_refine_hist.R_factor_R_work                  ? 
_refine_hist.pdbx_number_residues_total       ? 
_refine_hist.pdbx_B_iso_mean_ligand           ? 
_refine_hist.pdbx_B_iso_mean_solvent          ? 
_refine_hist.pdbx_number_atoms_protein        836 
_refine_hist.pdbx_number_atoms_nucleic_acid   0 
_refine_hist.pdbx_number_atoms_ligand         0 
_refine_hist.pdbx_number_atoms_lipid          ? 
_refine_hist.pdbx_number_atoms_carb           ? 
_refine_hist.pdbx_pseudo_atom_details         ? 
# 
loop_
_refine_ls_restr.pdbx_refine_id 
_refine_ls_restr.criterion 
_refine_ls_restr.dev_ideal 
_refine_ls_restr.dev_ideal_target 
_refine_ls_restr.number 
_refine_ls_restr.rejects 
_refine_ls_restr.type 
_refine_ls_restr.weight 
_refine_ls_restr.pdbx_restraint_function 
'X-RAY DIFFRACTION' ? 0.003  ? 859  ? f_bond_d           ? ? 
'X-RAY DIFFRACTION' ? 0.564  ? 1159 ? f_angle_d          ? ? 
'X-RAY DIFFRACTION' ? 16.749 ? 514  ? f_dihedral_angle_d ? ? 
'X-RAY DIFFRACTION' ? 0.044  ? 123  ? f_chiral_restr     ? ? 
'X-RAY DIFFRACTION' ? 0.003  ? 148  ? f_plane_restr      ? ? 
# 
loop_
_refine_ls_shell.pdbx_refine_id 
_refine_ls_shell.d_res_high 
_refine_ls_shell.d_res_low 
_refine_ls_shell.number_reflns_all 
_refine_ls_shell.number_reflns_obs 
_refine_ls_shell.number_reflns_R_free 
_refine_ls_shell.number_reflns_R_work 
_refine_ls_shell.percent_reflns_obs 
_refine_ls_shell.percent_reflns_R_free 
_refine_ls_shell.R_factor_all 
_refine_ls_shell.R_factor_obs 
_refine_ls_shell.R_factor_R_free 
_refine_ls_shell.R_factor_R_free_error 
_refine_ls_shell.R_factor_R_work 
_refine_ls_shell.redundancy_reflns_all 
_refine_ls_shell.redundancy_reflns_obs 
_refine_ls_shell.wR_factor_all 
_refine_ls_shell.wR_factor_obs 
_refine_ls_shell.wR_factor_R_free 
_refine_ls_shell.wR_factor_R_work 
_refine_ls_shell.pdbx_total_number_of_bins_used 
_refine_ls_shell.pdbx_phase_error 
_refine_ls_shell.pdbx_fsc_work 
_refine_ls_shell.pdbx_fsc_free 
'X-RAY DIFFRACTION' 2.3003 2.8979  . . 151 1939 100.00 . . . 0.3062 . 0.1972 . . . . . . . . . . 
'X-RAY DIFFRACTION' 2.8979 33.0983 . . 136 1986 100.00 . . . 0.2080 . 0.1819 . . . . . . . . . . 
# 
_struct.entry_id                     6I0Q 
_struct.title                        'Crystal structure of BTB domain of KCTD16 hexamer' 
_struct.pdbx_model_details           ? 
_struct.pdbx_formula_weight          ? 
_struct.pdbx_formula_weight_method   ? 
_struct.pdbx_model_type_details      ? 
_struct.pdbx_CASP_flag               N 
# 
_struct_keywords.entry_id        6I0Q 
_struct_keywords.text            'KCTD, GABA(B) receptor, Receptor associated protein, STRUCTURAL PROTEIN' 
_struct_keywords.pdbx_keywords   'STRUCTURAL PROTEIN' 
# 
loop_
_struct_asym.id 
_struct_asym.pdbx_blank_PDB_chainid_flag 
_struct_asym.pdbx_modified 
_struct_asym.entity_id 
_struct_asym.details 
A N N 1 ? 
B N N 2 ? 
# 
_struct_ref.id                         1 
_struct_ref.db_name                    UNP 
_struct_ref.db_code                    KCD16_HUMAN 
_struct_ref.pdbx_db_accession          Q68DU8 
_struct_ref.pdbx_db_isoform            ? 
_struct_ref.entity_id                  1 
_struct_ref.pdbx_seq_one_letter_code   
;SFPEVVELNVGGQVYFTRHSTLISIPHSLLWKMFSPKRDTANDLAKDSKGRFFIDRDGFLFRYILDYLRDRQVVLPDHFP
EKGRLKREAEYFQLPDLVKLLTP
;
_struct_ref.pdbx_align_begin           22 
# 
_struct_ref_seq.align_id                      1 
_struct_ref_seq.ref_id                        1 
_struct_ref_seq.pdbx_PDB_id_code              6I0Q 
_struct_ref_seq.pdbx_strand_id                A 
_struct_ref_seq.seq_align_beg                 1 
_struct_ref_seq.pdbx_seq_align_beg_ins_code   ? 
_struct_ref_seq.seq_align_end                 103 
_struct_ref_seq.pdbx_seq_align_end_ins_code   ? 
_struct_ref_seq.pdbx_db_accession             Q68DU8 
_struct_ref_seq.db_align_beg                  22 
_struct_ref_seq.pdbx_db_align_beg_ins_code    ? 
_struct_ref_seq.db_align_end                  124 
_struct_ref_seq.pdbx_db_align_end_ins_code    ? 
_struct_ref_seq.pdbx_auth_seq_align_beg       22 
_struct_ref_seq.pdbx_auth_seq_align_end       124 
# 
_pdbx_struct_assembly.id                   1 
_pdbx_struct_assembly.details              author_and_software_defined_assembly 
_pdbx_struct_assembly.method_details       PISA 
_pdbx_struct_assembly.oligomeric_details   monomeric 
_pdbx_struct_assembly.oligomeric_count     1 
# 
loop_
_pdbx_struct_assembly_prop.biol_id 
_pdbx_struct_assembly_prop.type 
_pdbx_struct_assembly_prop.value 
_pdbx_struct_assembly_prop.details 
1 'ABSA (A^2)' 0    ? 
1 MORE         0    ? 
1 'SSA (A^2)'  6370 ? 
# 
_pdbx_struct_assembly_gen.assembly_id       1 
_pdbx_struct_assembly_gen.oper_expression   1 
_pdbx_struct_assembly_gen.asym_id_list      A,B 
# 
_pdbx_struct_assembly_auth_evidence.id                     1 
_pdbx_struct_assembly_auth_evidence.assembly_id            1 
_pdbx_struct_assembly_auth_evidence.experimental_support   'gel filtration' 
_pdbx_struct_assembly_auth_evidence.details                ? 
# 
_pdbx_struct_oper_list.id                   1 
_pdbx_struct_oper_list.type                 'identity operation' 
_pdbx_struct_oper_list.name                 1_555 
_pdbx_struct_oper_list.symmetry_operation   x,y,z 
_pdbx_struct_oper_list.matrix[1][1]         1.0000000000 
_pdbx_struct_oper_list.matrix[1][2]         0.0000000000 
_pdbx_struct_oper_list.matrix[1][3]         0.0000000000 
_pdbx_struct_oper_list.vector[1]            0.0000000000 
_pdbx_struct_oper_list.matrix[2][1]         0.0000000000 
_pdbx_struct_oper_list.matrix[2][2]         1.0000000000 
_pdbx_struct_oper_list.matrix[2][3]         0.0000000000 
_pdbx_struct_oper_list.vector[2]            0.0000000000 
_pdbx_struct_oper_list.matrix[3][1]         0.0000000000 
_pdbx_struct_oper_list.matrix[3][2]         0.0000000000 
_pdbx_struct_oper_list.matrix[3][3]         1.0000000000 
_pdbx_struct_oper_list.vector[3]            0.0000000000 
# 
loop_
_struct_conf.conf_type_id 
_struct_conf.id 
_struct_conf.pdbx_PDB_helix_id 
_struct_conf.beg_label_comp_id 
_struct_conf.beg_label_asym_id 
_struct_conf.beg_label_seq_id 
_struct_conf.pdbx_beg_PDB_ins_code 
_struct_conf.end_label_comp_id 
_struct_conf.end_label_asym_id 
_struct_conf.end_label_seq_id 
_struct_conf.pdbx_end_PDB_ins_code 
_struct_conf.beg_auth_comp_id 
_struct_conf.beg_auth_asym_id 
_struct_conf.beg_auth_seq_id 
_struct_conf.end_auth_comp_id 
_struct_conf.end_auth_asym_id 
_struct_conf.end_auth_seq_id 
_struct_conf.pdbx_PDB_helix_class 
_struct_conf.details 
_struct_conf.pdbx_PDB_helix_length 
HELX_P HELX_P1 AA1 HIS A 19 ? ILE A 23  ? HIS A 40  ILE A 44  1 ? 5  
HELX_P HELX_P2 AA2 SER A 28 ? SER A 35  ? SER A 49  SER A 56  1 ? 8  
HELX_P HELX_P3 AA3 ASP A 57 ? ARG A 71  ? ASP A 78  ARG A 92  1 ? 15 
HELX_P HELX_P4 AA4 GLU A 81 ? PHE A 92  ? GLU A 102 PHE A 113 1 ? 12 
HELX_P HELX_P5 AA5 LEU A 94 ? LEU A 101 ? LEU A 115 LEU A 122 1 ? 8  
# 
_struct_conf_type.id          HELX_P 
_struct_conf_type.criteria    ? 
_struct_conf_type.reference   ? 
# 
_struct_sheet.id               AA1 
_struct_sheet.type             ? 
_struct_sheet.number_strands   3 
_struct_sheet.details          ? 
# 
loop_
_struct_sheet_order.sheet_id 
_struct_sheet_order.range_id_1 
_struct_sheet_order.range_id_2 
_struct_sheet_order.offset 
_struct_sheet_order.sense 
AA1 1 2 ? anti-parallel 
AA1 2 3 ? parallel      
# 
loop_
_struct_sheet_range.sheet_id 
_struct_sheet_range.id 
_struct_sheet_range.beg_label_comp_id 
_struct_sheet_range.beg_label_asym_id 
_struct_sheet_range.beg_label_seq_id 
_struct_sheet_range.pdbx_beg_PDB_ins_code 
_struct_sheet_range.end_label_comp_id 
_struct_sheet_range.end_label_asym_id 
_struct_sheet_range.end_label_seq_id 
_struct_sheet_range.pdbx_end_PDB_ins_code 
_struct_sheet_range.beg_auth_comp_id 
_struct_sheet_range.beg_auth_asym_id 
_struct_sheet_range.beg_auth_seq_id 
_struct_sheet_range.end_auth_comp_id 
_struct_sheet_range.end_auth_asym_id 
_struct_sheet_range.end_auth_seq_id 
AA1 1 GLN A 13 ? ARG A 18 ? GLN A 34 ARG A 39 
AA1 2 VAL A 5  ? VAL A 10 ? VAL A 26 VAL A 31 
AA1 3 PHE A 52 ? ILE A 54 ? PHE A 73 ILE A 75 
# 
loop_
_pdbx_struct_sheet_hbond.sheet_id 
_pdbx_struct_sheet_hbond.range_id_1 
_pdbx_struct_sheet_hbond.range_id_2 
_pdbx_struct_sheet_hbond.range_1_label_atom_id 
_pdbx_struct_sheet_hbond.range_1_label_comp_id 
_pdbx_struct_sheet_hbond.range_1_label_asym_id 
_pdbx_struct_sheet_hbond.range_1_label_seq_id 
_pdbx_struct_sheet_hbond.range_1_PDB_ins_code 
_pdbx_struct_sheet_hbond.range_1_auth_atom_id 
_pdbx_struct_sheet_hbond.range_1_auth_comp_id 
_pdbx_struct_sheet_hbond.range_1_auth_asym_id 
_pdbx_struct_sheet_hbond.range_1_auth_seq_id 
_pdbx_struct_sheet_hbond.range_2_label_atom_id 
_pdbx_struct_sheet_hbond.range_2_label_comp_id 
_pdbx_struct_sheet_hbond.range_2_label_asym_id 
_pdbx_struct_sheet_hbond.range_2_label_seq_id 
_pdbx_struct_sheet_hbond.range_2_PDB_ins_code 
_pdbx_struct_sheet_hbond.range_2_auth_atom_id 
_pdbx_struct_sheet_hbond.range_2_auth_comp_id 
_pdbx_struct_sheet_hbond.range_2_auth_asym_id 
_pdbx_struct_sheet_hbond.range_2_auth_seq_id 
AA1 1 2 O TYR A 15 ? O TYR A 36 N LEU A 8  ? N LEU A 29 
AA1 2 3 N ASN A 9  ? N ASN A 30 O PHE A 52 ? O PHE A 73 
# 
_pdbx_validate_symm_contact.id                1 
_pdbx_validate_symm_contact.PDB_model_num     1 
_pdbx_validate_symm_contact.auth_atom_id_1    OD2 
_pdbx_validate_symm_contact.auth_asym_id_1    A 
_pdbx_validate_symm_contact.auth_comp_id_1    ASP 
_pdbx_validate_symm_contact.auth_seq_id_1     87 
_pdbx_validate_symm_contact.PDB_ins_code_1    ? 
_pdbx_validate_symm_contact.label_alt_id_1    ? 
_pdbx_validate_symm_contact.site_symmetry_1   1_555 
_pdbx_validate_symm_contact.auth_atom_id_2    HH12 
_pdbx_validate_symm_contact.auth_asym_id_2    A 
_pdbx_validate_symm_contact.auth_comp_id_2    ARG 
_pdbx_validate_symm_contact.auth_seq_id_2     105 
_pdbx_validate_symm_contact.PDB_ins_code_2    ? 
_pdbx_validate_symm_contact.label_alt_id_2    ? 
_pdbx_validate_symm_contact.site_symmetry_2   5_555 
_pdbx_validate_symm_contact.dist              1.52 
# 
_pdbx_validate_torsion.id              1 
_pdbx_validate_torsion.PDB_model_num   1 
_pdbx_validate_torsion.auth_comp_id    LEU 
_pdbx_validate_torsion.auth_asym_id    A 
_pdbx_validate_torsion.auth_seq_id     115 
_pdbx_validate_torsion.PDB_ins_code    ? 
_pdbx_validate_torsion.label_alt_id    ? 
_pdbx_validate_torsion.phi             -116.55 
_pdbx_validate_torsion.psi             79.92 
# 
loop_
_pdbx_unobs_or_zero_occ_residues.id 
_pdbx_unobs_or_zero_occ_residues.PDB_model_num 
_pdbx_unobs_or_zero_occ_residues.polymer_flag 
_pdbx_unobs_or_zero_occ_residues.occupancy_flag 
_pdbx_unobs_or_zero_occ_residues.auth_asym_id 
_pdbx_unobs_or_zero_occ_residues.auth_comp_id 
_pdbx_unobs_or_zero_occ_residues.auth_seq_id 
_pdbx_unobs_or_zero_occ_residues.PDB_ins_code 
_pdbx_unobs_or_zero_occ_residues.label_asym_id 
_pdbx_unobs_or_zero_occ_residues.label_comp_id 
_pdbx_unobs_or_zero_occ_residues.label_seq_id 
1 1 Y 1 A ARG 59 ? A ARG 38 
2 1 Y 1 A ASP 60 ? A ASP 39 
3 1 Y 1 A THR 61 ? A THR 40 
# 
loop_
_chem_comp_atom.comp_id 
_chem_comp_atom.atom_id 
_chem_comp_atom.type_symbol 
_chem_comp_atom.pdbx_aromatic_flag 
_chem_comp_atom.pdbx_stereo_config 
_chem_comp_atom.pdbx_ordinal 
ALA N    N N N 1   
ALA CA   C N S 2   
ALA C    C N N 3   
ALA O    O N N 4   
ALA CB   C N N 5   
ALA OXT  O N N 6   
ALA H    H N N 7   
ALA H2   H N N 8   
ALA HA   H N N 9   
ALA HB1  H N N 10  
ALA HB2  H N N 11  
ALA HB3  H N N 12  
ALA HXT  H N N 13  
ARG N    N N N 14  
ARG CA   C N S 15  
ARG C    C N N 16  
ARG O    O N N 17  
ARG CB   C N N 18  
ARG CG   C N N 19  
ARG CD   C N N 20  
ARG NE   N N N 21  
ARG CZ   C N N 22  
ARG NH1  N N N 23  
ARG NH2  N N N 24  
ARG OXT  O N N 25  
ARG H    H N N 26  
ARG H2   H N N 27  
ARG HA   H N N 28  
ARG HB2  H N N 29  
ARG HB3  H N N 30  
ARG HG2  H N N 31  
ARG HG3  H N N 32  
ARG HD2  H N N 33  
ARG HD3  H N N 34  
ARG HE   H N N 35  
ARG HH11 H N N 36  
ARG HH12 H N N 37  
ARG HH21 H N N 38  
ARG HH22 H N N 39  
ARG HXT  H N N 40  
ASN N    N N N 41  
ASN CA   C N S 42  
ASN C    C N N 43  
ASN O    O N N 44  
ASN CB   C N N 45  
ASN CG   C N N 46  
ASN OD1  O N N 47  
ASN ND2  N N N 48  
ASN OXT  O N N 49  
ASN H    H N N 50  
ASN H2   H N N 51  
ASN HA   H N N 52  
ASN HB2  H N N 53  
ASN HB3  H N N 54  
ASN HD21 H N N 55  
ASN HD22 H N N 56  
ASN HXT  H N N 57  
ASP N    N N N 58  
ASP CA   C N S 59  
ASP C    C N N 60  
ASP O    O N N 61  
ASP CB   C N N 62  
ASP CG   C N N 63  
ASP OD1  O N N 64  
ASP OD2  O N N 65  
ASP OXT  O N N 66  
ASP H    H N N 67  
ASP H2   H N N 68  
ASP HA   H N N 69  
ASP HB2  H N N 70  
ASP HB3  H N N 71  
ASP HD2  H N N 72  
ASP HXT  H N N 73  
GLN N    N N N 74  
GLN CA   C N S 75  
GLN C    C N N 76  
GLN O    O N N 77  
GLN CB   C N N 78  
GLN CG   C N N 79  
GLN CD   C N N 80  
GLN OE1  O N N 81  
GLN NE2  N N N 82  
GLN OXT  O N N 83  
GLN H    H N N 84  
GLN H2   H N N 85  
GLN HA   H N N 86  
GLN HB2  H N N 87  
GLN HB3  H N N 88  
GLN HG2  H N N 89  
GLN HG3  H N N 90  
GLN HE21 H N N 91  
GLN HE22 H N N 92  
GLN HXT  H N N 93  
GLU N    N N N 94  
GLU CA   C N S 95  
GLU C    C N N 96  
GLU O    O N N 97  
GLU CB   C N N 98  
GLU CG   C N N 99  
GLU CD   C N N 100 
GLU OE1  O N N 101 
GLU OE2  O N N 102 
GLU OXT  O N N 103 
GLU H    H N N 104 
GLU H2   H N N 105 
GLU HA   H N N 106 
GLU HB2  H N N 107 
GLU HB3  H N N 108 
GLU HG2  H N N 109 
GLU HG3  H N N 110 
GLU HE2  H N N 111 
GLU HXT  H N N 112 
GLY N    N N N 113 
GLY CA   C N N 114 
GLY C    C N N 115 
GLY O    O N N 116 
GLY OXT  O N N 117 
GLY H    H N N 118 
GLY H2   H N N 119 
GLY HA2  H N N 120 
GLY HA3  H N N 121 
GLY HXT  H N N 122 
HIS N    N N N 123 
HIS CA   C N S 124 
HIS C    C N N 125 
HIS O    O N N 126 
HIS CB   C N N 127 
HIS CG   C Y N 128 
HIS ND1  N Y N 129 
HIS CD2  C Y N 130 
HIS CE1  C Y N 131 
HIS NE2  N Y N 132 
HIS OXT  O N N 133 
HIS H    H N N 134 
HIS H2   H N N 135 
HIS HA   H N N 136 
HIS HB2  H N N 137 
HIS HB3  H N N 138 
HIS HD1  H N N 139 
HIS HD2  H N N 140 
HIS HE1  H N N 141 
HIS HE2  H N N 142 
HIS HXT  H N N 143 
HOH O    O N N 144 
HOH H1   H N N 145 
HOH H2   H N N 146 
ILE N    N N N 147 
ILE CA   C N S 148 
ILE C    C N N 149 
ILE O    O N N 150 
ILE CB   C N S 151 
ILE CG1  C N N 152 
ILE CG2  C N N 153 
ILE CD1  C N N 154 
ILE OXT  O N N 155 
ILE H    H N N 156 
ILE H2   H N N 157 
ILE HA   H N N 158 
ILE HB   H N N 159 
ILE HG12 H N N 160 
ILE HG13 H N N 161 
ILE HG21 H N N 162 
ILE HG22 H N N 163 
ILE HG23 H N N 164 
ILE HD11 H N N 165 
ILE HD12 H N N 166 
ILE HD13 H N N 167 
ILE HXT  H N N 168 
LEU N    N N N 169 
LEU CA   C N S 170 
LEU C    C N N 171 
LEU O    O N N 172 
LEU CB   C N N 173 
LEU CG   C N N 174 
LEU CD1  C N N 175 
LEU CD2  C N N 176 
LEU OXT  O N N 177 
LEU H    H N N 178 
LEU H2   H N N 179 
LEU HA   H N N 180 
LEU HB2  H N N 181 
LEU HB3  H N N 182 
LEU HG   H N N 183 
LEU HD11 H N N 184 
LEU HD12 H N N 185 
LEU HD13 H N N 186 
LEU HD21 H N N 187 
LEU HD22 H N N 188 
LEU HD23 H N N 189 
LEU HXT  H N N 190 
LYS N    N N N 191 
LYS CA   C N S 192 
LYS C    C N N 193 
LYS O    O N N 194 
LYS CB   C N N 195 
LYS CG   C N N 196 
LYS CD   C N N 197 
LYS CE   C N N 198 
LYS NZ   N N N 199 
LYS OXT  O N N 200 
LYS H    H N N 201 
LYS H2   H N N 202 
LYS HA   H N N 203 
LYS HB2  H N N 204 
LYS HB3  H N N 205 
LYS HG2  H N N 206 
LYS HG3  H N N 207 
LYS HD2  H N N 208 
LYS HD3  H N N 209 
LYS HE2  H N N 210 
LYS HE3  H N N 211 
LYS HZ1  H N N 212 
LYS HZ2  H N N 213 
LYS HZ3  H N N 214 
LYS HXT  H N N 215 
MET N    N N N 216 
MET CA   C N S 217 
MET C    C N N 218 
MET O    O N N 219 
MET CB   C N N 220 
MET CG   C N N 221 
MET SD   S N N 222 
MET CE   C N N 223 
MET OXT  O N N 224 
MET H    H N N 225 
MET H2   H N N 226 
MET HA   H N N 227 
MET HB2  H N N 228 
MET HB3  H N N 229 
MET HG2  H N N 230 
MET HG3  H N N 231 
MET HE1  H N N 232 
MET HE2  H N N 233 
MET HE3  H N N 234 
MET HXT  H N N 235 
PHE N    N N N 236 
PHE CA   C N S 237 
PHE C    C N N 238 
PHE O    O N N 239 
PHE CB   C N N 240 
PHE CG   C Y N 241 
PHE CD1  C Y N 242 
PHE CD2  C Y N 243 
PHE CE1  C Y N 244 
PHE CE2  C Y N 245 
PHE CZ   C Y N 246 
PHE OXT  O N N 247 
PHE H    H N N 248 
PHE H2   H N N 249 
PHE HA   H N N 250 
PHE HB2  H N N 251 
PHE HB3  H N N 252 
PHE HD1  H N N 253 
PHE HD2  H N N 254 
PHE HE1  H N N 255 
PHE HE2  H N N 256 
PHE HZ   H N N 257 
PHE HXT  H N N 258 
PRO N    N N N 259 
PRO CA   C N S 260 
PRO C    C N N 261 
PRO O    O N N 262 
PRO CB   C N N 263 
PRO CG   C N N 264 
PRO CD   C N N 265 
PRO OXT  O N N 266 
PRO H    H N N 267 
PRO HA   H N N 268 
PRO HB2  H N N 269 
PRO HB3  H N N 270 
PRO HG2  H N N 271 
PRO HG3  H N N 272 
PRO HD2  H N N 273 
PRO HD3  H N N 274 
PRO HXT  H N N 275 
SER N    N N N 276 
SER CA   C N S 277 
SER C    C N N 278 
SER O    O N N 279 
SER CB   C N N 280 
SER OG   O N N 281 
SER OXT  O N N 282 
SER H    H N N 283 
SER H2   H N N 284 
SER HA   H N N 285 
SER HB2  H N N 286 
SER HB3  H N N 287 
SER HG   H N N 288 
SER HXT  H N N 289 
THR N    N N N 290 
THR CA   C N S 291 
THR C    C N N 292 
THR O    O N N 293 
THR CB   C N R 294 
THR OG1  O N N 295 
THR CG2  C N N 296 
THR OXT  O N N 297 
THR H    H N N 298 
THR H2   H N N 299 
THR HA   H N N 300 
THR HB   H N N 301 
THR HG1  H N N 302 
THR HG21 H N N 303 
THR HG22 H N N 304 
THR HG23 H N N 305 
THR HXT  H N N 306 
TRP N    N N N 307 
TRP CA   C N S 308 
TRP C    C N N 309 
TRP O    O N N 310 
TRP CB   C N N 311 
TRP CG   C Y N 312 
TRP CD1  C Y N 313 
TRP CD2  C Y N 314 
TRP NE1  N Y N 315 
TRP CE2  C Y N 316 
TRP CE3  C Y N 317 
TRP CZ2  C Y N 318 
TRP CZ3  C Y N 319 
TRP CH2  C Y N 320 
TRP OXT  O N N 321 
TRP H    H N N 322 
TRP H2   H N N 323 
TRP HA   H N N 324 
TRP HB2  H N N 325 
TRP HB3  H N N 326 
TRP HD1  H N N 327 
TRP HE1  H N N 328 
TRP HE3  H N N 329 
TRP HZ2  H N N 330 
TRP HZ3  H N N 331 
TRP HH2  H N N 332 
TRP HXT  H N N 333 
TYR N    N N N 334 
TYR CA   C N S 335 
TYR C    C N N 336 
TYR O    O N N 337 
TYR CB   C N N 338 
TYR CG   C Y N 339 
TYR CD1  C Y N 340 
TYR CD2  C Y N 341 
TYR CE1  C Y N 342 
TYR CE2  C Y N 343 
TYR CZ   C Y N 344 
TYR OH   O N N 345 
TYR OXT  O N N 346 
TYR H    H N N 347 
TYR H2   H N N 348 
TYR HA   H N N 349 
TYR HB2  H N N 350 
TYR HB3  H N N 351 
TYR HD1  H N N 352 
TYR HD2  H N N 353 
TYR HE1  H N N 354 
TYR HE2  H N N 355 
TYR HH   H N N 356 
TYR HXT  H N N 357 
VAL N    N N N 358 
VAL CA   C N S 359 
VAL C    C N N 360 
VAL O    O N N 361 
VAL CB   C N N 362 
VAL CG1  C N N 363 
VAL CG2  C N N 364 
VAL OXT  O N N 365 
VAL H    H N N 366 
VAL H2   H N N 367 
VAL HA   H N N 368 
VAL HB   H N N 369 
VAL HG11 H N N 370 
VAL HG12 H N N 371 
VAL HG13 H N N 372 
VAL HG21 H N N 373 
VAL HG22 H N N 374 
VAL HG23 H N N 375 
VAL HXT  H N N 376 
# 
loop_
_chem_comp_bond.comp_id 
_chem_comp_bond.atom_id_1 
_chem_comp_bond.atom_id_2 
_chem_comp_bond.value_order 
_chem_comp_bond.pdbx_aromatic_flag 
_chem_comp_bond.pdbx_stereo_config 
_chem_comp_bond.pdbx_ordinal 
ALA N   CA   sing N N 1   
ALA N   H    sing N N 2   
ALA N   H2   sing N N 3   
ALA CA  C    sing N N 4   
ALA CA  CB   sing N N 5   
ALA CA  HA   sing N N 6   
ALA C   O    doub N N 7   
ALA C   OXT  sing N N 8   
ALA CB  HB1  sing N N 9   
ALA CB  HB2  sing N N 10  
ALA CB  HB3  sing N N 11  
ALA OXT HXT  sing N N 12  
ARG N   CA   sing N N 13  
ARG N   H    sing N N 14  
ARG N   H2   sing N N 15  
ARG CA  C    sing N N 16  
ARG CA  CB   sing N N 17  
ARG CA  HA   sing N N 18  
ARG C   O    doub N N 19  
ARG C   OXT  sing N N 20  
ARG CB  CG   sing N N 21  
ARG CB  HB2  sing N N 22  
ARG CB  HB3  sing N N 23  
ARG CG  CD   sing N N 24  
ARG CG  HG2  sing N N 25  
ARG CG  HG3  sing N N 26  
ARG CD  NE   sing N N 27  
ARG CD  HD2  sing N N 28  
ARG CD  HD3  sing N N 29  
ARG NE  CZ   sing N N 30  
ARG NE  HE   sing N N 31  
ARG CZ  NH1  sing N N 32  
ARG CZ  NH2  doub N N 33  
ARG NH1 HH11 sing N N 34  
ARG NH1 HH12 sing N N 35  
ARG NH2 HH21 sing N N 36  
ARG NH2 HH22 sing N N 37  
ARG OXT HXT  sing N N 38  
ASN N   CA   sing N N 39  
ASN N   H    sing N N 40  
ASN N   H2   sing N N 41  
ASN CA  C    sing N N 42  
ASN CA  CB   sing N N 43  
ASN CA  HA   sing N N 44  
ASN C   O    doub N N 45  
ASN C   OXT  sing N N 46  
ASN CB  CG   sing N N 47  
ASN CB  HB2  sing N N 48  
ASN CB  HB3  sing N N 49  
ASN CG  OD1  doub N N 50  
ASN CG  ND2  sing N N 51  
ASN ND2 HD21 sing N N 52  
ASN ND2 HD22 sing N N 53  
ASN OXT HXT  sing N N 54  
ASP N   CA   sing N N 55  
ASP N   H    sing N N 56  
ASP N   H2   sing N N 57  
ASP CA  C    sing N N 58  
ASP CA  CB   sing N N 59  
ASP CA  HA   sing N N 60  
ASP C   O    doub N N 61  
ASP C   OXT  sing N N 62  
ASP CB  CG   sing N N 63  
ASP CB  HB2  sing N N 64  
ASP CB  HB3  sing N N 65  
ASP CG  OD1  doub N N 66  
ASP CG  OD2  sing N N 67  
ASP OD2 HD2  sing N N 68  
ASP OXT HXT  sing N N 69  
GLN N   CA   sing N N 70  
GLN N   H    sing N N 71  
GLN N   H2   sing N N 72  
GLN CA  C    sing N N 73  
GLN CA  CB   sing N N 74  
GLN CA  HA   sing N N 75  
GLN C   O    doub N N 76  
GLN C   OXT  sing N N 77  
GLN CB  CG   sing N N 78  
GLN CB  HB2  sing N N 79  
GLN CB  HB3  sing N N 80  
GLN CG  CD   sing N N 81  
GLN CG  HG2  sing N N 82  
GLN CG  HG3  sing N N 83  
GLN CD  OE1  doub N N 84  
GLN CD  NE2  sing N N 85  
GLN NE2 HE21 sing N N 86  
GLN NE2 HE22 sing N N 87  
GLN OXT HXT  sing N N 88  
GLU N   CA   sing N N 89  
GLU N   H    sing N N 90  
GLU N   H2   sing N N 91  
GLU CA  C    sing N N 92  
GLU CA  CB   sing N N 93  
GLU CA  HA   sing N N 94  
GLU C   O    doub N N 95  
GLU C   OXT  sing N N 96  
GLU CB  CG   sing N N 97  
GLU CB  HB2  sing N N 98  
GLU CB  HB3  sing N N 99  
GLU CG  CD   sing N N 100 
GLU CG  HG2  sing N N 101 
GLU CG  HG3  sing N N 102 
GLU CD  OE1  doub N N 103 
GLU CD  OE2  sing N N 104 
GLU OE2 HE2  sing N N 105 
GLU OXT HXT  sing N N 106 
GLY N   CA   sing N N 107 
GLY N   H    sing N N 108 
GLY N   H2   sing N N 109 
GLY CA  C    sing N N 110 
GLY CA  HA2  sing N N 111 
GLY CA  HA3  sing N N 112 
GLY C   O    doub N N 113 
GLY C   OXT  sing N N 114 
GLY OXT HXT  sing N N 115 
HIS N   CA   sing N N 116 
HIS N   H    sing N N 117 
HIS N   H2   sing N N 118 
HIS CA  C    sing N N 119 
HIS CA  CB   sing N N 120 
HIS CA  HA   sing N N 121 
HIS C   O    doub N N 122 
HIS C   OXT  sing N N 123 
HIS CB  CG   sing N N 124 
HIS CB  HB2  sing N N 125 
HIS CB  HB3  sing N N 126 
HIS CG  ND1  sing Y N 127 
HIS CG  CD2  doub Y N 128 
HIS ND1 CE1  doub Y N 129 
HIS ND1 HD1  sing N N 130 
HIS CD2 NE2  sing Y N 131 
HIS CD2 HD2  sing N N 132 
HIS CE1 NE2  sing Y N 133 
HIS CE1 HE1  sing N N 134 
HIS NE2 HE2  sing N N 135 
HIS OXT HXT  sing N N 136 
HOH O   H1   sing N N 137 
HOH O   H2   sing N N 138 
ILE N   CA   sing N N 139 
ILE N   H    sing N N 140 
ILE N   H2   sing N N 141 
ILE CA  C    sing N N 142 
ILE CA  CB   sing N N 143 
ILE CA  HA   sing N N 144 
ILE C   O    doub N N 145 
ILE C   OXT  sing N N 146 
ILE CB  CG1  sing N N 147 
ILE CB  CG2  sing N N 148 
ILE CB  HB   sing N N 149 
ILE CG1 CD1  sing N N 150 
ILE CG1 HG12 sing N N 151 
ILE CG1 HG13 sing N N 152 
ILE CG2 HG21 sing N N 153 
ILE CG2 HG22 sing N N 154 
ILE CG2 HG23 sing N N 155 
ILE CD1 HD11 sing N N 156 
ILE CD1 HD12 sing N N 157 
ILE CD1 HD13 sing N N 158 
ILE OXT HXT  sing N N 159 
LEU N   CA   sing N N 160 
LEU N   H    sing N N 161 
LEU N   H2   sing N N 162 
LEU CA  C    sing N N 163 
LEU CA  CB   sing N N 164 
LEU CA  HA   sing N N 165 
LEU C   O    doub N N 166 
LEU C   OXT  sing N N 167 
LEU CB  CG   sing N N 168 
LEU CB  HB2  sing N N 169 
LEU CB  HB3  sing N N 170 
LEU CG  CD1  sing N N 171 
LEU CG  CD2  sing N N 172 
LEU CG  HG   sing N N 173 
LEU CD1 HD11 sing N N 174 
LEU CD1 HD12 sing N N 175 
LEU CD1 HD13 sing N N 176 
LEU CD2 HD21 sing N N 177 
LEU CD2 HD22 sing N N 178 
LEU CD2 HD23 sing N N 179 
LEU OXT HXT  sing N N 180 
LYS N   CA   sing N N 181 
LYS N   H    sing N N 182 
LYS N   H2   sing N N 183 
LYS CA  C    sing N N 184 
LYS CA  CB   sing N N 185 
LYS CA  HA   sing N N 186 
LYS C   O    doub N N 187 
LYS C   OXT  sing N N 188 
LYS CB  CG   sing N N 189 
LYS CB  HB2  sing N N 190 
LYS CB  HB3  sing N N 191 
LYS CG  CD   sing N N 192 
LYS CG  HG2  sing N N 193 
LYS CG  HG3  sing N N 194 
LYS CD  CE   sing N N 195 
LYS CD  HD2  sing N N 196 
LYS CD  HD3  sing N N 197 
LYS CE  NZ   sing N N 198 
LYS CE  HE2  sing N N 199 
LYS CE  HE3  sing N N 200 
LYS NZ  HZ1  sing N N 201 
LYS NZ  HZ2  sing N N 202 
LYS NZ  HZ3  sing N N 203 
LYS OXT HXT  sing N N 204 
MET N   CA   sing N N 205 
MET N   H    sing N N 206 
MET N   H2   sing N N 207 
MET CA  C    sing N N 208 
MET CA  CB   sing N N 209 
MET CA  HA   sing N N 210 
MET C   O    doub N N 211 
MET C   OXT  sing N N 212 
MET CB  CG   sing N N 213 
MET CB  HB2  sing N N 214 
MET CB  HB3  sing N N 215 
MET CG  SD   sing N N 216 
MET CG  HG2  sing N N 217 
MET CG  HG3  sing N N 218 
MET SD  CE   sing N N 219 
MET CE  HE1  sing N N 220 
MET CE  HE2  sing N N 221 
MET CE  HE3  sing N N 222 
MET OXT HXT  sing N N 223 
PHE N   CA   sing N N 224 
PHE N   H    sing N N 225 
PHE N   H2   sing N N 226 
PHE CA  C    sing N N 227 
PHE CA  CB   sing N N 228 
PHE CA  HA   sing N N 229 
PHE C   O    doub N N 230 
PHE C   OXT  sing N N 231 
PHE CB  CG   sing N N 232 
PHE CB  HB2  sing N N 233 
PHE CB  HB3  sing N N 234 
PHE CG  CD1  doub Y N 235 
PHE CG  CD2  sing Y N 236 
PHE CD1 CE1  sing Y N 237 
PHE CD1 HD1  sing N N 238 
PHE CD2 CE2  doub Y N 239 
PHE CD2 HD2  sing N N 240 
PHE CE1 CZ   doub Y N 241 
PHE CE1 HE1  sing N N 242 
PHE CE2 CZ   sing Y N 243 
PHE CE2 HE2  sing N N 244 
PHE CZ  HZ   sing N N 245 
PHE OXT HXT  sing N N 246 
PRO N   CA   sing N N 247 
PRO N   CD   sing N N 248 
PRO N   H    sing N N 249 
PRO CA  C    sing N N 250 
PRO CA  CB   sing N N 251 
PRO CA  HA   sing N N 252 
PRO C   O    doub N N 253 
PRO C   OXT  sing N N 254 
PRO CB  CG   sing N N 255 
PRO CB  HB2  sing N N 256 
PRO CB  HB3  sing N N 257 
PRO CG  CD   sing N N 258 
PRO CG  HG2  sing N N 259 
PRO CG  HG3  sing N N 260 
PRO CD  HD2  sing N N 261 
PRO CD  HD3  sing N N 262 
PRO OXT HXT  sing N N 263 
SER N   CA   sing N N 264 
SER N   H    sing N N 265 
SER N   H2   sing N N 266 
SER CA  C    sing N N 267 
SER CA  CB   sing N N 268 
SER CA  HA   sing N N 269 
SER C   O    doub N N 270 
SER C   OXT  sing N N 271 
SER CB  OG   sing N N 272 
SER CB  HB2  sing N N 273 
SER CB  HB3  sing N N 274 
SER OG  HG   sing N N 275 
SER OXT HXT  sing N N 276 
THR N   CA   sing N N 277 
THR N   H    sing N N 278 
THR N   H2   sing N N 279 
THR CA  C    sing N N 280 
THR CA  CB   sing N N 281 
THR CA  HA   sing N N 282 
THR C   O    doub N N 283 
THR C   OXT  sing N N 284 
THR CB  OG1  sing N N 285 
THR CB  CG2  sing N N 286 
THR CB  HB   sing N N 287 
THR OG1 HG1  sing N N 288 
THR CG2 HG21 sing N N 289 
THR CG2 HG22 sing N N 290 
THR CG2 HG23 sing N N 291 
THR OXT HXT  sing N N 292 
TRP N   CA   sing N N 293 
TRP N   H    sing N N 294 
TRP N   H2   sing N N 295 
TRP CA  C    sing N N 296 
TRP CA  CB   sing N N 297 
TRP CA  HA   sing N N 298 
TRP C   O    doub N N 299 
TRP C   OXT  sing N N 300 
TRP CB  CG   sing N N 301 
TRP CB  HB2  sing N N 302 
TRP CB  HB3  sing N N 303 
TRP CG  CD1  doub Y N 304 
TRP CG  CD2  sing Y N 305 
TRP CD1 NE1  sing Y N 306 
TRP CD1 HD1  sing N N 307 
TRP CD2 CE2  doub Y N 308 
TRP CD2 CE3  sing Y N 309 
TRP NE1 CE2  sing Y N 310 
TRP NE1 HE1  sing N N 311 
TRP CE2 CZ2  sing Y N 312 
TRP CE3 CZ3  doub Y N 313 
TRP CE3 HE3  sing N N 314 
TRP CZ2 CH2  doub Y N 315 
TRP CZ2 HZ2  sing N N 316 
TRP CZ3 CH2  sing Y N 317 
TRP CZ3 HZ3  sing N N 318 
TRP CH2 HH2  sing N N 319 
TRP OXT HXT  sing N N 320 
TYR N   CA   sing N N 321 
TYR N   H    sing N N 322 
TYR N   H2   sing N N 323 
TYR CA  C    sing N N 324 
TYR CA  CB   sing N N 325 
TYR CA  HA   sing N N 326 
TYR C   O    doub N N 327 
TYR C   OXT  sing N N 328 
TYR CB  CG   sing N N 329 
TYR CB  HB2  sing N N 330 
TYR CB  HB3  sing N N 331 
TYR CG  CD1  doub Y N 332 
TYR CG  CD2  sing Y N 333 
TYR CD1 CE1  sing Y N 334 
TYR CD1 HD1  sing N N 335 
TYR CD2 CE2  doub Y N 336 
TYR CD2 HD2  sing N N 337 
TYR CE1 CZ   doub Y N 338 
TYR CE1 HE1  sing N N 339 
TYR CE2 CZ   sing Y N 340 
TYR CE2 HE2  sing N N 341 
TYR CZ  OH   sing N N 342 
TYR OH  HH   sing N N 343 
TYR OXT HXT  sing N N 344 
VAL N   CA   sing N N 345 
VAL N   H    sing N N 346 
VAL N   H2   sing N N 347 
VAL CA  C    sing N N 348 
VAL CA  CB   sing N N 349 
VAL CA  HA   sing N N 350 
VAL C   O    doub N N 351 
VAL C   OXT  sing N N 352 
VAL CB  CG1  sing N N 353 
VAL CB  CG2  sing N N 354 
VAL CB  HB   sing N N 355 
VAL CG1 HG11 sing N N 356 
VAL CG1 HG12 sing N N 357 
VAL CG1 HG13 sing N N 358 
VAL CG2 HG21 sing N N 359 
VAL CG2 HG22 sing N N 360 
VAL CG2 HG23 sing N N 361 
VAL OXT HXT  sing N N 362 
# 
_pdbx_audit_support.funding_organization   'German Research Foundation' 
_pdbx_audit_support.country                Germany 
_pdbx_audit_support.grant_number           'Schi 425/8-2' 
_pdbx_audit_support.ordinal                1 
# 
_pdbx_initial_refinement_model.id               1 
_pdbx_initial_refinement_model.entity_id_list   ? 
_pdbx_initial_refinement_model.type             'experimental model' 
_pdbx_initial_refinement_model.source_name      PDB 
_pdbx_initial_refinement_model.accession_code   5A15 
_pdbx_initial_refinement_model.details          ? 
# 
_atom_sites.entry_id                    6I0Q 
_atom_sites.Cartn_transf_matrix[1][1]   ? 
_atom_sites.Cartn_transf_matrix[1][2]   ? 
_atom_sites.Cartn_transf_matrix[1][3]   ? 
_atom_sites.Cartn_transf_matrix[2][1]   ? 
_atom_sites.Cartn_transf_matrix[2][2]   ? 
_atom_sites.Cartn_transf_matrix[2][3]   ? 
_atom_sites.Cartn_transf_matrix[3][1]   ? 
_atom_sites.Cartn_transf_matrix[3][2]   ? 
_atom_sites.Cartn_transf_matrix[3][3]   ? 
_atom_sites.Cartn_transf_vector[1]      ? 
_atom_sites.Cartn_transf_vector[2]      ? 
_atom_sites.Cartn_transf_vector[3]      ? 
_atom_sites.fract_transf_matrix[1][1]   -0.00486240 
_atom_sites.fract_transf_matrix[1][2]   0.00766009 
_atom_sites.fract_transf_matrix[1][3]   -0.01612543 
_atom_sites.fract_transf_matrix[2][1]   0.01174650 
_atom_sites.fract_transf_matrix[2][2]   0.01126071 
_atom_sites.fract_transf_matrix[2][3]   -0.00880778 
_atom_sites.fract_transf_matrix[3][1]   0.00919453 
_atom_sites.fract_transf_matrix[3][2]   -0.01871243 
_atom_sites.fract_transf_matrix[3][3]   -0.01166148 
_atom_sites.fract_transf_vector[1]      -0.376207 
_atom_sites.fract_transf_vector[2]      -0.083437 
_atom_sites.fract_transf_vector[3]      0.026675 
_atom_sites.solution_primary            ? 
_atom_sites.solution_secondary          ? 
_atom_sites.solution_hydrogens          ? 
_atom_sites.special_details             ? 
# 
loop_
_atom_type.symbol 
C 
H 
N 
O 
S 
# 
loop_
_atom_site.group_PDB 
_atom_site.id 
_atom_site.type_symbol 
_atom_site.label_atom_id 
_atom_site.label_alt_id 
_atom_site.label_comp_id 
_atom_site.label_asym_id 
_atom_site.label_entity_id 
_atom_site.label_seq_id 
_atom_site.pdbx_PDB_ins_code 
_atom_site.Cartn_x 
_atom_site.Cartn_y 
_atom_site.Cartn_z 
_atom_site.occupancy 
_atom_site.B_iso_or_equiv 
_atom_site.pdbx_formal_charge 
_atom_site.auth_seq_id 
_atom_site.auth_comp_id 
_atom_site.auth_asym_id 
_atom_site.auth_atom_id 
_atom_site.pdbx_PDB_model_num 
ATOM   1    N N    . SER A 1 1   ? 8.266   -18.361 -1.998  1.00 43.63 ? 22  SER A N    1 
ATOM   2    C CA   . SER A 1 1   ? 8.877   -17.044 -1.881  1.00 54.56 ? 22  SER A CA   1 
ATOM   3    C C    . SER A 1 1   ? 8.265   -16.059 -2.875  1.00 53.76 ? 22  SER A C    1 
ATOM   4    O O    . SER A 1 1   ? 7.795   -16.449 -3.944  1.00 52.51 ? 22  SER A O    1 
ATOM   5    C CB   . SER A 1 1   ? 10.384  -17.141 -2.102  1.00 46.20 ? 22  SER A CB   1 
ATOM   6    O OG   . SER A 1 1   ? 10.663  -17.737 -3.354  1.00 59.91 ? 22  SER A OG   1 
ATOM   7    H HA   . SER A 1 1   ? 8.726   -16.702 -0.986  1.00 65.59 ? 22  SER A HA   1 
ATOM   8    H HB2  . SER A 1 1   ? 10.765  -16.249 -2.084  1.00 55.55 ? 22  SER A HB2  1 
ATOM   9    H HB3  . SER A 1 1   ? 10.774  -17.683 -1.398  1.00 55.55 ? 22  SER A HB3  1 
ATOM   10   H HG   . SER A 1 1   ? 10.337  -18.511 -3.383  1.00 72.00 ? 22  SER A HG   1 
ATOM   11   N N    . PHE A 1 2   ? 8.279   -14.778 -2.520  1.00 48.14 ? 23  PHE A N    1 
ATOM   12   C CA   . PHE A 1 2   ? 7.687   -13.772 -3.384  1.00 44.43 ? 23  PHE A CA   1 
ATOM   13   C C    . PHE A 1 2   ? 8.598   -13.484 -4.574  1.00 38.78 ? 23  PHE A C    1 
ATOM   14   O O    . PHE A 1 2   ? 9.818   -13.645 -4.485  1.00 39.98 ? 23  PHE A O    1 
ATOM   15   C CB   . PHE A 1 2   ? 7.436   -12.484 -2.609  1.00 43.88 ? 23  PHE A CB   1 
ATOM   16   C CG   . PHE A 1 2   ? 6.467   -12.641 -1.477  1.00 40.41 ? 23  PHE A CG   1 
ATOM   17   C CD1  . PHE A 1 2   ? 5.105   -12.677 -1.716  1.00 35.36 ? 23  PHE A CD1  1 
ATOM   18   C CD2  . PHE A 1 2   ? 6.919   -12.754 -0.176  1.00 36.27 ? 23  PHE A CD2  1 
ATOM   19   C CE1  . PHE A 1 2   ? 4.212   -12.826 -0.679  1.00 37.15 ? 23  PHE A CE1  1 
ATOM   20   C CE2  . PHE A 1 2   ? 6.032   -12.900 0.867   1.00 37.67 ? 23  PHE A CE2  1 
ATOM   21   C CZ   . PHE A 1 2   ? 4.676   -12.936 0.615   1.00 45.25 ? 23  PHE A CZ   1 
ATOM   22   H H    . PHE A 1 2   ? 8.620   -14.472 -1.792  1.00 57.88 ? 23  PHE A H    1 
ATOM   23   H HA   . PHE A 1 2   ? 6.837   -14.097 -3.721  1.00 53.42 ? 23  PHE A HA   1 
ATOM   24   H HB2  . PHE A 1 2   ? 8.277   -12.172 -2.240  1.00 52.76 ? 23  PHE A HB2  1 
ATOM   25   H HB3  . PHE A 1 2   ? 7.077   -11.818 -3.216  1.00 52.76 ? 23  PHE A HB3  1 
ATOM   26   H HD1  . PHE A 1 2   ? 4.788   -12.604 -2.587  1.00 42.55 ? 23  PHE A HD1  1 
ATOM   27   H HD2  . PHE A 1 2   ? 7.833   -12.730 -0.002  1.00 43.63 ? 23  PHE A HD2  1 
ATOM   28   H HE1  . PHE A 1 2   ? 3.298   -12.848 -0.851  1.00 44.69 ? 23  PHE A HE1  1 
ATOM   29   H HE2  . PHE A 1 2   ? 6.347   -12.975 1.739   1.00 45.32 ? 23  PHE A HE2  1 
ATOM   30   H HZ   . PHE A 1 2   ? 4.074   -13.034 1.319   1.00 54.41 ? 23  PHE A HZ   1 
ATOM   31   N N    . PRO A 1 3   ? 8.032   -13.057 -5.700  1.00 37.16 ? 24  PRO A N    1 
ATOM   32   C CA   . PRO A 1 3   ? 8.853   -12.707 -6.860  1.00 31.46 ? 24  PRO A CA   1 
ATOM   33   C C    . PRO A 1 3   ? 9.469   -11.323 -6.702  1.00 30.53 ? 24  PRO A C    1 
ATOM   34   O O    . PRO A 1 3   ? 9.070   -10.521 -5.857  1.00 28.46 ? 24  PRO A O    1 
ATOM   35   C CB   . PRO A 1 3   ? 7.855   -12.739 -8.019  1.00 36.66 ? 24  PRO A CB   1 
ATOM   36   C CG   . PRO A 1 3   ? 6.557   -12.347 -7.386  1.00 32.97 ? 24  PRO A CG   1 
ATOM   37   C CD   . PRO A 1 3   ? 6.594   -12.868 -5.967  1.00 35.55 ? 24  PRO A CD   1 
ATOM   38   H HA   . PRO A 1 3   ? 9.550   -13.366 -7.004  1.00 37.86 ? 24  PRO A HA   1 
ATOM   39   H HB2  . PRO A 1 3   ? 8.117   -12.097 -8.698  1.00 44.10 ? 24  PRO A HB2  1 
ATOM   40   H HB3  . PRO A 1 3   ? 7.805   -13.635 -8.387  1.00 44.10 ? 24  PRO A HB3  1 
ATOM   41   H HG2  . PRO A 1 3   ? 6.474   -11.381 -7.389  1.00 39.68 ? 24  PRO A HG2  1 
ATOM   42   H HG3  . PRO A 1 3   ? 5.823   -12.752 -7.876  1.00 39.68 ? 24  PRO A HG3  1 
ATOM   43   H HD2  . PRO A 1 3   ? 6.221   -12.212 -5.357  1.00 42.78 ? 24  PRO A HD2  1 
ATOM   44   H HD3  . PRO A 1 3   ? 6.126   -13.715 -5.907  1.00 42.78 ? 24  PRO A HD3  1 
ATOM   45   N N    . GLU A 1 4   ? 10.457  -11.053 -7.556  1.00 33.60 ? 25  GLU A N    1 
ATOM   46   C CA   . GLU A 1 4   ? 11.131  -9.761  -7.528  1.00 35.24 ? 25  GLU A CA   1 
ATOM   47   C C    . GLU A 1 4   ? 10.131  -8.629  -7.741  1.00 29.98 ? 25  GLU A C    1 
ATOM   48   O O    . GLU A 1 4   ? 10.080  -7.671  -6.961  1.00 31.69 ? 25  GLU A O    1 
ATOM   49   C CB   . GLU A 1 4   ? 12.227  -9.730  -8.595  1.00 30.12 ? 25  GLU A CB   1 
ATOM   50   C CG   . GLU A 1 4   ? 13.290  -8.667  -8.377  1.00 45.09 ? 25  GLU A CG   1 
ATOM   51   C CD   . GLU A 1 4   ? 14.283  -8.584  -9.529  1.00 49.00 ? 25  GLU A CD   1 
ATOM   52   O OE1  . GLU A 1 4   ? 13.877  -8.813  -10.691 1.00 45.84 ? 25  GLU A OE1  1 
ATOM   53   O OE2  . GLU A 1 4   ? 15.469  -8.294  -9.269  1.00 46.59 ? 25  GLU A OE2  1 
ATOM   54   H H    . GLU A 1 4   ? 10.752  -11.596 -8.153  1.00 40.43 ? 25  GLU A H    1 
ATOM   55   H HA   . GLU A 1 4   ? 11.548  -9.636  -6.661  1.00 42.40 ? 25  GLU A HA   1 
ATOM   56   H HB2  . GLU A 1 4   ? 12.671  -10.593 -8.607  1.00 36.25 ? 25  GLU A HB2  1 
ATOM   57   H HB3  . GLU A 1 4   ? 11.815  -9.564  -9.458  1.00 36.25 ? 25  GLU A HB3  1 
ATOM   58   H HG2  . GLU A 1 4   ? 12.859  -7.802  -8.290  1.00 54.21 ? 25  GLU A HG2  1 
ATOM   59   H HG3  . GLU A 1 4   ? 13.785  -8.875  -7.569  1.00 54.21 ? 25  GLU A HG3  1 
ATOM   60   N N    . VAL A 1 5   ? 9.321   -8.736  -8.790  1.00 33.10 ? 26  VAL A N    1 
ATOM   61   C CA   . VAL A 1 5   ? 8.288   -7.760  -9.116  1.00 25.93 ? 26  VAL A CA   1 
ATOM   62   C C    . VAL A 1 5   ? 6.944   -8.335  -8.694  1.00 29.60 ? 26  VAL A C    1 
ATOM   63   O O    . VAL A 1 5   ? 6.496   -9.355  -9.230  1.00 29.07 ? 26  VAL A O    1 
ATOM   64   C CB   . VAL A 1 5   ? 8.302   -7.418  -10.613 1.00 29.39 ? 26  VAL A CB   1 
ATOM   65   C CG1  . VAL A 1 5   ? 7.175   -6.458  -10.967 1.00 29.76 ? 26  VAL A CG1  1 
ATOM   66   C CG2  . VAL A 1 5   ? 9.643   -6.815  -10.990 1.00 32.72 ? 26  VAL A CG2  1 
ATOM   67   H H    . VAL A 1 5   ? 9.353   -9.391  -9.346  1.00 39.83 ? 26  VAL A H    1 
ATOM   68   H HA   . VAL A 1 5   ? 8.445   -6.945  -8.613  1.00 31.22 ? 26  VAL A HA   1 
ATOM   69   H HB   . VAL A 1 5   ? 8.181   -8.230  -11.127 1.00 35.38 ? 26  VAL A HB   1 
ATOM   70   H HG11 . VAL A 1 5   ? 7.213   -6.263  -11.917 1.00 35.83 ? 26  VAL A HG11 1 
ATOM   71   H HG12 . VAL A 1 5   ? 6.326   -6.873  -10.748 1.00 35.83 ? 26  VAL A HG12 1 
ATOM   72   H HG13 . VAL A 1 5   ? 7.285   -5.640  -10.457 1.00 35.83 ? 26  VAL A HG13 1 
ATOM   73   H HG21 . VAL A 1 5   ? 9.639   -6.603  -11.936 1.00 39.38 ? 26  VAL A HG21 1 
ATOM   74   H HG22 . VAL A 1 5   ? 9.783   -6.008  -10.470 1.00 39.38 ? 26  VAL A HG22 1 
ATOM   75   H HG23 . VAL A 1 5   ? 10.343  -7.458  -10.798 1.00 39.38 ? 26  VAL A HG23 1 
ATOM   76   N N    . VAL A 1 6   ? 6.304   -7.684  -7.734  1.00 29.47 ? 27  VAL A N    1 
ATOM   77   C CA   . VAL A 1 6   ? 5.019   -8.113  -7.201  1.00 26.26 ? 27  VAL A CA   1 
ATOM   78   C C    . VAL A 1 6   ? 3.901   -7.361  -7.909  1.00 28.11 ? 27  VAL A C    1 
ATOM   79   O O    . VAL A 1 6   ? 3.970   -6.135  -8.106  1.00 30.19 ? 27  VAL A O    1 
ATOM   80   C CB   . VAL A 1 6   ? 4.956   -7.894  -5.679  1.00 28.90 ? 27  VAL A CB   1 
ATOM   81   C CG1  . VAL A 1 6   ? 3.555   -8.185  -5.146  1.00 31.87 ? 27  VAL A CG1  1 
ATOM   82   C CG2  . VAL A 1 6   ? 5.985   -8.773  -4.983  1.00 26.81 ? 27  VAL A CG2  1 
ATOM   83   H H    . VAL A 1 6   ? 6.604   -6.969  -7.362  1.00 35.48 ? 27  VAL A H    1 
ATOM   84   H HA   . VAL A 1 6   ? 4.903   -9.060  -7.375  1.00 31.62 ? 27  VAL A HA   1 
ATOM   85   H HB   . VAL A 1 6   ? 5.168   -6.968  -5.482  1.00 34.79 ? 27  VAL A HB   1 
ATOM   86   H HG11 . VAL A 1 6   ? 3.547   -8.039  -4.186  1.00 38.35 ? 27  VAL A HG11 1 
ATOM   87   H HG12 . VAL A 1 6   ? 2.923   -7.590  -5.577  1.00 38.35 ? 27  VAL A HG12 1 
ATOM   88   H HG13 . VAL A 1 6   ? 3.329   -9.108  -5.342  1.00 38.35 ? 27  VAL A HG13 1 
ATOM   89   H HG21 . VAL A 1 6   ? 5.933   -8.624  -4.027  1.00 32.29 ? 27  VAL A HG21 1 
ATOM   90   H HG22 . VAL A 1 6   ? 5.794   -9.703  -5.185  1.00 32.29 ? 27  VAL A HG22 1 
ATOM   91   H HG23 . VAL A 1 6   ? 6.869   -8.540  -5.308  1.00 32.29 ? 27  VAL A HG23 1 
ATOM   92   N N    . GLU A 1 7   ? 2.863   -8.108  -8.277  1.00 27.80 ? 28  GLU A N    1 
ATOM   93   C CA   . GLU A 1 7   ? 1.672   -7.587  -8.931  1.00 33.77 ? 28  GLU A CA   1 
ATOM   94   C C    . GLU A 1 7   ? 0.522   -7.654  -7.935  1.00 26.50 ? 28  GLU A C    1 
ATOM   95   O O    . GLU A 1 7   ? 0.230   -8.725  -7.396  1.00 31.29 ? 28  GLU A O    1 
ATOM   96   C CB   . GLU A 1 7   ? 1.350   -8.388  -10.193 1.00 26.44 ? 28  GLU A CB   1 
ATOM   97   C CG   . GLU A 1 7   ? 0.318   -7.728  -11.081 1.00 42.48 ? 28  GLU A CG   1 
ATOM   98   C CD   . GLU A 1 7   ? 0.019   -8.529  -12.339 1.00 48.41 ? 28  GLU A CD   1 
ATOM   99   O OE1  . GLU A 1 7   ? 0.699   -9.550  -12.575 1.00 51.76 ? 28  GLU A OE1  1 
ATOM   100  O OE2  . GLU A 1 7   ? -0.894  -8.132  -13.097 1.00 48.88 ? 28  GLU A OE2  1 
ATOM   101  H H    . GLU A 1 7   ? 2.829   -8.958  -8.151  1.00 33.47 ? 28  GLU A H    1 
ATOM   102  H HA   . GLU A 1 7   ? 1.814   -6.660  -9.178  1.00 40.63 ? 28  GLU A HA   1 
ATOM   103  H HB2  . GLU A 1 7   ? 2.162   -8.495  -10.711 1.00 31.84 ? 28  GLU A HB2  1 
ATOM   104  H HB3  . GLU A 1 7   ? 1.006   -9.257  -9.933  1.00 31.84 ? 28  GLU A HB3  1 
ATOM   105  H HG2  . GLU A 1 7   ? -0.510  -7.631  -10.584 1.00 51.08 ? 28  GLU A HG2  1 
ATOM   106  H HG3  . GLU A 1 7   ? 0.646   -6.857  -11.351 1.00 51.08 ? 28  GLU A HG3  1 
ATOM   107  N N    . LEU A 1 8   ? -0.120  -6.515  -7.697  1.00 29.84 ? 29  LEU A N    1 
ATOM   108  C CA   . LEU A 1 8   ? -1.129  -6.355  -6.661  1.00 29.86 ? 29  LEU A CA   1 
ATOM   109  C C    . LEU A 1 8   ? -2.447  -5.924  -7.277  1.00 29.10 ? 29  LEU A C    1 
ATOM   110  O O    . LEU A 1 8   ? -2.479  -5.078  -8.177  1.00 33.23 ? 29  LEU A O    1 
ATOM   111  C CB   . LEU A 1 8   ? -0.712  -5.304  -5.623  1.00 30.27 ? 29  LEU A CB   1 
ATOM   112  C CG   . LEU A 1 8   ? 0.462   -5.612  -4.702  1.00 27.55 ? 29  LEU A CG   1 
ATOM   113  C CD1  . LEU A 1 8   ? 0.861   -4.360  -3.953  1.00 32.70 ? 29  LEU A CD1  1 
ATOM   114  C CD2  . LEU A 1 8   ? 0.103   -6.712  -3.737  1.00 32.08 ? 29  LEU A CD2  1 
ATOM   115  H H    . LEU A 1 8   ? 0.021   -5.793  -8.142  1.00 35.92 ? 29  LEU A H    1 
ATOM   116  H HA   . LEU A 1 8   ? -1.263  -7.202  -6.207  1.00 35.95 ? 29  LEU A HA   1 
ATOM   117  H HB2  . LEU A 1 8   ? -0.488  -4.490  -6.100  1.00 36.44 ? 29  LEU A HB2  1 
ATOM   118  H HB3  . LEU A 1 8   ? -1.478  -5.133  -5.052  1.00 36.44 ? 29  LEU A HB3  1 
ATOM   119  H HG   . LEU A 1 8   ? 1.219   -5.905  -5.233  1.00 33.17 ? 29  LEU A HG   1 
ATOM   120  H HD11 . LEU A 1 8   ? 1.608   -4.566  -3.370  1.00 39.35 ? 29  LEU A HD11 1 
ATOM   121  H HD12 . LEU A 1 8   ? 1.118   -3.677  -4.592  1.00 39.35 ? 29  LEU A HD12 1 
ATOM   122  H HD13 . LEU A 1 8   ? 0.106   -4.053  -3.427  1.00 39.35 ? 29  LEU A HD13 1 
ATOM   123  H HD21 . LEU A 1 8   ? 0.865   -6.889  -3.164  1.00 38.61 ? 29  LEU A HD21 1 
ATOM   124  H HD22 . LEU A 1 8   ? -0.655  -6.428  -3.203  1.00 38.61 ? 29  LEU A HD22 1 
ATOM   125  H HD23 . LEU A 1 8   ? -0.126  -7.509  -4.240  1.00 38.61 ? 29  LEU A HD23 1 
ATOM   126  N N    . ASN A 1 9   ? -3.529  -6.491  -6.771  1.00 26.34 ? 30  ASN A N    1 
ATOM   127  C CA   . ASN A 1 9   ? -4.878  -6.032  -7.069  1.00 29.38 ? 30  ASN A CA   1 
ATOM   128  C C    . ASN A 1 9   ? -5.429  -5.432  -5.781  1.00 24.98 ? 30  ASN A C    1 
ATOM   129  O O    . ASN A 1 9   ? -5.724  -6.159  -4.827  1.00 26.54 ? 30  ASN A O    1 
ATOM   130  C CB   . ASN A 1 9   ? -5.748  -7.177  -7.585  1.00 28.31 ? 30  ASN A CB   1 
ATOM   131  C CG   . ASN A 1 9   ? -7.092  -6.701  -8.100  1.00 28.58 ? 30  ASN A CG   1 
ATOM   132  O OD1  . ASN A 1 9   ? -7.634  -5.710  -7.617  1.00 28.85 ? 30  ASN A OD1  1 
ATOM   133  N ND2  . ASN A 1 9   ? -7.637  -7.406  -9.086  1.00 34.44 ? 30  ASN A ND2  1 
ATOM   134  H H    . ASN A 1 9   ? -3.509  -7.163  -6.235  1.00 31.72 ? 30  ASN A H    1 
ATOM   135  H HA   . ASN A 1 9   ? -4.845  -5.337  -7.746  1.00 35.36 ? 30  ASN A HA   1 
ATOM   136  H HB2  . ASN A 1 9   ? -5.287  -7.622  -8.314  1.00 34.08 ? 30  ASN A HB2  1 
ATOM   137  H HB3  . ASN A 1 9   ? -5.908  -7.804  -6.861  1.00 34.08 ? 30  ASN A HB3  1 
ATOM   138  H HD21 . ASN A 1 9   ? -8.398  -7.175  -9.410  1.00 41.44 ? 30  ASN A HD21 1 
ATOM   139  H HD22 . ASN A 1 9   ? -7.227  -8.095  -9.399  1.00 41.44 ? 30  ASN A HD22 1 
ATOM   140  N N    . VAL A 1 10  ? -5.531  -4.107  -5.742  1.00 32.11 ? 31  VAL A N    1 
ATOM   141  C CA   . VAL A 1 10  ? -6.027  -3.379  -4.580  1.00 28.78 ? 31  VAL A CA   1 
ATOM   142  C C    . VAL A 1 10  ? -7.407  -2.838  -4.928  1.00 24.10 ? 31  VAL A C    1 
ATOM   143  O O    . VAL A 1 10  ? -7.531  -1.861  -5.676  1.00 25.79 ? 31  VAL A O    1 
ATOM   144  C CB   . VAL A 1 10  ? -5.079  -2.243  -4.173  1.00 28.78 ? 31  VAL A CB   1 
ATOM   145  C CG1  . VAL A 1 10  ? -5.494  -1.663  -2.837  1.00 26.26 ? 31  VAL A CG1  1 
ATOM   146  C CG2  . VAL A 1 10  ? -3.638  -2.734  -4.126  1.00 30.37 ? 31  VAL A CG2  1 
ATOM   147  H H    . VAL A 1 10  ? -5.311  -3.594  -6.396  1.00 38.65 ? 31  VAL A H    1 
ATOM   148  H HA   . VAL A 1 10  ? -6.116  -3.988  -3.830  1.00 34.65 ? 31  VAL A HA   1 
ATOM   149  H HB   . VAL A 1 10  ? -5.132  -1.536  -4.835  1.00 34.65 ? 31  VAL A HB   1 
ATOM   150  H HG11 . VAL A 1 10  ? -4.881  -0.949  -2.601  1.00 31.62 ? 31  VAL A HG11 1 
ATOM   151  H HG12 . VAL A 1 10  ? -6.396  -1.316  -2.912  1.00 31.62 ? 31  VAL A HG12 1 
ATOM   152  H HG13 . VAL A 1 10  ? -5.463  -2.363  -2.167  1.00 31.62 ? 31  VAL A HG13 1 
ATOM   153  H HG21 . VAL A 1 10  ? -3.063  -1.998  -3.867  1.00 36.56 ? 31  VAL A HG21 1 
ATOM   154  H HG22 . VAL A 1 10  ? -3.571  -3.452  -3.477  1.00 36.56 ? 31  VAL A HG22 1 
ATOM   155  H HG23 . VAL A 1 10  ? -3.386  -3.058  -5.005  1.00 36.56 ? 31  VAL A HG23 1 
ATOM   156  N N    . GLY A 1 11  ? -8.448  -3.465  -4.383  1.00 27.27 ? 32  GLY A N    1 
ATOM   157  C CA   . GLY A 1 11  ? -9.808  -3.008  -4.617  1.00 27.79 ? 32  GLY A CA   1 
ATOM   158  C C    . GLY A 1 11  ? -10.201 -2.922  -6.074  1.00 31.69 ? 32  GLY A C    1 
ATOM   159  O O    . GLY A 1 11  ? -11.148 -2.204  -6.409  1.00 33.26 ? 32  GLY A O    1 
ATOM   160  H H    . GLY A 1 11  ? -8.389  -4.156  -3.875  1.00 32.84 ? 32  GLY A H    1 
ATOM   161  H HA2  . GLY A 1 11  ? -10.425 -3.614  -4.176  1.00 33.47 ? 32  GLY A HA2  1 
ATOM   162  H HA3  . GLY A 1 11  ? -9.918  -2.129  -4.225  1.00 33.47 ? 32  GLY A HA3  1 
ATOM   163  N N    . GLY A 1 12  ? -9.508  -3.644  -6.954  1.00 32.38 ? 33  GLY A N    1 
ATOM   164  C CA   . GLY A 1 12  ? -9.768  -3.619  -8.378  1.00 32.58 ? 33  GLY A CA   1 
ATOM   165  C C    . GLY A 1 12  ? -8.720  -2.886  -9.186  1.00 32.78 ? 33  GLY A C    1 
ATOM   166  O O    . GLY A 1 12  ? -8.628  -3.104  -10.402 1.00 35.99 ? 33  GLY A O    1 
ATOM   167  H H    . GLY A 1 12  ? -8.864  -4.170  -6.735  1.00 38.96 ? 33  GLY A H    1 
ATOM   168  H HA2  . GLY A 1 12  ? -9.820  -4.530  -8.707  1.00 39.20 ? 33  GLY A HA2  1 
ATOM   169  H HA3  . GLY A 1 12  ? -10.624 -3.191  -8.536  1.00 39.20 ? 33  GLY A HA3  1 
ATOM   170  N N    . GLN A 1 13  ? -7.936  -2.021  -8.553  1.00 32.33 ? 34  GLN A N    1 
ATOM   171  C CA   . GLN A 1 13  ? -6.897  -1.272  -9.242  1.00 28.16 ? 34  GLN A CA   1 
ATOM   172  C C    . GLN A 1 13  ? -5.590  -2.054  -9.173  1.00 35.14 ? 34  GLN A C    1 
ATOM   173  O O    . GLN A 1 13  ? -5.184  -2.503  -8.098  1.00 29.43 ? 34  GLN A O    1 
ATOM   174  C CB   . GLN A 1 13  ? -6.744  0.114   -8.613  1.00 29.07 ? 34  GLN A CB   1 
ATOM   175  C CG   . GLN A 1 13  ? -6.683  1.247   -9.622  1.00 40.17 ? 34  GLN A CG   1 
ATOM   176  C CD   . GLN A 1 13  ? -7.955  1.363   -10.439 1.00 41.02 ? 34  GLN A CD   1 
ATOM   177  O OE1  . GLN A 1 13  ? -9.047  1.078   -9.951  1.00 45.52 ? 34  GLN A OE1  1 
ATOM   178  N NE2  . GLN A 1 13  ? -7.817  1.767   -11.694 1.00 40.55 ? 34  GLN A NE2  1 
ATOM   179  H H    . GLN A 1 13  ? -7.988  -1.849  -7.712  1.00 38.91 ? 34  GLN A H    1 
ATOM   180  H HA   . GLN A 1 13  ? -7.142  -1.163  -10.174 1.00 33.90 ? 34  GLN A HA   1 
ATOM   181  H HB2  . GLN A 1 13  ? -7.502  0.278   -8.031  1.00 34.99 ? 34  GLN A HB2  1 
ATOM   182  H HB3  . GLN A 1 13  ? -5.923  0.133   -8.097  1.00 34.99 ? 34  GLN A HB3  1 
ATOM   183  H HG2  . GLN A 1 13  ? -6.550  2.084   -9.151  1.00 48.31 ? 34  GLN A HG2  1 
ATOM   184  H HG3  . GLN A 1 13  ? -5.946  1.088   -10.232 1.00 48.31 ? 34  GLN A HG3  1 
ATOM   185  H HE21 . GLN A 1 13  ? -7.035  1.947   -12.005 1.00 48.77 ? 34  GLN A HE21 1 
ATOM   186  H HE22 . GLN A 1 13  ? -8.510  1.849   -12.198 1.00 48.77 ? 34  GLN A HE22 1 
ATOM   187  N N    . VAL A 1 14  ? -4.941  -2.223  -10.322 1.00 29.79 ? 35  VAL A N    1 
ATOM   188  C CA   . VAL A 1 14  ? -3.765  -3.078  -10.443 1.00 33.21 ? 35  VAL A CA   1 
ATOM   189  C C    . VAL A 1 14  ? -2.509  -2.222  -10.334 1.00 31.76 ? 35  VAL A C    1 
ATOM   190  O O    . VAL A 1 14  ? -2.398  -1.178  -10.990 1.00 31.16 ? 35  VAL A O    1 
ATOM   191  C CB   . VAL A 1 14  ? -3.791  -3.866  -11.764 1.00 34.16 ? 35  VAL A CB   1 
ATOM   192  C CG1  . VAL A 1 14  ? -2.519  -4.689  -11.935 1.00 35.83 ? 35  VAL A CG1  1 
ATOM   193  C CG2  . VAL A 1 14  ? -5.010  -4.777  -11.796 1.00 31.06 ? 35  VAL A CG2  1 
ATOM   194  H H    . VAL A 1 14  ? -5.169  -1.846  -11.061 1.00 35.86 ? 35  VAL A H    1 
ATOM   195  H HA   . VAL A 1 14  ? -3.759  -3.715  -9.712  1.00 39.96 ? 35  VAL A HA   1 
ATOM   196  H HB   . VAL A 1 14  ? -3.855  -3.246  -12.506 1.00 41.10 ? 35  VAL A HB   1 
ATOM   197  H HG11 . VAL A 1 14  ? -2.567  -5.172  -12.775 1.00 43.11 ? 35  VAL A HG11 1 
ATOM   198  H HG12 . VAL A 1 14  ? -1.755  -4.090  -11.941 1.00 43.11 ? 35  VAL A HG12 1 
ATOM   199  H HG13 . VAL A 1 14  ? -2.445  -5.314  -11.196 1.00 43.11 ? 35  VAL A HG13 1 
ATOM   200  H HG21 . VAL A 1 14  ? -5.015  -5.267  -12.633 1.00 37.38 ? 35  VAL A HG21 1 
ATOM   201  H HG22 . VAL A 1 14  ? -4.961  -5.394  -11.049 1.00 37.38 ? 35  VAL A HG22 1 
ATOM   202  H HG23 . VAL A 1 14  ? -5.810  -4.233  -11.725 1.00 37.38 ? 35  VAL A HG23 1 
ATOM   203  N N    . TYR A 1 15  ? -1.563  -2.666  -9.506  1.00 26.72 ? 36  TYR A N    1 
ATOM   204  C CA   . TYR A 1 15  ? -0.304  -1.969  -9.288  1.00 26.62 ? 36  TYR A CA   1 
ATOM   205  C C    . TYR A 1 15  ? 0.843   -2.967  -9.350  1.00 28.27 ? 36  TYR A C    1 
ATOM   206  O O    . TYR A 1 15  ? 0.696   -4.123  -8.955  1.00 34.98 ? 36  TYR A O    1 
ATOM   207  C CB   . TYR A 1 15  ? -0.280  -1.246  -7.926  1.00 33.09 ? 36  TYR A CB   1 
ATOM   208  C CG   . TYR A 1 15  ? -1.271  -0.111  -7.807  1.00 27.47 ? 36  TYR A CG   1 
ATOM   209  C CD1  . TYR A 1 15  ? -0.932  1.179   -8.192  1.00 31.81 ? 36  TYR A CD1  1 
ATOM   210  C CD2  . TYR A 1 15  ? -2.546  -0.329  -7.306  1.00 29.30 ? 36  TYR A CD2  1 
ATOM   211  C CE1  . TYR A 1 15  ? -1.838  2.217   -8.084  1.00 31.67 ? 36  TYR A CE1  1 
ATOM   212  C CE2  . TYR A 1 15  ? -3.456  0.701   -7.195  1.00 28.00 ? 36  TYR A CE2  1 
ATOM   213  C CZ   . TYR A 1 15  ? -3.100  1.969   -7.586  1.00 29.43 ? 36  TYR A CZ   1 
ATOM   214  O OH   . TYR A 1 15  ? -4.013  2.991   -7.472  1.00 33.76 ? 36  TYR A OH   1 
ATOM   215  H H    . TYR A 1 15  ? -1.634  -3.391  -9.049  1.00 32.18 ? 36  TYR A H    1 
ATOM   216  H HA   . TYR A 1 15  ? -0.175  -1.310  -9.988  1.00 32.05 ? 36  TYR A HA   1 
ATOM   217  H HB2  . TYR A 1 15  ? -0.483  -1.890  -7.229  1.00 39.82 ? 36  TYR A HB2  1 
ATOM   218  H HB3  . TYR A 1 15  ? 0.607   -0.880  -7.784  1.00 39.82 ? 36  TYR A HB3  1 
ATOM   219  H HD1  . TYR A 1 15  ? -0.082  1.347   -8.530  1.00 38.28 ? 36  TYR A HD1  1 
ATOM   220  H HD2  . TYR A 1 15  ? -2.792  -1.186  -7.043  1.00 35.27 ? 36  TYR A HD2  1 
ATOM   221  H HE1  . TYR A 1 15  ? -1.599  3.076   -8.347  1.00 38.11 ? 36  TYR A HE1  1 
ATOM   222  H HE2  . TYR A 1 15  ? -4.307  0.537   -6.859  1.00 33.72 ? 36  TYR A HE2  1 
ATOM   223  H HH   . TYR A 1 15  ? -4.734  2.699   -7.156  1.00 40.63 ? 36  TYR A HH   1 
ATOM   224  N N    . PHE A 1 16  ? 1.985   -2.517  -9.857  1.00 31.97 ? 37  PHE A N    1 
ATOM   225  C CA   . PHE A 1 16  ? 3.201   -3.319  -9.882  1.00 21.67 ? 37  PHE A CA   1 
ATOM   226  C C    . PHE A 1 16  ? 4.268   -2.598  -9.076  1.00 27.53 ? 37  PHE A C    1 
ATOM   227  O O    . PHE A 1 16  ? 4.401   -1.373  -9.171  1.00 25.33 ? 37  PHE A O    1 
ATOM   228  C CB   . PHE A 1 16  ? 3.718   -3.545  -11.309 1.00 33.33 ? 37  PHE A CB   1 
ATOM   229  C CG   . PHE A 1 16  ? 2.821   -4.392  -12.171 1.00 31.68 ? 37  PHE A CG   1 
ATOM   230  C CD1  . PHE A 1 16  ? 1.543   -3.974  -12.500 1.00 32.51 ? 37  PHE A CD1  1 
ATOM   231  C CD2  . PHE A 1 16  ? 3.280   -5.593  -12.685 1.00 35.98 ? 37  PHE A CD2  1 
ATOM   232  C CE1  . PHE A 1 16  ? 0.730   -4.752  -13.311 1.00 40.35 ? 37  PHE A CE1  1 
ATOM   233  C CE2  . PHE A 1 16  ? 2.473   -6.373  -13.495 1.00 39.89 ? 37  PHE A CE2  1 
ATOM   234  C CZ   . PHE A 1 16  ? 1.198   -5.949  -13.809 1.00 39.42 ? 37  PHE A CZ   1 
ATOM   235  H H    . PHE A 1 16  ? 2.082   -1.734  -10.201 1.00 38.48 ? 37  PHE A H    1 
ATOM   236  H HA   . PHE A 1 16  ? 3.032   -4.182  -9.472  1.00 26.11 ? 37  PHE A HA   1 
ATOM   237  H HB2  . PHE A 1 16  ? 3.815   -2.683  -11.744 1.00 40.11 ? 37  PHE A HB2  1 
ATOM   238  H HB3  . PHE A 1 16  ? 4.580   -3.985  -11.260 1.00 40.11 ? 37  PHE A HB3  1 
ATOM   239  H HD1  . PHE A 1 16  ? 1.223   -3.165  -12.169 1.00 39.12 ? 37  PHE A HD1  1 
ATOM   240  H HD2  . PHE A 1 16  ? 4.139   -5.883  -12.478 1.00 43.29 ? 37  PHE A HD2  1 
ATOM   241  H HE1  . PHE A 1 16  ? -0.129  -4.466  -13.521 1.00 48.53 ? 37  PHE A HE1  1 
ATOM   242  H HE2  . PHE A 1 16  ? 2.790   -7.181  -13.828 1.00 47.98 ? 37  PHE A HE2  1 
ATOM   243  H HZ   . PHE A 1 16  ? 0.652   -6.473  -14.350 1.00 47.42 ? 37  PHE A HZ   1 
ATOM   244  N N    . THR A 1 17  ? 5.034   -3.348  -8.284  1.00 25.98 ? 38  THR A N    1 
ATOM   245  C CA   . THR A 1 17  ? 6.108   -2.716  -7.529  1.00 27.35 ? 38  THR A CA   1 
ATOM   246  C C    . THR A 1 17  ? 7.112   -3.774  -7.099  1.00 27.96 ? 38  THR A C    1 
ATOM   247  O O    . THR A 1 17  ? 6.836   -4.971  -7.149  1.00 32.40 ? 38  THR A O    1 
ATOM   248  C CB   . THR A 1 17  ? 5.562   -1.952  -6.314  1.00 29.68 ? 38  THR A CB   1 
ATOM   249  O OG1  . THR A 1 17  ? 6.598   -1.138  -5.745  1.00 28.49 ? 38  THR A OG1  1 
ATOM   250  C CG2  . THR A 1 17  ? 5.026   -2.904  -5.257  1.00 26.92 ? 38  THR A CG2  1 
ATOM   251  H H    . THR A 1 17  ? 4.956   -4.198  -8.171  1.00 31.29 ? 38  THR A H    1 
ATOM   252  H HA   . THR A 1 17  ? 6.566   -2.081  -8.101  1.00 32.93 ? 38  THR A HA   1 
ATOM   253  H HB   . THR A 1 17  ? 4.833   -1.380  -6.601  1.00 35.72 ? 38  THR A HB   1 
ATOM   254  H HG1  . THR A 1 17  ? 6.301   -0.719  -5.080  1.00 34.30 ? 38  THR A HG1  1 
ATOM   255  H HG21 . THR A 1 17  ? 4.687   -2.402  -4.500  1.00 32.41 ? 38  THR A HG21 1 
ATOM   256  H HG22 . THR A 1 17  ? 4.307   -3.440  -5.627  1.00 32.41 ? 38  THR A HG22 1 
ATOM   257  H HG23 . THR A 1 17  ? 5.734   -3.494  -4.953  1.00 32.41 ? 38  THR A HG23 1 
ATOM   258  N N    . ARG A 1 18  ? 8.288   -3.317  -6.686  1.00 25.55 ? 39  ARG A N    1 
ATOM   259  C CA   . ARG A 1 18  ? 9.291   -4.239  -6.182  1.00 27.97 ? 39  ARG A CA   1 
ATOM   260  C C    . ARG A 1 18  ? 8.876   -4.779  -4.818  1.00 30.32 ? 39  ARG A C    1 
ATOM   261  O O    . ARG A 1 18  ? 8.222   -4.097  -4.025  1.00 28.96 ? 39  ARG A O    1 
ATOM   262  C CB   . ARG A 1 18  ? 10.648  -3.549  -6.087  1.00 33.15 ? 39  ARG A CB   1 
ATOM   263  C CG   . ARG A 1 18  ? 11.286  -3.249  -7.438  1.00 41.54 ? 39  ARG A CG   1 
ATOM   264  C CD   . ARG A 1 18  ? 12.538  -2.405  -7.271  1.00 35.59 ? 39  ARG A CD   1 
ATOM   265  N NE   . ARG A 1 18  ? 12.230  -1.078  -6.751  1.00 40.81 ? 39  ARG A NE   1 
ATOM   266  C CZ   . ARG A 1 18  ? 13.138  -0.212  -6.308  1.00 51.17 ? 39  ARG A CZ   1 
ATOM   267  N NH1  . ARG A 1 18  ? 12.758  0.976   -5.855  1.00 39.15 ? 39  ARG A NH1  1 
ATOM   268  N NH2  . ARG A 1 18  ? 14.426  -0.530  -6.312  1.00 45.51 ? 39  ARG A NH2  1 
ATOM   269  H H    . ARG A 1 18  ? 8.526   -2.491  -6.687  1.00 30.78 ? 39  ARG A H    1 
ATOM   270  H HA   . ARG A 1 18  ? 9.374   -4.989  -6.793  1.00 33.67 ? 39  ARG A HA   1 
ATOM   271  H HB2  . ARG A 1 18  ? 10.537  -2.707  -5.618  1.00 39.89 ? 39  ARG A HB2  1 
ATOM   272  H HB3  . ARG A 1 18  ? 11.255  -4.121  -5.593  1.00 39.89 ? 39  ARG A HB3  1 
ATOM   273  H HG2  . ARG A 1 18  ? 11.534  -4.081  -7.869  1.00 49.96 ? 39  ARG A HG2  1 
ATOM   274  H HG3  . ARG A 1 18  ? 10.657  -2.757  -7.988  1.00 49.96 ? 39  ARG A HG3  1 
ATOM   275  H HD2  . ARG A 1 18  ? 13.138  -2.843  -6.649  1.00 42.82 ? 39  ARG A HD2  1 
ATOM   276  H HD3  . ARG A 1 18  ? 12.970  -2.300  -8.135  1.00 42.82 ? 39  ARG A HD3  1 
ATOM   277  H HE   . ARG A 1 18  ? 11.404  -0.838  -6.729  1.00 49.08 ? 39  ARG A HE   1 
ATOM   278  H HH11 . ARG A 1 18  ? 11.925  1.188   -5.848  1.00 47.10 ? 39  ARG A HH11 1 
ATOM   279  H HH12 . ARG A 1 18  ? 13.346  1.534   -5.567  1.00 47.10 ? 39  ARG A HH12 1 
ATOM   280  H HH21 . ARG A 1 18  ? 14.678  -1.299  -6.605  1.00 54.72 ? 39  ARG A HH21 1 
ATOM   281  H HH22 . ARG A 1 18  ? 15.009  0.031   -6.025  1.00 54.72 ? 39  ARG A HH22 1 
ATOM   282  N N    . HIS A 1 19  ? 9.253   -6.030  -4.553  1.00 30.60 ? 40  HIS A N    1 
ATOM   283  C CA   . HIS A 1 19  ? 8.961   -6.620  -3.251  1.00 29.23 ? 40  HIS A CA   1 
ATOM   284  C C    . HIS A 1 19  ? 9.636   -5.837  -2.132  1.00 29.08 ? 40  HIS A C    1 
ATOM   285  O O    . HIS A 1 19  ? 9.071   -5.677  -1.043  1.00 28.14 ? 40  HIS A O    1 
ATOM   286  C CB   . HIS A 1 19  ? 9.405   -8.082  -3.225  1.00 30.68 ? 40  HIS A CB   1 
ATOM   287  C CG   . HIS A 1 19  ? 9.314   -8.709  -1.869  1.00 33.54 ? 40  HIS A CG   1 
ATOM   288  N ND1  . HIS A 1 19  ? 10.394  -8.803  -1.020  1.00 32.33 ? 40  HIS A ND1  1 
ATOM   289  C CD2  . HIS A 1 19  ? 8.267   -9.257  -1.210  1.00 31.58 ? 40  HIS A CD2  1 
ATOM   290  C CE1  . HIS A 1 19  ? 10.018  -9.391  0.101   1.00 33.81 ? 40  HIS A CE1  1 
ATOM   291  N NE2  . HIS A 1 19  ? 8.732   -9.676  0.012   1.00 34.58 ? 40  HIS A NE2  1 
ATOM   292  H H    . HIS A 1 19  ? 9.671   -6.548  -5.098  1.00 36.83 ? 40  HIS A H    1 
ATOM   293  H HA   . HIS A 1 19  ? 8.003   -6.595  -3.100  1.00 35.19 ? 40  HIS A HA   1 
ATOM   294  H HB2  . HIS A 1 19  ? 8.842   -8.591  -3.827  1.00 36.93 ? 40  HIS A HB2  1 
ATOM   295  H HB3  . HIS A 1 19  ? 10.329  -8.134  -3.515  1.00 36.93 ? 40  HIS A HB3  1 
ATOM   296  H HD2  . HIS A 1 19  ? 7.396   -9.338  -1.526  1.00 38.01 ? 40  HIS A HD2  1 
ATOM   297  H HE1  . HIS A 1 19  ? 10.567  -9.572  0.831   1.00 40.68 ? 40  HIS A HE1  1 
ATOM   298  H HE2  . HIS A 1 19  ? 8.263   -10.062 0.621   1.00 41.61 ? 40  HIS A HE2  1 
ATOM   299  N N    . SER A 1 20  ? 10.848  -5.341  -2.381  1.00 26.28 ? 41  SER A N    1 
ATOM   300  C CA   . SER A 1 20  ? 11.538  -4.536  -1.381  1.00 27.36 ? 41  SER A CA   1 
ATOM   301  C C    . SER A 1 20  ? 10.763  -3.267  -1.039  1.00 31.47 ? 41  SER A C    1 
ATOM   302  O O    . SER A 1 20  ? 10.842  -2.780  0.097   1.00 27.50 ? 41  SER A O    1 
ATOM   303  C CB   . SER A 1 20  ? 12.943  -4.194  -1.878  1.00 29.16 ? 41  SER A CB   1 
ATOM   304  O OG   . SER A 1 20  ? 12.922  -3.817  -3.243  1.00 33.01 ? 41  SER A OG   1 
ATOM   305  H H    . SER A 1 20  ? 11.286  -5.457  -3.112  1.00 31.65 ? 41  SER A H    1 
ATOM   306  H HA   . SER A 1 20  ? 11.629  -5.058  -0.567  1.00 32.94 ? 41  SER A HA   1 
ATOM   307  H HB2  . SER A 1 20  ? 13.291  -3.456  -1.353  1.00 35.11 ? 41  SER A HB2  1 
ATOM   308  H HB3  . SER A 1 20  ? 13.512  -4.972  -1.774  1.00 35.11 ? 41  SER A HB3  1 
ATOM   309  H HG   . SER A 1 20  ? 12.433  -3.143  -3.348  1.00 39.73 ? 41  SER A HG   1 
ATOM   310  N N    . THR A 1 21  ? 10.016  -2.710  -1.999  1.00 28.76 ? 42  THR A N    1 
ATOM   311  C CA   . THR A 1 21  ? 9.201   -1.535  -1.698  1.00 30.83 ? 42  THR A CA   1 
ATOM   312  C C    . THR A 1 21  ? 8.086   -1.868  -0.713  1.00 30.97 ? 42  THR A C    1 
ATOM   313  O O    . THR A 1 21  ? 7.697   -1.014  0.092   1.00 29.81 ? 42  THR A O    1 
ATOM   314  C CB   . THR A 1 21  ? 8.603   -0.952  -2.981  1.00 30.29 ? 42  THR A CB   1 
ATOM   315  O OG1  . THR A 1 21  ? 9.649   -0.643  -3.910  1.00 31.43 ? 42  THR A OG1  1 
ATOM   316  C CG2  . THR A 1 21  ? 7.816   0.322   -2.680  1.00 28.67 ? 42  THR A CG2  1 
ATOM   317  H H    . THR A 1 21  ? 9.966   -2.987  -2.811  1.00 34.62 ? 42  THR A H    1 
ATOM   318  H HA   . THR A 1 21  ? 9.764   -0.856  -1.295  1.00 37.10 ? 42  THR A HA   1 
ATOM   319  H HB   . THR A 1 21  ? 8.000   -1.598  -3.379  1.00 36.46 ? 42  THR A HB   1 
ATOM   320  H HG1  . THR A 1 21  ? 10.175  -0.081  -3.574  1.00 37.83 ? 42  THR A HG1  1 
ATOM   321  H HG21 . THR A 1 21  ? 7.442   0.681   -3.501  1.00 34.52 ? 42  THR A HG21 1 
ATOM   322  H HG22 . THR A 1 21  ? 7.093   0.127   -2.064  1.00 34.52 ? 42  THR A HG22 1 
ATOM   323  H HG23 . THR A 1 21  ? 8.399   0.986   -2.282  1.00 34.52 ? 42  THR A HG23 1 
ATOM   324  N N    . LEU A 1 22  ? 7.562   -3.093  -0.762  1.00 27.35 ? 43  LEU A N    1 
ATOM   325  C CA   . LEU A 1 22  ? 6.463   -3.470  0.122   1.00 29.52 ? 43  LEU A CA   1 
ATOM   326  C C    . LEU A 1 22  ? 6.931   -3.696  1.556   1.00 30.96 ? 43  LEU A C    1 
ATOM   327  O O    . LEU A 1 22  ? 6.135   -3.548  2.491   1.00 26.45 ? 43  LEU A O    1 
ATOM   328  C CB   . LEU A 1 22  ? 5.770   -4.722  -0.422  1.00 27.37 ? 43  LEU A CB   1 
ATOM   329  C CG   . LEU A 1 22  ? 5.002   -4.513  -1.731  1.00 31.27 ? 43  LEU A CG   1 
ATOM   330  C CD1  . LEU A 1 22  ? 4.577   -5.842  -2.335  1.00 32.63 ? 43  LEU A CD1  1 
ATOM   331  C CD2  . LEU A 1 22  ? 3.783   -3.631  -1.506  1.00 28.20 ? 43  LEU A CD2  1 
ATOM   332  H H    . LEU A 1 22  ? 7.823   -3.717  -1.292  1.00 32.93 ? 43  LEU A H    1 
ATOM   333  H HA   . LEU A 1 22  ? 5.812   -2.751  0.132   1.00 35.54 ? 43  LEU A HA   1 
ATOM   334  H HB2  . LEU A 1 22  ? 6.442   -5.402  -0.583  1.00 32.95 ? 43  LEU A HB2  1 
ATOM   335  H HB3  . LEU A 1 22  ? 5.137   -5.038  0.242   1.00 32.95 ? 43  LEU A HB3  1 
ATOM   336  H HG   . LEU A 1 22  ? 5.581   -4.067  -2.368  1.00 37.63 ? 43  LEU A HG   1 
ATOM   337  H HD11 . LEU A 1 22  ? 4.095   -5.673  -3.160  1.00 39.27 ? 43  LEU A HD11 1 
ATOM   338  H HD12 . LEU A 1 22  ? 5.369   -6.372  -2.517  1.00 39.27 ? 43  LEU A HD12 1 
ATOM   339  H HD13 . LEU A 1 22  ? 4.004   -6.306  -1.706  1.00 39.27 ? 43  LEU A HD13 1 
ATOM   340  H HD21 . LEU A 1 22  ? 3.316   -3.516  -2.349  1.00 33.95 ? 43  LEU A HD21 1 
ATOM   341  H HD22 . LEU A 1 22  ? 3.198   -4.058  -0.860  1.00 33.95 ? 43  LEU A HD22 1 
ATOM   342  H HD23 . LEU A 1 22  ? 4.075   -2.769  -1.169  1.00 33.95 ? 43  LEU A HD23 1 
ATOM   343  N N    . ILE A 1 23  ? 8.200   -4.056  1.757   1.00 24.56 ? 44  ILE A N    1 
ATOM   344  C CA   . ILE A 1 23  ? 8.733   -4.208  3.109   1.00 34.76 ? 44  ILE A CA   1 
ATOM   345  C C    . ILE A 1 23  ? 9.612   -3.003  3.429   1.00 27.79 ? 44  ILE A C    1 
ATOM   346  O O    . ILE A 1 23  ? 10.652  -3.127  4.086   1.00 28.71 ? 44  ILE A O    1 
ATOM   347  C CB   . ILE A 1 23  ? 9.503   -5.533  3.266   1.00 26.11 ? 44  ILE A CB   1 
ATOM   348  C CG1  . ILE A 1 23  ? 10.696  -5.589  2.309   1.00 30.90 ? 44  ILE A CG1  1 
ATOM   349  C CG2  . ILE A 1 23  ? 8.562   -6.710  3.016   1.00 25.76 ? 44  ILE A CG2  1 
ATOM   350  C CD1  . ILE A 1 23  ? 11.620  -6.745  2.568   1.00 32.09 ? 44  ILE A CD1  1 
ATOM   351  H H    . ILE A 1 23  ? 8.768   -4.215  1.131   1.00 29.58 ? 44  ILE A H    1 
ATOM   352  H HA   . ILE A 1 23  ? 7.996   -4.214  3.740   1.00 41.83 ? 44  ILE A HA   1 
ATOM   353  H HB   . ILE A 1 23  ? 9.835   -5.592  4.176   1.00 31.44 ? 44  ILE A HB   1 
ATOM   354  H HG12 . ILE A 1 23  ? 10.364  -5.670  1.401   1.00 37.19 ? 44  ILE A HG12 1 
ATOM   355  H HG13 . ILE A 1 23  ? 11.209  -4.771  2.401   1.00 37.19 ? 44  ILE A HG13 1 
ATOM   356  H HG21 . ILE A 1 23  ? 9.058   -7.537  3.117   1.00 31.03 ? 44  ILE A HG21 1 
ATOM   357  H HG22 . ILE A 1 23  ? 7.838   -6.677  3.659   1.00 31.03 ? 44  ILE A HG22 1 
ATOM   358  H HG23 . ILE A 1 23  ? 8.208   -6.644  2.115   1.00 31.03 ? 44  ILE A HG23 1 
ATOM   359  H HD11 . ILE A 1 23  ? 12.347  -6.716  1.927   1.00 38.62 ? 44  ILE A HD11 1 
ATOM   360  H HD12 . ILE A 1 23  ? 11.969  -6.674  3.470   1.00 38.62 ? 44  ILE A HD12 1 
ATOM   361  H HD13 . ILE A 1 23  ? 11.124  -7.573  2.470   1.00 38.62 ? 44  ILE A HD13 1 
ATOM   362  N N    . SER A 1 24  ? 9.181   -1.826  2.983   1.00 31.45 ? 45  SER A N    1 
ATOM   363  C CA   . SER A 1 24  ? 9.999   -0.626  3.083   1.00 32.27 ? 45  SER A CA   1 
ATOM   364  C C    . SER A 1 24  ? 9.943   0.002   4.471   1.00 34.49 ? 45  SER A C    1 
ATOM   365  O O    . SER A 1 24  ? 10.946  0.560   4.931   1.00 29.34 ? 45  SER A O    1 
ATOM   366  C CB   . SER A 1 24  ? 9.548   0.387   2.027   1.00 29.68 ? 45  SER A CB   1 
ATOM   367  O OG   . SER A 1 24  ? 10.349  1.554   2.052   1.00 52.17 ? 45  SER A OG   1 
ATOM   368  H H    . SER A 1 24  ? 8.413   -1.697  2.617   1.00 37.86 ? 45  SER A H    1 
ATOM   369  H HA   . SER A 1 24  ? 10.922  -0.859  2.899   1.00 38.83 ? 45  SER A HA   1 
ATOM   370  H HB2  . SER A 1 24  ? 9.618   -0.022  1.150   1.00 35.72 ? 45  SER A HB2  1 
ATOM   371  H HB3  . SER A 1 24  ? 8.627   0.636   2.203   1.00 35.72 ? 45  SER A HB3  1 
ATOM   372  H HG   . SER A 1 24  ? 11.150  1.356   1.899   1.00 62.72 ? 45  SER A HG   1 
ATOM   373  N N    . ILE A 1 25  ? 8.798   -0.069  5.143   1.00 24.99 ? 46  ILE A N    1 
ATOM   374  C CA   . ILE A 1 25  ? 8.603   0.548   6.448   1.00 28.72 ? 46  ILE A CA   1 
ATOM   375  C C    . ILE A 1 25  ? 8.540   -0.574  7.484   1.00 33.20 ? 46  ILE A C    1 
ATOM   376  O O    . ILE A 1 25  ? 7.546   -1.314  7.533   1.00 32.29 ? 46  ILE A O    1 
ATOM   377  C CB   . ILE A 1 25  ? 7.337   1.416   6.482   1.00 28.94 ? 46  ILE A CB   1 
ATOM   378  C CG1  . ILE A 1 25  ? 7.613   2.789   5.859   1.00 31.80 ? 46  ILE A CG1  1 
ATOM   379  C CG2  . ILE A 1 25  ? 6.855   1.641   7.911   1.00 27.19 ? 46  ILE A CG2  1 
ATOM   380  C CD1  . ILE A 1 25  ? 7.915   2.775   4.391   1.00 40.26 ? 46  ILE A CD1  1 
ATOM   381  H H    . ILE A 1 25  ? 8.101   -0.481  4.853   1.00 30.09 ? 46  ILE A H    1 
ATOM   382  H HA   . ILE A 1 25  ? 9.364   1.111   6.654   1.00 34.57 ? 46  ILE A HA   1 
ATOM   383  H HB   . ILE A 1 25  ? 6.636   0.974   5.977   1.00 34.84 ? 46  ILE A HB   1 
ATOM   384  H HG12 . ILE A 1 25  ? 6.831   3.349   5.991   1.00 38.28 ? 46  ILE A HG12 1 
ATOM   385  H HG13 . ILE A 1 25  ? 8.375   3.184   6.311   1.00 38.28 ? 46  ILE A HG13 1 
ATOM   386  H HG21 . ILE A 1 25  ? 6.057   2.192   7.891   1.00 32.74 ? 46  ILE A HG21 1 
ATOM   387  H HG22 . ILE A 1 25  ? 6.655   0.781   8.315   1.00 32.74 ? 46  ILE A HG22 1 
ATOM   388  H HG23 . ILE A 1 25  ? 7.554   2.088   8.413   1.00 32.74 ? 46  ILE A HG23 1 
ATOM   389  H HD11 . ILE A 1 25  ? 8.075   3.683   4.094   1.00 48.42 ? 46  ILE A HD11 1 
ATOM   390  H HD12 . ILE A 1 25  ? 8.706   2.233   4.238   1.00 48.42 ? 46  ILE A HD12 1 
ATOM   391  H HD13 . ILE A 1 25  ? 7.158   2.398   3.917   1.00 48.42 ? 46  ILE A HD13 1 
ATOM   392  N N    . PRO A 1 26  ? 9.557   -0.738  8.329   1.00 36.96 ? 47  PRO A N    1 
ATOM   393  C CA   . PRO A 1 26  ? 9.520   -1.826  9.310   1.00 35.55 ? 47  PRO A CA   1 
ATOM   394  C C    . PRO A 1 26  ? 8.283   -1.750  10.193  1.00 34.63 ? 47  PRO A C    1 
ATOM   395  O O    . PRO A 1 26  ? 7.830   -0.669  10.577  1.00 34.66 ? 47  PRO A O    1 
ATOM   396  C CB   . PRO A 1 26  ? 10.803  -1.616  10.120  1.00 37.19 ? 47  PRO A CB   1 
ATOM   397  C CG   . PRO A 1 26  ? 11.709  -0.890  9.205   1.00 45.74 ? 47  PRO A CG   1 
ATOM   398  C CD   . PRO A 1 26  ? 10.826  0.007   8.390   1.00 36.67 ? 47  PRO A CD   1 
ATOM   399  H HA   . PRO A 1 26  ? 9.552   -2.688  8.867   1.00 42.77 ? 47  PRO A HA   1 
ATOM   400  H HB2  . PRO A 1 26  ? 10.611  -1.085  10.908  1.00 44.73 ? 47  PRO A HB2  1 
ATOM   401  H HB3  . PRO A 1 26  ? 11.180  -2.476  10.368  1.00 44.73 ? 47  PRO A HB3  1 
ATOM   402  H HG2  . PRO A 1 26  ? 12.343  -0.369  9.720   1.00 55.00 ? 47  PRO A HG2  1 
ATOM   403  H HG3  . PRO A 1 26  ? 12.171  -1.524  8.634   1.00 55.00 ? 47  PRO A HG3  1 
ATOM   404  H HD2  . PRO A 1 26  ? 10.700  0.858   8.841   1.00 44.11 ? 47  PRO A HD2  1 
ATOM   405  H HD3  . PRO A 1 26  ? 11.192  0.127   7.500   1.00 44.11 ? 47  PRO A HD3  1 
ATOM   406  N N    . HIS A 1 27  ? 7.742   -2.924  10.508  1.00 30.84 ? 48  HIS A N    1 
ATOM   407  C CA   . HIS A 1 27  ? 6.622   -3.110  11.424  1.00 34.79 ? 48  HIS A CA   1 
ATOM   408  C C    . HIS A 1 27  ? 5.300   -2.588  10.877  1.00 34.57 ? 48  HIS A C    1 
ATOM   409  O O    . HIS A 1 27  ? 4.346   -2.427  11.646  1.00 35.36 ? 48  HIS A O    1 
ATOM   410  C CB   . HIS A 1 27  ? 6.912   -2.460  12.778  1.00 38.63 ? 48  HIS A CB   1 
ATOM   411  C CG   . HIS A 1 27  ? 8.229   -2.867  13.359  1.00 42.15 ? 48  HIS A CG   1 
ATOM   412  N ND1  . HIS A 1 27  ? 8.498   -4.161  13.751  1.00 46.01 ? 48  HIS A ND1  1 
ATOM   413  C CD2  . HIS A 1 27  ? 9.358   -2.160  13.594  1.00 39.97 ? 48  HIS A CD2  1 
ATOM   414  C CE1  . HIS A 1 27  ? 9.733   -4.230  14.214  1.00 40.67 ? 48  HIS A CE1  1 
ATOM   415  N NE2  . HIS A 1 27  ? 10.277  -3.029  14.131  1.00 41.74 ? 48  HIS A NE2  1 
ATOM   416  H H    . HIS A 1 27  ? 8.024   -3.667  10.182  1.00 37.11 ? 48  HIS A H    1 
ATOM   417  H HA   . HIS A 1 27  ? 6.514   -4.061  11.578  1.00 41.86 ? 48  HIS A HA   1 
ATOM   418  H HB2  . HIS A 1 27  ? 6.919   -1.496  12.669  1.00 46.47 ? 48  HIS A HB2  1 
ATOM   419  H HB3  . HIS A 1 27  ? 6.217   -2.715  13.404  1.00 46.47 ? 48  HIS A HB3  1 
ATOM   420  H HD2  . HIS A 1 27  ? 9.486   -1.253  13.431  1.00 48.08 ? 48  HIS A HD2  1 
ATOM   421  H HE1  . HIS A 1 27  ? 10.150  -4.994  14.543  1.00 48.92 ? 48  HIS A HE1  1 
ATOM   422  H HE2  . HIS A 1 27  ? 11.077  -2.826  14.372  1.00 50.20 ? 48  HIS A HE2  1 
ATOM   423  N N    . SER A 1 28  ? 5.210   -2.323  9.578   1.00 32.88 ? 49  SER A N    1 
ATOM   424  C CA   . SER A 1 28  ? 3.950   -1.950  8.955   1.00 36.08 ? 49  SER A CA   1 
ATOM   425  C C    . SER A 1 28  ? 3.206   -3.205  8.512   1.00 29.84 ? 49  SER A C    1 
ATOM   426  O O    . SER A 1 28  ? 3.752   -4.309  8.499   1.00 29.09 ? 49  SER A O    1 
ATOM   427  C CB   . SER A 1 28  ? 4.190   -1.021  7.761   1.00 31.46 ? 49  SER A CB   1 
ATOM   428  O OG   . SER A 1 28  ? 4.794   -1.711  6.680   1.00 33.33 ? 49  SER A OG   1 
ATOM   429  H H    . SER A 1 28  ? 5.873   -2.353  9.031   1.00 39.56 ? 49  SER A H    1 
ATOM   430  H HA   . SER A 1 28  ? 3.399   -1.480  9.600   1.00 43.41 ? 49  SER A HA   1 
ATOM   431  H HB2  . SER A 1 28  ? 3.338   -0.662  7.468   1.00 37.86 ? 49  SER A HB2  1 
ATOM   432  H HB3  . SER A 1 28  ? 4.774   -0.298  8.039   1.00 37.86 ? 49  SER A HB3  1 
ATOM   433  H HG   . SER A 1 28  ? 5.535   -2.026  6.921   1.00 40.10 ? 49  SER A HG   1 
ATOM   434  N N    . LEU A 1 29  ? 1.937   -3.032  8.141   1.00 27.83 ? 50  LEU A N    1 
ATOM   435  C CA   . LEU A 1 29  ? 1.128   -4.184  7.755   1.00 31.75 ? 50  LEU A CA   1 
ATOM   436  C C    . LEU A 1 29  ? 1.729   -4.889  6.546   1.00 28.65 ? 50  LEU A C    1 
ATOM   437  O O    . LEU A 1 29  ? 1.884   -6.115  6.541   1.00 34.30 ? 50  LEU A O    1 
ATOM   438  C CB   . LEU A 1 29  ? -0.314  -3.756  7.469   1.00 31.70 ? 50  LEU A CB   1 
ATOM   439  C CG   . LEU A 1 29  ? -1.291  -4.918  7.260   1.00 38.15 ? 50  LEU A CG   1 
ATOM   440  C CD1  . LEU A 1 29  ? -1.481  -5.713  8.549   1.00 35.17 ? 50  LEU A CD1  1 
ATOM   441  C CD2  . LEU A 1 29  ? -2.633  -4.430  6.731   1.00 30.98 ? 50  LEU A CD2  1 
ATOM   442  H H    . LEU A 1 29  ? 1.529   -2.275  8.105   1.00 33.50 ? 50  LEU A H    1 
ATOM   443  H HA   . LEU A 1 29  ? 1.111   -4.817  8.490   1.00 38.21 ? 50  LEU A HA   1 
ATOM   444  H HB2  . LEU A 1 29  ? -0.637  -3.231  8.218   1.00 38.15 ? 50  LEU A HB2  1 
ATOM   445  H HB3  . LEU A 1 29  ? -0.323  -3.215  6.663   1.00 38.15 ? 50  LEU A HB3  1 
ATOM   446  H HG   . LEU A 1 29  ? -0.918  -5.520  6.597   1.00 45.89 ? 50  LEU A HG   1 
ATOM   447  H HD11 . LEU A 1 29  ? -2.103  -6.438  8.383   1.00 42.31 ? 50  LEU A HD11 1 
ATOM   448  H HD12 . LEU A 1 29  ? -0.623  -6.068  8.829   1.00 42.31 ? 50  LEU A HD12 1 
ATOM   449  H HD13 . LEU A 1 29  ? -1.834  -5.123  9.234   1.00 42.31 ? 50  LEU A HD13 1 
ATOM   450  H HD21 . LEU A 1 29  ? -3.222  -5.191  6.613   1.00 37.29 ? 50  LEU A HD21 1 
ATOM   451  H HD22 . LEU A 1 29  ? -3.018  -3.810  7.372   1.00 37.29 ? 50  LEU A HD22 1 
ATOM   452  H HD23 . LEU A 1 29  ? -2.494  -3.982  5.881   1.00 37.29 ? 50  LEU A HD23 1 
ATOM   453  N N    . LEU A 1 30  ? 2.086   -4.126  5.511   1.00 29.57 ? 51  LEU A N    1 
ATOM   454  C CA   . LEU A 1 30  ? 2.684   -4.724  4.320   1.00 29.46 ? 51  LEU A CA   1 
ATOM   455  C C    . LEU A 1 30  ? 4.019   -5.384  4.635   1.00 31.83 ? 51  LEU A C    1 
ATOM   456  O O    . LEU A 1 30  ? 4.383   -6.389  4.009   1.00 29.50 ? 51  LEU A O    1 
ATOM   457  C CB   . LEU A 1 30  ? 2.863   -3.660  3.241   1.00 33.46 ? 51  LEU A CB   1 
ATOM   458  C CG   . LEU A 1 30  ? 1.566   -3.015  2.750   1.00 29.51 ? 51  LEU A CG   1 
ATOM   459  C CD1  . LEU A 1 30  ? 1.885   -1.788  1.921   1.00 30.98 ? 51  LEU A CD1  1 
ATOM   460  C CD2  . LEU A 1 30  ? 0.746   -4.013  1.941   1.00 36.68 ? 51  LEU A CD2  1 
ATOM   461  H H    . LEU A 1 30  ? 1.994   -3.271  5.474   1.00 35.59 ? 51  LEU A H    1 
ATOM   462  H HA   . LEU A 1 30  ? 2.086   -5.405  3.974   1.00 35.46 ? 51  LEU A HA   1 
ATOM   463  H HB2  . LEU A 1 30  ? 3.425   -2.953  3.595   1.00 40.27 ? 51  LEU A HB2  1 
ATOM   464  H HB3  . LEU A 1 30  ? 3.296   -4.067  2.475   1.00 40.27 ? 51  LEU A HB3  1 
ATOM   465  H HG   . LEU A 1 30  ? 1.038   -2.737  3.514   1.00 35.52 ? 51  LEU A HG   1 
ATOM   466  H HD11 . LEU A 1 30  ? 1.056   -1.388  1.615   1.00 37.29 ? 51  LEU A HD11 1 
ATOM   467  H HD12 . LEU A 1 30  ? 2.375   -1.155  2.469   1.00 37.29 ? 51  LEU A HD12 1 
ATOM   468  H HD13 . LEU A 1 30  ? 2.426   -2.053  1.160   1.00 37.29 ? 51  LEU A HD13 1 
ATOM   469  H HD21 . LEU A 1 30  ? -0.069  -3.581  1.641   1.00 44.13 ? 51  LEU A HD21 1 
ATOM   470  H HD22 . LEU A 1 30  ? 1.268   -4.303  1.176   1.00 44.13 ? 51  LEU A HD22 1 
ATOM   471  H HD23 . LEU A 1 30  ? 0.530   -4.773  2.503   1.00 44.13 ? 51  LEU A HD23 1 
ATOM   472  N N    . TRP A 1 31  ? 4.761   -4.825  5.591   1.00 27.03 ? 52  TRP A N    1 
ATOM   473  C CA   . TRP A 1 31  ? 5.994   -5.451  6.051   1.00 24.95 ? 52  TRP A CA   1 
ATOM   474  C C    . TRP A 1 31  ? 5.730   -6.859  6.573   1.00 34.41 ? 52  TRP A C    1 
ATOM   475  O O    . TRP A 1 31  ? 6.484   -7.792  6.270   1.00 26.12 ? 52  TRP A O    1 
ATOM   476  C CB   . TRP A 1 31  ? 6.624   -4.561  7.123   1.00 33.74 ? 52  TRP A CB   1 
ATOM   477  C CG   . TRP A 1 31  ? 7.955   -4.990  7.628   1.00 33.01 ? 52  TRP A CG   1 
ATOM   478  C CD1  . TRP A 1 31  ? 9.169   -4.723  7.068   1.00 37.01 ? 52  TRP A CD1  1 
ATOM   479  C CD2  . TRP A 1 31  ? 8.216   -5.730  8.822   1.00 29.51 ? 52  TRP A CD2  1 
ATOM   480  N NE1  . TRP A 1 31  ? 10.172  -5.262  7.836   1.00 42.13 ? 52  TRP A NE1  1 
ATOM   481  C CE2  . TRP A 1 31  ? 9.612   -5.887  8.918   1.00 35.45 ? 52  TRP A CE2  1 
ATOM   482  C CE3  . TRP A 1 31  ? 7.405   -6.279  9.816   1.00 37.23 ? 52  TRP A CE3  1 
ATOM   483  C CZ2  . TRP A 1 31  ? 10.215  -6.574  9.967   1.00 40.74 ? 52  TRP A CZ2  1 
ATOM   484  C CZ3  . TRP A 1 31  ? 8.006   -6.965  10.859  1.00 51.42 ? 52  TRP A CZ3  1 
ATOM   485  C CH2  . TRP A 1 31  ? 9.398   -7.107  10.926  1.00 48.80 ? 52  TRP A CH2  1 
ATOM   486  H H    . TRP A 1 31  ? 4.571   -4.086  5.987   1.00 32.55 ? 52  TRP A H    1 
ATOM   487  H HA   . TRP A 1 31  ? 6.614   -5.515  5.308   1.00 30.06 ? 52  TRP A HA   1 
ATOM   488  H HB2  . TRP A 1 31  ? 6.728   -3.669  6.756   1.00 40.60 ? 52  TRP A HB2  1 
ATOM   489  H HB3  . TRP A 1 31  ? 6.023   -4.529  7.883   1.00 40.60 ? 52  TRP A HB3  1 
ATOM   490  H HD1  . TRP A 1 31  ? 9.298   -4.244  6.281   1.00 44.52 ? 52  TRP A HD1  1 
ATOM   491  H HE1  . TRP A 1 31  ? 11.013  -5.218  7.663   1.00 50.67 ? 52  TRP A HE1  1 
ATOM   492  H HE3  . TRP A 1 31  ? 6.481   -6.191  9.778   1.00 44.79 ? 52  TRP A HE3  1 
ATOM   493  H HZ2  . TRP A 1 31  ? 11.139  -6.671  10.013  1.00 49.00 ? 52  TRP A HZ2  1 
ATOM   494  H HZ3  . TRP A 1 31  ? 7.477   -7.337  11.527  1.00 61.82 ? 52  TRP A HZ3  1 
ATOM   495  H HH2  . TRP A 1 31  ? 9.774   -7.570  11.638  1.00 58.68 ? 52  TRP A HH2  1 
ATOM   496  N N    . LYS A 1 32  ? 4.645   -7.042  7.335   1.00 30.81 ? 53  LYS A N    1 
ATOM   497  C CA   . LYS A 1 32  ? 4.299   -8.379  7.816   1.00 31.68 ? 53  LYS A CA   1 
ATOM   498  C C    . LYS A 1 32  ? 3.797   -9.257  6.680   1.00 27.95 ? 53  LYS A C    1 
ATOM   499  O O    . LYS A 1 32  ? 4.162   -10.433 6.587   1.00 30.63 ? 53  LYS A O    1 
ATOM   500  C CB   . LYS A 1 32  ? 3.220   -8.310  8.896   1.00 24.75 ? 53  LYS A CB   1 
ATOM   501  C CG   . LYS A 1 32  ? 3.403   -7.275  9.976   1.00 40.51 ? 53  LYS A CG   1 
ATOM   502  C CD   . LYS A 1 32  ? 2.035   -6.883  10.528  1.00 45.50 ? 53  LYS A CD   1 
ATOM   503  C CE   . LYS A 1 32  ? 2.108   -5.694  11.460  1.00 42.24 ? 53  LYS A CE   1 
ATOM   504  N NZ   . LYS A 1 32  ? 2.769   -6.045  12.739  1.00 60.79 ? 53  LYS A NZ   1 
ATOM   505  H H    . LYS A 1 32  ? 4.105   -6.420  7.580   1.00 37.08 ? 53  LYS A H    1 
ATOM   506  H HA   . LYS A 1 32  ? 5.087   -8.795  8.198   1.00 38.13 ? 53  LYS A HA   1 
ATOM   507  H HB2  . LYS A 1 32  ? 2.371   -8.125  8.464   1.00 29.82 ? 53  LYS A HB2  1 
ATOM   508  H HB3  . LYS A 1 32  ? 3.175   -9.175  9.333   1.00 29.82 ? 53  LYS A HB3  1 
ATOM   509  H HG2  . LYS A 1 32  ? 3.936   -7.645  10.698  1.00 48.72 ? 53  LYS A HG2  1 
ATOM   510  H HG3  . LYS A 1 32  ? 3.828   -6.486  9.606   1.00 48.72 ? 53  LYS A HG3  1 
ATOM   511  H HD2  . LYS A 1 32  ? 1.450   -6.652  9.790   1.00 54.71 ? 53  LYS A HD2  1 
ATOM   512  H HD3  . LYS A 1 32  ? 1.666   -7.632  11.023  1.00 54.71 ? 53  LYS A HD3  1 
ATOM   513  H HE2  . LYS A 1 32  ? 2.619   -4.988  11.036  1.00 50.80 ? 53  LYS A HE2  1 
ATOM   514  H HE3  . LYS A 1 32  ? 1.208   -5.387  11.657  1.00 50.80 ? 53  LYS A HE3  1 
ATOM   515  H HZ1  . LYS A 1 32  ? 2.801   -5.330  13.270  1.00 73.06 ? 53  LYS A HZ1  1 
ATOM   516  H HZ2  . LYS A 1 32  ? 2.316   -6.690  13.149  1.00 73.06 ? 53  LYS A HZ2  1 
ATOM   517  H HZ3  . LYS A 1 32  ? 3.599   -6.326  12.585  1.00 73.06 ? 53  LYS A HZ3  1 
ATOM   518  N N    . MET A 1 33  ? 2.937   -8.704  5.821   1.00 30.95 ? 54  MET A N    1 
ATOM   519  C CA   . MET A 1 33  ? 2.274   -9.504  4.797   1.00 33.35 ? 54  MET A CA   1 
ATOM   520  C C    . MET A 1 33  ? 3.252   -10.009 3.750   1.00 28.38 ? 54  MET A C    1 
ATOM   521  O O    . MET A 1 33  ? 3.031   -11.073 3.161   1.00 34.62 ? 54  MET A O    1 
ATOM   522  C CB   . MET A 1 33  ? 1.180   -8.684  4.115   1.00 28.46 ? 54  MET A CB   1 
ATOM   523  C CG   . MET A 1 33  ? -0.062  -8.458  4.962   1.00 31.97 ? 54  MET A CG   1 
ATOM   524  S SD   . MET A 1 33  ? -1.191  -7.245  4.235   1.00 44.30 ? 54  MET A SD   1 
ATOM   525  C CE   . MET A 1 33  ? -1.359  -7.865  2.564   1.00 27.19 ? 54  MET A CE   1 
ATOM   526  H H    . MET A 1 33  ? 2.724   -7.871  5.812   1.00 37.25 ? 54  MET A H    1 
ATOM   527  H HA   . MET A 1 33  ? 1.851   -10.267 5.222   1.00 40.13 ? 54  MET A HA   1 
ATOM   528  H HB2  . MET A 1 33  ? 1.541   -7.813  3.887   1.00 34.26 ? 54  MET A HB2  1 
ATOM   529  H HB3  . MET A 1 33  ? 0.905   -9.144  3.307   1.00 34.26 ? 54  MET A HB3  1 
ATOM   530  H HG2  . MET A 1 33  ? -0.540  -9.298  5.051   1.00 38.47 ? 54  MET A HG2  1 
ATOM   531  H HG3  . MET A 1 33  ? 0.206   -8.134  5.836   1.00 38.47 ? 54  MET A HG3  1 
ATOM   532  H HE1  . MET A 1 33  ? -1.955  -7.282  2.069   1.00 32.74 ? 54  MET A HE1  1 
ATOM   533  H HE2  . MET A 1 33  ? -0.485  -7.880  2.144   1.00 32.74 ? 54  MET A HE2  1 
ATOM   534  H HE3  . MET A 1 33  ? -1.725  -8.763  2.595   1.00 32.74 ? 54  MET A HE3  1 
ATOM   535  N N    . PHE A 1 34  ? 4.326   -9.266  3.495   1.00 29.58 ? 55  PHE A N    1 
ATOM   536  C CA   . PHE A 1 34  ? 5.246   -9.591  2.416   1.00 30.09 ? 55  PHE A CA   1 
ATOM   537  C C    . PHE A 1 34  ? 6.660   -9.869  2.903   1.00 27.82 ? 55  PHE A C    1 
ATOM   538  O O    . PHE A 1 34  ? 7.577   -9.946  2.079   1.00 35.37 ? 55  PHE A O    1 
ATOM   539  C CB   . PHE A 1 34  ? 5.262   -8.461  1.386   1.00 23.95 ? 55  PHE A CB   1 
ATOM   540  C CG   . PHE A 1 34  ? 3.977   -8.329  0.625   1.00 31.10 ? 55  PHE A CG   1 
ATOM   541  C CD1  . PHE A 1 34  ? 3.667   -9.215  -0.396  1.00 32.21 ? 55  PHE A CD1  1 
ATOM   542  C CD2  . PHE A 1 34  ? 3.076   -7.325  0.931   1.00 25.99 ? 55  PHE A CD2  1 
ATOM   543  C CE1  . PHE A 1 34  ? 2.485   -9.101  -1.096  1.00 27.78 ? 55  PHE A CE1  1 
ATOM   544  C CE2  . PHE A 1 34  ? 1.892   -7.206  0.234   1.00 31.33 ? 55  PHE A CE2  1 
ATOM   545  C CZ   . PHE A 1 34  ? 1.595   -8.093  -0.781  1.00 28.60 ? 55  PHE A CZ   1 
ATOM   546  H H    . PHE A 1 34  ? 4.544   -8.562  3.940   1.00 35.61 ? 55  PHE A H    1 
ATOM   547  H HA   . PHE A 1 34  ? 4.927   -10.391 1.969   1.00 36.22 ? 55  PHE A HA   1 
ATOM   548  H HB2  . PHE A 1 34  ? 5.424   -7.621  1.843   1.00 28.85 ? 55  PHE A HB2  1 
ATOM   549  H HB3  . PHE A 1 34  ? 5.971   -8.630  0.745   1.00 28.85 ? 55  PHE A HB3  1 
ATOM   550  H HD1  . PHE A 1 34  ? 4.265   -9.896  -0.610  1.00 38.76 ? 55  PHE A HD1  1 
ATOM   551  H HD2  . PHE A 1 34  ? 3.270   -6.725  1.614   1.00 31.30 ? 55  PHE A HD2  1 
ATOM   552  H HE1  . PHE A 1 34  ? 2.289   -9.700  -1.779  1.00 33.45 ? 55  PHE A HE1  1 
ATOM   553  H HE2  . PHE A 1 34  ? 1.293   -6.527  0.448   1.00 37.70 ? 55  PHE A HE2  1 
ATOM   554  H HZ   . PHE A 1 34  ? 0.797   -8.013  -1.252  1.00 34.43 ? 55  PHE A HZ   1 
ATOM   555  N N    . SER A 1 35  ? 6.868   -10.022 4.198   1.00 31.56 ? 56  SER A N    1 
ATOM   556  C CA   . SER A 1 35  ? 8.208   -10.347 4.674   1.00 39.75 ? 56  SER A CA   1 
ATOM   557  C C    . SER A 1 35  ? 8.473   -11.836 4.474   1.00 46.09 ? 56  SER A C    1 
ATOM   558  O O    . SER A 1 35  ? 7.659   -12.663 4.895   1.00 48.65 ? 56  SER A O    1 
ATOM   559  C CB   . SER A 1 35  ? 8.372   -9.978  6.145   1.00 47.20 ? 56  SER A CB   1 
ATOM   560  O OG   . SER A 1 35  ? 8.942   -8.681  6.284   1.00 39.99 ? 56  SER A OG   1 
ATOM   561  H H    . SER A 1 35  ? 6.270   -9.945  4.812   1.00 37.98 ? 56  SER A H    1 
ATOM   562  H HA   . SER A 1 35  ? 8.861   -9.849  4.159   1.00 47.81 ? 56  SER A HA   1 
ATOM   563  H HB2  . SER A 1 35  ? 7.501   -9.988  6.572   1.00 56.75 ? 56  SER A HB2  1 
ATOM   564  H HB3  . SER A 1 35  ? 8.956   -10.626 6.569   1.00 56.75 ? 56  SER A HB3  1 
ATOM   565  H HG   . SER A 1 35  ? 8.446   -8.108  5.921   1.00 48.10 ? 56  SER A HG   1 
ATOM   566  N N    . PRO A 1 36  ? 9.584   -12.217 3.829   1.00 45.60 ? 57  PRO A N    1 
ATOM   567  C CA   . PRO A 1 36  ? 9.895   -13.648 3.704   1.00 50.66 ? 57  PRO A CA   1 
ATOM   568  C C    . PRO A 1 36  ? 10.336  -14.246 5.031   1.00 52.61 ? 57  PRO A C    1 
ATOM   569  O O    . PRO A 1 36  ? 11.531  -14.265 5.343   1.00 62.65 ? 57  PRO A O    1 
ATOM   570  C CB   . PRO A 1 36  ? 11.019  -13.674 2.661   1.00 51.30 ? 57  PRO A CB   1 
ATOM   571  C CG   . PRO A 1 36  ? 11.694  -12.346 2.807   1.00 48.19 ? 57  PRO A CG   1 
ATOM   572  C CD   . PRO A 1 36  ? 10.619  -11.369 3.205   1.00 42.09 ? 57  PRO A CD   1 
ATOM   573  H HA   . PRO A 1 36  ? 9.127   -14.135 3.366   1.00 60.91 ? 57  PRO A HA   1 
ATOM   574  H HB2  . PRO A 1 36  ? 11.633  -14.398 2.858   1.00 61.67 ? 57  PRO A HB2  1 
ATOM   575  H HB3  . PRO A 1 36  ? 10.641  -13.774 1.773   1.00 61.67 ? 57  PRO A HB3  1 
ATOM   576  H HG2  . PRO A 1 36  ? 12.374  -12.403 3.496   1.00 57.93 ? 57  PRO A HG2  1 
ATOM   577  H HG3  . PRO A 1 36  ? 12.090  -12.089 1.959   1.00 57.93 ? 57  PRO A HG3  1 
ATOM   578  H HD2  . PRO A 1 36  ? 10.964  -10.731 3.848   1.00 50.62 ? 57  PRO A HD2  1 
ATOM   579  H HD3  . PRO A 1 36  ? 10.261  -10.924 2.421   1.00 50.62 ? 57  PRO A HD3  1 
ATOM   580  N N    . LYS A 1 37  ? 9.379   -14.724 5.822   1.00 59.17 ? 58  LYS A N    1 
ATOM   581  C CA   . LYS A 1 37  ? 9.670   -15.287 7.141   1.00 60.95 ? 58  LYS A CA   1 
ATOM   582  C C    . LYS A 1 37  ? 10.407  -14.282 8.024   1.00 65.00 ? 58  LYS A C    1 
ATOM   583  O O    . LYS A 1 37  ? 10.145  -14.183 9.226   1.00 55.17 ? 58  LYS A O    1 
ATOM   584  C CB   . LYS A 1 37  ? 10.494  -16.572 7.007   1.00 70.47 ? 58  LYS A CB   1 
ATOM   585  C CG   . LYS A 1 37  ? 9.697   -17.773 6.509   1.00 68.75 ? 58  LYS A CG   1 
ATOM   586  C CD   . LYS A 1 37  ? 9.557   -18.823 7.600   1.00 68.45 ? 58  LYS A CD   1 
ATOM   587  C CE   . LYS A 1 37  ? 8.602   -19.931 7.195   1.00 57.88 ? 58  LYS A CE   1 
ATOM   588  N NZ   . LYS A 1 37  ? 8.498   -20.971 8.251   1.00 76.35 ? 58  LYS A NZ   1 
ATOM   589  H H    . LYS A 1 37  ? 8.544   -14.735 5.617   1.00 71.12 ? 58  LYS A H    1 
ATOM   590  H HA   . LYS A 1 37  ? 8.834   -15.512 7.578   1.00 73.25 ? 58  LYS A HA   1 
ATOM   591  H HB2  . LYS A 1 37  ? 11.216  -16.415 6.378   1.00 84.67 ? 58  LYS A HB2  1 
ATOM   592  H HB3  . LYS A 1 37  ? 10.860  -16.800 7.876   1.00 84.67 ? 58  LYS A HB3  1 
ATOM   593  H HG2  . LYS A 1 37  ? 8.809   -17.484 6.247   1.00 82.61 ? 58  LYS A HG2  1 
ATOM   594  H HG3  . LYS A 1 37  ? 10.157  -18.175 5.756   1.00 82.61 ? 58  LYS A HG3  1 
ATOM   595  H HD2  . LYS A 1 37  ? 10.425  -19.219 7.775   1.00 82.25 ? 58  LYS A HD2  1 
ATOM   596  H HD3  . LYS A 1 37  ? 9.212   -18.404 8.404   1.00 82.25 ? 58  LYS A HD3  1 
ATOM   597  H HE2  . LYS A 1 37  ? 7.719   -19.556 7.048   1.00 69.56 ? 58  LYS A HE2  1 
ATOM   598  H HE3  . LYS A 1 37  ? 8.927   -20.353 6.384   1.00 69.56 ? 58  LYS A HE3  1 
ATOM   599  H HZ1  . LYS A 1 37  ? 7.934   -21.610 7.995   1.00 91.73 ? 58  LYS A HZ1  1 
ATOM   600  H HZ2  . LYS A 1 37  ? 9.296   -21.333 8.401   1.00 91.73 ? 58  LYS A HZ2  1 
ATOM   601  H HZ3  . LYS A 1 37  ? 8.198   -20.607 9.007   1.00 91.73 ? 58  LYS A HZ3  1 
ATOM   602  N N    . ALA A 1 41  ? 2.512   -15.385 2.075   1.00 52.06 ? 62  ALA A N    1 
ATOM   603  C CA   . ALA A 1 41  ? 2.408   -15.668 0.647   1.00 56.64 ? 62  ALA A CA   1 
ATOM   604  C C    . ALA A 1 41  ? 1.234   -16.601 0.363   1.00 61.47 ? 62  ALA A C    1 
ATOM   605  O O    . ALA A 1 41  ? 0.315   -16.248 -0.376  1.00 63.62 ? 62  ALA A O    1 
ATOM   606  C CB   . ALA A 1 41  ? 3.698   -16.274 0.133   1.00 53.53 ? 62  ALA A CB   1 
ATOM   607  H HA   . ALA A 1 41  ? 2.255   -14.838 0.170   1.00 68.07 ? 62  ALA A HA   1 
ATOM   608  H HB1  . ALA A 1 41  ? 3.606   -16.453 -0.817  1.00 64.35 ? 62  ALA A HB1  1 
ATOM   609  H HB2  . ALA A 1 41  ? 4.423   -15.648 0.282   1.00 64.35 ? 62  ALA A HB2  1 
ATOM   610  H HB3  . ALA A 1 41  ? 3.871   -17.101 0.610   1.00 64.35 ? 62  ALA A HB3  1 
ATOM   611  N N    . ASN A 1 42  ? 1.275   -17.800 0.950   1.00 61.07 ? 63  ASN A N    1 
ATOM   612  C CA   . ASN A 1 42  ? 0.173   -18.745 0.809   1.00 63.13 ? 63  ASN A CA   1 
ATOM   613  C C    . ASN A 1 42  ? -1.047  -18.352 1.632   1.00 59.64 ? 63  ASN A C    1 
ATOM   614  O O    . ASN A 1 42  ? -2.098  -18.990 1.492   1.00 55.93 ? 63  ASN A O    1 
ATOM   615  C CB   . ASN A 1 42  ? 0.636   -20.150 1.205   1.00 74.94 ? 63  ASN A CB   1 
ATOM   616  C CG   . ASN A 1 42  ? 1.685   -20.708 0.256   1.00 75.86 ? 63  ASN A CG   1 
ATOM   617  O OD1  . ASN A 1 42  ? 1.357   -21.245 -0.803  1.00 70.27 ? 63  ASN A OD1  1 
ATOM   618  N ND2  . ASN A 1 42  ? 2.954   -20.583 0.634   1.00 65.75 ? 63  ASN A ND2  1 
ATOM   619  H H    . ASN A 1 42  ? 1.926   -18.085 1.433   1.00 73.40 ? 63  ASN A H    1 
ATOM   620  H HA   . ASN A 1 42  ? -0.096  -18.773 -0.122  1.00 75.87 ? 63  ASN A HA   1 
ATOM   621  H HB2  . ASN A 1 42  ? 1.023   -20.117 2.094   1.00 90.04 ? 63  ASN A HB2  1 
ATOM   622  H HB3  . ASN A 1 42  ? -0.126  -20.749 1.196   1.00 90.04 ? 63  ASN A HB3  1 
ATOM   623  H HD21 . ASN A 1 42  ? 3.583   -20.884 0.132   1.00 79.02 ? 63  ASN A HD21 1 
ATOM   624  H HD22 . ASN A 1 42  ? 3.144   -20.204 1.382   1.00 79.02 ? 63  ASN A HD22 1 
ATOM   625  N N    . ASP A 1 43  ? -0.933  -17.335 2.489   1.00 58.55 ? 64  ASP A N    1 
ATOM   626  C CA   . ASP A 1 43  ? -2.065  -16.832 3.256   1.00 56.44 ? 64  ASP A CA   1 
ATOM   627  C C    . ASP A 1 43  ? -2.838  -15.741 2.530   1.00 53.10 ? 64  ASP A C    1 
ATOM   628  O O    . ASP A 1 43  ? -3.996  -15.483 2.875   1.00 47.98 ? 64  ASP A O    1 
ATOM   629  C CB   . ASP A 1 43  ? -1.588  -16.278 4.603   1.00 57.44 ? 64  ASP A CB   1 
ATOM   630  C CG   . ASP A 1 43  ? -1.163  -17.368 5.566   1.00 70.32 ? 64  ASP A CG   1 
ATOM   631  O OD1  . ASP A 1 43  ? -1.659  -18.505 5.429   1.00 66.77 ? 64  ASP A OD1  1 
ATOM   632  O OD2  . ASP A 1 43  ? -0.340  -17.086 6.465   1.00 78.31 ? 64  ASP A OD2  1 
ATOM   633  H H    . ASP A 1 43  ? -0.198  -16.915 2.643   1.00 70.37 ? 64  ASP A H    1 
ATOM   634  H HA   . ASP A 1 43  ? -2.677  -17.564 3.432   1.00 67.84 ? 64  ASP A HA   1 
ATOM   635  H HB2  . ASP A 1 43  ? -0.826  -15.696 4.453   1.00 69.03 ? 64  ASP A HB2  1 
ATOM   636  H HB3  . ASP A 1 43  ? -2.311  -15.779 5.014   1.00 69.03 ? 64  ASP A HB3  1 
ATOM   637  N N    . LEU A 1 44  ? -2.230  -15.104 1.535   1.00 53.46 ? 65  LEU A N    1 
ATOM   638  C CA   . LEU A 1 44  ? -2.821  -13.937 0.903   1.00 48.85 ? 65  LEU A CA   1 
ATOM   639  C C    . LEU A 1 44  ? -3.844  -14.360 -0.145  1.00 45.24 ? 65  LEU A C    1 
ATOM   640  O O    . LEU A 1 44  ? -3.612  -15.290 -0.922  1.00 38.96 ? 65  LEU A O    1 
ATOM   641  C CB   . LEU A 1 44  ? -1.729  -13.081 0.260   1.00 47.20 ? 65  LEU A CB   1 
ATOM   642  C CG   . LEU A 1 44  ? -0.474  -12.866 1.116   1.00 54.78 ? 65  LEU A CG   1 
ATOM   643  C CD1  . LEU A 1 44  ? 0.652   -12.259 0.294   1.00 51.96 ? 65  LEU A CD1  1 
ATOM   644  C CD2  . LEU A 1 44  ? -0.782  -11.994 2.324   1.00 50.97 ? 65  LEU A CD2  1 
ATOM   645  H H    . LEU A 1 44  ? -1.468  -15.331 1.208   1.00 64.27 ? 65  LEU A H    1 
ATOM   646  H HA   . LEU A 1 44  ? -3.275  -13.402 1.573   1.00 58.73 ? 65  LEU A HA   1 
ATOM   647  H HB2  . LEU A 1 44  ? -1.448  -13.508 -0.564  1.00 56.75 ? 65  LEU A HB2  1 
ATOM   648  H HB3  . LEU A 1 44  ? -2.099  -12.207 0.062   1.00 56.75 ? 65  LEU A HB3  1 
ATOM   649  H HG   . LEU A 1 44  ? -0.170  -13.726 1.444   1.00 65.85 ? 65  LEU A HG   1 
ATOM   650  H HD11 . LEU A 1 44  ? 1.428   -12.136 0.862   1.00 62.47 ? 65  LEU A HD11 1 
ATOM   651  H HD12 . LEU A 1 44  ? 0.869   -12.861 -0.437  1.00 62.47 ? 65  LEU A HD12 1 
ATOM   652  H HD13 . LEU A 1 44  ? 0.360   -11.403 -0.058  1.00 62.47 ? 65  LEU A HD13 1 
ATOM   653  H HD21 . LEU A 1 44  ? 0.029   -11.877 2.844   1.00 61.28 ? 65  LEU A HD21 1 
ATOM   654  H HD22 . LEU A 1 44  ? -1.105  -11.133 2.017   1.00 61.28 ? 65  LEU A HD22 1 
ATOM   655  H HD23 . LEU A 1 44  ? -1.461  -12.430 2.863   1.00 61.28 ? 65  LEU A HD23 1 
ATOM   656  N N    . ALA A 1 45  ? -4.986  -13.676 -0.154  1.00 39.87 ? 66  ALA A N    1 
ATOM   657  C CA   . ALA A 1 45  ? -6.025  -13.967 -1.128  1.00 42.13 ? 66  ALA A CA   1 
ATOM   658  C C    . ALA A 1 45  ? -5.566  -13.580 -2.533  1.00 34.98 ? 66  ALA A C    1 
ATOM   659  O O    . ALA A 1 45  ? -4.627  -12.799 -2.718  1.00 32.99 ? 66  ALA A O    1 
ATOM   660  C CB   . ALA A 1 45  ? -7.316  -13.229 -0.774  1.00 35.64 ? 66  ALA A CB   1 
ATOM   661  H H    . ALA A 1 45  ? -5.179  -13.040 0.392   1.00 47.96 ? 66  ALA A H    1 
ATOM   662  H HA   . ALA A 1 45  ? -6.210  -14.919 -1.123  1.00 50.67 ? 66  ALA A HA   1 
ATOM   663  H HB1  . ALA A 1 45  ? -7.991  -13.440 -1.437  1.00 42.87 ? 66  ALA A HB1  1 
ATOM   664  H HB2  . ALA A 1 45  ? -7.612  -13.517 0.104   1.00 42.87 ? 66  ALA A HB2  1 
ATOM   665  H HB3  . ALA A 1 45  ? -7.142  -12.275 -0.769  1.00 42.87 ? 66  ALA A HB3  1 
ATOM   666  N N    . LYS A 1 46  ? -6.238  -14.145 -3.534  1.00 34.07 ? 67  LYS A N    1 
ATOM   667  C CA   . LYS A 1 46  ? -5.889  -13.894 -4.923  1.00 37.50 ? 67  LYS A CA   1 
ATOM   668  C C    . LYS A 1 46  ? -7.152  -13.737 -5.756  1.00 36.87 ? 67  LYS A C    1 
ATOM   669  O O    . LYS A 1 46  ? -8.188  -14.338 -5.461  1.00 31.24 ? 67  LYS A O    1 
ATOM   670  C CB   . LYS A 1 46  ? -5.022  -15.022 -5.502  1.00 38.60 ? 67  LYS A CB   1 
ATOM   671  C CG   . LYS A 1 46  ? -3.687  -15.188 -4.803  1.00 39.28 ? 67  LYS A CG   1 
ATOM   672  C CD   . LYS A 1 46  ? -2.781  -16.148 -5.549  1.00 41.93 ? 67  LYS A CD   1 
ATOM   673  C CE   . LYS A 1 46  ? -1.491  -16.399 -4.781  1.00 50.37 ? 67  LYS A CE   1 
ATOM   674  N NZ   . LYS A 1 46  ? -0.532  -17.227 -5.562  1.00 48.46 ? 67  LYS A NZ   1 
ATOM   675  H H    . LYS A 1 46  ? -6.905  -14.678 -3.430  1.00 41.00 ? 67  LYS A H    1 
ATOM   676  H HA   . LYS A 1 46  ? -5.385  -13.067 -4.980  1.00 45.11 ? 67  LYS A HA   1 
ATOM   677  H HB2  . LYS A 1 46  ? -5.506  -15.859 -5.421  1.00 46.43 ? 67  LYS A HB2  1 
ATOM   678  H HB3  . LYS A 1 46  ? -4.847  -14.833 -6.436  1.00 46.43 ? 67  LYS A HB3  1 
ATOM   679  H HG2  . LYS A 1 46  ? -3.243  -14.327 -4.755  1.00 47.25 ? 67  LYS A HG2  1 
ATOM   680  H HG3  . LYS A 1 46  ? -3.834  -15.540 -3.912  1.00 47.25 ? 67  LYS A HG3  1 
ATOM   681  H HD2  . LYS A 1 46  ? -3.237  -16.996 -5.664  1.00 50.42 ? 67  LYS A HD2  1 
ATOM   682  H HD3  . LYS A 1 46  ? -2.552  -15.769 -6.412  1.00 50.42 ? 67  LYS A HD3  1 
ATOM   683  H HE2  . LYS A 1 46  ? -1.066  -15.549 -4.584  1.00 60.56 ? 67  LYS A HE2  1 
ATOM   684  H HE3  . LYS A 1 46  ? -1.695  -16.869 -3.957  1.00 60.56 ? 67  LYS A HE3  1 
ATOM   685  H HZ1  . LYS A 1 46  ? 0.211   -17.358 -5.090  1.00 58.27 ? 67  LYS A HZ1  1 
ATOM   686  H HZ2  . LYS A 1 46  ? -0.897  -18.016 -5.751  1.00 58.27 ? 67  LYS A HZ2  1 
ATOM   687  H HZ3  . LYS A 1 46  ? -0.323  -16.814 -6.322  1.00 58.27 ? 67  LYS A HZ3  1 
ATOM   688  N N    . ASP A 1 47  ? -7.050  -12.926 -6.808  1.00 37.17 ? 68  ASP A N    1 
ATOM   689  C CA   . ASP A 1 47  ? -8.176  -12.673 -7.689  1.00 39.56 ? 68  ASP A CA   1 
ATOM   690  C C    . ASP A 1 47  ? -8.239  -13.736 -8.786  1.00 44.57 ? 68  ASP A C    1 
ATOM   691  O O    . ASP A 1 47  ? -7.453  -14.686 -8.817  1.00 42.80 ? 68  ASP A O    1 
ATOM   692  C CB   . ASP A 1 47  ? -8.084  -11.264 -8.280  1.00 41.50 ? 68  ASP A CB   1 
ATOM   693  C CG   . ASP A 1 47  ? -6.899  -11.086 -9.219  1.00 38.69 ? 68  ASP A CG   1 
ATOM   694  O OD1  . ASP A 1 47  ? -6.266  -12.088 -9.606  1.00 39.71 ? 68  ASP A OD1  1 
ATOM   695  O OD2  . ASP A 1 47  ? -6.601  -9.927  -9.573  1.00 43.66 ? 68  ASP A OD2  1 
ATOM   696  H H    . ASP A 1 47  ? -6.331  -12.512 -7.031  1.00 44.71 ? 68  ASP A H    1 
ATOM   697  H HA   . ASP A 1 47  ? -8.995  -12.726 -7.174  1.00 47.59 ? 68  ASP A HA   1 
ATOM   698  H HB2  . ASP A 1 47  ? -8.893  -11.079 -8.783  1.00 49.91 ? 68  ASP A HB2  1 
ATOM   699  H HB3  . ASP A 1 47  ? -7.991  -10.623 -7.557  1.00 49.91 ? 68  ASP A HB3  1 
ATOM   700  N N    . SER A 1 48  ? -9.183  -13.561 -9.713  1.00 52.21 ? 69  SER A N    1 
ATOM   701  C CA   . SER A 1 48  ? -9.409  -14.563 -10.748 1.00 46.01 ? 69  SER A CA   1 
ATOM   702  C C    . SER A 1 48  ? -8.202  -14.756 -11.657 1.00 43.78 ? 69  SER A C    1 
ATOM   703  O O    . SER A 1 48  ? -8.085  -15.813 -12.289 1.00 58.24 ? 69  SER A O    1 
ATOM   704  C CB   . SER A 1 48  ? -10.634 -14.179 -11.580 1.00 55.16 ? 69  SER A CB   1 
ATOM   705  O OG   . SER A 1 48  ? -10.539 -12.847 -12.059 1.00 61.81 ? 69  SER A OG   1 
ATOM   706  H H    . SER A 1 48  ? -9.699  -12.875 -9.763  1.00 62.77 ? 69  SER A H    1 
ATOM   707  H HA   . SER A 1 48  ? -9.597  -15.413 -10.321 1.00 55.33 ? 69  SER A HA   1 
ATOM   708  H HB2  . SER A 1 48  ? -10.700 -14.780 -12.338 1.00 66.30 ? 69  SER A HB2  1 
ATOM   709  H HB3  . SER A 1 48  ? -11.427 -14.258 -11.027 1.00 66.30 ? 69  SER A HB3  1 
ATOM   710  H HG   . SER A 1 48  ? -11.220 -12.656 -12.512 1.00 74.29 ? 69  SER A HG   1 
ATOM   711  N N    . LYS A 1 49  ? -7.299  -13.776 -11.735 1.00 49.64 ? 70  LYS A N    1 
ATOM   712  C CA   . LYS A 1 49  ? -6.107  -13.870 -12.571 1.00 41.31 ? 70  LYS A CA   1 
ATOM   713  C C    . LYS A 1 49  ? -4.845  -14.157 -11.762 1.00 46.05 ? 70  LYS A C    1 
ATOM   714  O O    . LYS A 1 49  ? -3.733  -13.964 -12.269 1.00 46.39 ? 70  LYS A O    1 
ATOM   715  C CB   . LYS A 1 49  ? -5.922  -12.583 -13.377 1.00 47.57 ? 70  LYS A CB   1 
ATOM   716  C CG   . LYS A 1 49  ? -7.041  -12.284 -14.362 1.00 52.10 ? 70  LYS A CG   1 
ATOM   717  C CD   . LYS A 1 49  ? -6.877  -10.893 -14.956 1.00 62.24 ? 70  LYS A CD   1 
ATOM   718  C CE   . LYS A 1 49  ? -8.115  -10.438 -15.717 1.00 60.37 ? 70  LYS A CE   1 
ATOM   719  N NZ   . LYS A 1 49  ? -8.108  -8.960  -15.927 1.00 63.80 ? 70  LYS A NZ   1 
ATOM   720  H H    . LYS A 1 49  ? -7.360  -13.033 -11.305 1.00 59.68 ? 70  LYS A H    1 
ATOM   721  H HA   . LYS A 1 49  ? -6.226  -14.598 -13.201 1.00 49.68 ? 70  LYS A HA   1 
ATOM   722  H HB2  . LYS A 1 49  ? -5.865  -11.836 -12.761 1.00 57.20 ? 70  LYS A HB2  1 
ATOM   723  H HB3  . LYS A 1 49  ? -5.096  -12.650 -13.882 1.00 57.20 ? 70  LYS A HB3  1 
ATOM   724  H HG2  . LYS A 1 49  ? -7.017  -12.931 -15.085 1.00 62.64 ? 70  LYS A HG2  1 
ATOM   725  H HG3  . LYS A 1 49  ? -7.894  -12.323 -13.902 1.00 62.64 ? 70  LYS A HG3  1 
ATOM   726  H HD2  . LYS A 1 49  ? -6.714  -10.259 -14.241 1.00 74.80 ? 70  LYS A HD2  1 
ATOM   727  H HD3  . LYS A 1 49  ? -6.129  -10.897 -15.574 1.00 74.80 ? 70  LYS A HD3  1 
ATOM   728  H HE2  . LYS A 1 49  ? -8.134  -10.868 -16.586 1.00 72.55 ? 70  LYS A HE2  1 
ATOM   729  H HE3  . LYS A 1 49  ? -8.907  -10.670 -15.209 1.00 72.55 ? 70  LYS A HE3  1 
ATOM   730  H HZ1  . LYS A 1 49  ? -8.838  -8.713  -16.372 1.00 76.67 ? 70  LYS A HZ1  1 
ATOM   731  H HZ2  . LYS A 1 49  ? -8.094  -8.541  -15.141 1.00 76.67 ? 70  LYS A HZ2  1 
ATOM   732  H HZ3  . LYS A 1 49  ? -7.389  -8.722  -16.395 1.00 76.67 ? 70  LYS A HZ3  1 
ATOM   733  N N    . GLY A 1 50  ? -4.992  -14.602 -10.517 1.00 46.60 ? 71  GLY A N    1 
ATOM   734  C CA   . GLY A 1 50  ? -3.847  -14.999 -9.720  1.00 41.39 ? 71  GLY A CA   1 
ATOM   735  C C    . GLY A 1 50  ? -3.028  -13.873 -9.132  1.00 37.99 ? 71  GLY A C    1 
ATOM   736  O O    . GLY A 1 50  ? -1.883  -14.106 -8.732  1.00 46.66 ? 71  GLY A O    1 
ATOM   737  H H    . GLY A 1 50  ? -5.747  -14.682 -10.113 1.00 56.03 ? 71  GLY A H    1 
ATOM   738  H HA2  . GLY A 1 50  ? -4.157  -15.552 -8.985  1.00 49.78 ? 71  GLY A HA2  1 
ATOM   739  H HA3  . GLY A 1 50  ? -3.257  -15.538 -10.269 1.00 49.78 ? 71  GLY A HA3  1 
ATOM   740  N N    . ARG A 1 51  ? -3.565  -12.659 -9.064  1.00 37.84 ? 72  ARG A N    1 
ATOM   741  C CA   . ARG A 1 51  ? -2.866  -11.549 -8.432  1.00 37.32 ? 72  ARG A CA   1 
ATOM   742  C C    . ARG A 1 51  ? -3.190  -11.510 -6.944  1.00 29.88 ? 72  ARG A C    1 
ATOM   743  O O    . ARG A 1 51  ? -4.315  -11.813 -6.539  1.00 30.30 ? 72  ARG A O    1 
ATOM   744  C CB   . ARG A 1 51  ? -3.265  -10.214 -9.065  1.00 40.41 ? 72  ARG A CB   1 
ATOM   745  C CG   . ARG A 1 51  ? -3.330  -10.195 -10.579 1.00 40.62 ? 72  ARG A CG   1 
ATOM   746  C CD   . ARG A 1 51  ? -3.274  -8.754  -11.073 1.00 44.53 ? 72  ARG A CD   1 
ATOM   747  N NE   . ARG A 1 51  ? -3.597  -8.617  -12.488 1.00 44.70 ? 72  ARG A NE   1 
ATOM   748  C CZ   . ARG A 1 51  ? -4.831  -8.511  -12.971 1.00 46.78 ? 72  ARG A CZ   1 
ATOM   749  N NH1  . ARG A 1 51  ? -5.017  -8.388  -14.277 1.00 46.15 ? 72  ARG A NH1  1 
ATOM   750  N NH2  . ARG A 1 51  ? -5.877  -8.538  -12.155 1.00 42.40 ? 72  ARG A NH2  1 
ATOM   751  H H    . ARG A 1 51  ? -4.338  -12.452 -9.380  1.00 45.52 ? 72  ARG A H    1 
ATOM   752  H HA   . ARG A 1 51  ? -1.909  -11.666 -8.536  1.00 44.90 ? 72  ARG A HA   1 
ATOM   753  H HB2  . ARG A 1 51  ? -4.142  -9.968  -8.734  1.00 48.61 ? 72  ARG A HB2  1 
ATOM   754  H HB3  . ARG A 1 51  ? -2.618  -9.543  -8.794  1.00 48.61 ? 72  ARG A HB3  1 
ATOM   755  H HG2  . ARG A 1 51  ? -2.572  -10.677 -10.945 1.00 48.85 ? 72  ARG A HG2  1 
ATOM   756  H HG3  . ARG A 1 51  ? -4.164  -10.591 -10.875 1.00 48.85 ? 72  ARG A HG3  1 
ATOM   757  H HD2  . ARG A 1 51  ? -3.912  -8.225  -10.569 1.00 53.54 ? 72  ARG A HD2  1 
ATOM   758  H HD3  . ARG A 1 51  ? -2.378  -8.410  -10.937 1.00 53.54 ? 72  ARG A HD3  1 
ATOM   759  H HE   . ARG A 1 51  ? -2.944  -8.602  -13.049 1.00 53.75 ? 72  ARG A HE   1 
ATOM   760  H HH11 . ARG A 1 51  ? -4.340  -8.372  -14.808 1.00 55.49 ? 72  ARG A HH11 1 
ATOM   761  H HH12 . ARG A 1 51  ? -5.813  -8.322  -14.593 1.00 55.49 ? 72  ARG A HH12 1 
ATOM   762  H HH21 . ARG A 1 51  ? -5.760  -8.618  -11.307 1.00 50.99 ? 72  ARG A HH21 1 
ATOM   763  H HH22 . ARG A 1 51  ? -6.673  -8.472  -12.474 1.00 50.99 ? 72  ARG A HH22 1 
ATOM   764  N N    . PHE A 1 52  ? -2.202  -11.131 -6.131  1.00 30.93 ? 73  PHE A N    1 
ATOM   765  C CA   . PHE A 1 52  ? -2.462  -10.865 -4.720  1.00 35.60 ? 73  PHE A CA   1 
ATOM   766  C C    . PHE A 1 52  ? -3.508  -9.765  -4.595  1.00 30.33 ? 73  PHE A C    1 
ATOM   767  O O    . PHE A 1 52  ? -3.395  -8.714  -5.233  1.00 27.66 ? 73  PHE A O    1 
ATOM   768  C CB   . PHE A 1 52  ? -1.179  -10.445 -3.998  1.00 38.20 ? 73  PHE A CB   1 
ATOM   769  C CG   . PHE A 1 52  ? -0.121  -11.512 -3.949  1.00 36.14 ? 73  PHE A CG   1 
ATOM   770  C CD1  . PHE A 1 52  ? -0.280  -12.631 -3.149  1.00 37.78 ? 73  PHE A CD1  1 
ATOM   771  C CD2  . PHE A 1 52  ? 1.045   -11.384 -4.687  1.00 35.15 ? 73  PHE A CD2  1 
ATOM   772  C CE1  . PHE A 1 52  ? 0.697   -13.611 -3.102  1.00 43.45 ? 73  PHE A CE1  1 
ATOM   773  C CE2  . PHE A 1 52  ? 2.026   -12.361 -4.640  1.00 36.05 ? 73  PHE A CE2  1 
ATOM   774  C CZ   . PHE A 1 52  ? 1.851   -13.474 -3.846  1.00 27.48 ? 73  PHE A CZ   1 
ATOM   775  H H    . PHE A 1 52  ? -1.382  -11.022 -6.370  1.00 37.23 ? 73  PHE A H    1 
ATOM   776  H HA   . PHE A 1 52  ? -2.805  -11.668 -4.297  1.00 42.83 ? 73  PHE A HA   1 
ATOM   777  H HB2  . PHE A 1 52  ? -0.803  -9.677  -4.456  1.00 45.95 ? 73  PHE A HB2  1 
ATOM   778  H HB3  . PHE A 1 52  ? -1.400  -10.206 -3.085  1.00 45.95 ? 73  PHE A HB3  1 
ATOM   779  H HD1  . PHE A 1 52  ? -1.057  -12.731 -2.647  1.00 45.45 ? 73  PHE A HD1  1 
ATOM   780  H HD2  . PHE A 1 52  ? 1.167   -10.635 -5.225  1.00 42.29 ? 73  PHE A HD2  1 
ATOM   781  H HE1  . PHE A 1 52  ? 0.578   -14.361 -2.564  1.00 52.25 ? 73  PHE A HE1  1 
ATOM   782  H HE2  . PHE A 1 52  ? 2.802   -12.265 -5.144  1.00 43.37 ? 73  PHE A HE2  1 
ATOM   783  H HZ   . PHE A 1 52  ? 2.509   -14.130 -3.813  1.00 33.08 ? 73  PHE A HZ   1 
ATOM   784  N N    . PHE A 1 53  ? -4.530  -10.005 -3.778  1.00 32.82 ? 74  PHE A N    1 
ATOM   785  C CA   . PHE A 1 53  ? -5.615  -9.049  -3.592  1.00 22.77 ? 74  PHE A CA   1 
ATOM   786  C C    . PHE A 1 53  ? -5.472  -8.340  -2.254  1.00 29.10 ? 74  PHE A C    1 
ATOM   787  O O    . PHE A 1 53  ? -5.328  -8.990  -1.214  1.00 33.77 ? 74  PHE A O    1 
ATOM   788  C CB   . PHE A 1 53  ? -6.979  -9.733  -3.669  1.00 26.85 ? 74  PHE A CB   1 
ATOM   789  C CG   . PHE A 1 53  ? -8.134  -8.790  -3.481  1.00 25.17 ? 74  PHE A CG   1 
ATOM   790  C CD1  . PHE A 1 53  ? -8.494  -7.903  -4.484  1.00 26.86 ? 74  PHE A CD1  1 
ATOM   791  C CD2  . PHE A 1 53  ? -8.852  -8.778  -2.299  1.00 28.88 ? 74  PHE A CD2  1 
ATOM   792  C CE1  . PHE A 1 53  ? -9.549  -7.028  -4.312  1.00 24.64 ? 74  PHE A CE1  1 
ATOM   793  C CE2  . PHE A 1 53  ? -9.912  -7.908  -2.123  1.00 30.39 ? 74  PHE A CE2  1 
ATOM   794  C CZ   . PHE A 1 53  ? -10.259 -7.030  -3.132  1.00 26.18 ? 74  PHE A CZ   1 
ATOM   795  H H    . PHE A 1 53  ? -4.620  -10.724 -3.315  1.00 39.49 ? 74  PHE A H    1 
ATOM   796  H HA   . PHE A 1 53  ? -5.573  -8.380  -4.294  1.00 27.43 ? 74  PHE A HA   1 
ATOM   797  H HB2  . PHE A 1 53  ? -7.073  -10.149 -4.540  1.00 32.33 ? 74  PHE A HB2  1 
ATOM   798  H HB3  . PHE A 1 53  ? -7.031  -10.408 -2.974  1.00 32.33 ? 74  PHE A HB3  1 
ATOM   799  H HD1  . PHE A 1 53  ? -8.017  -7.896  -5.283  1.00 32.34 ? 74  PHE A HD1  1 
ATOM   800  H HD2  . PHE A 1 53  ? -8.623  -9.367  -1.616  1.00 34.77 ? 74  PHE A HD2  1 
ATOM   801  H HE1  . PHE A 1 53  ? -9.781  -6.440  -4.994  1.00 29.68 ? 74  PHE A HE1  1 
ATOM   802  H HE2  . PHE A 1 53  ? -10.388 -7.911  -1.325  1.00 36.58 ? 74  PHE A HE2  1 
ATOM   803  H HZ   . PHE A 1 53  ? -10.971 -6.444  -3.015  1.00 31.53 ? 74  PHE A HZ   1 
ATOM   804  N N    . ILE A 1 54  ? -5.516  -7.010  -2.287  1.00 35.81 ? 75  ILE A N    1 
ATOM   805  C CA   . ILE A 1 54  ? -5.605  -6.180  -1.090  1.00 29.89 ? 75  ILE A CA   1 
ATOM   806  C C    . ILE A 1 54  ? -7.019  -5.615  -1.034  1.00 31.41 ? 75  ILE A C    1 
ATOM   807  O O    . ILE A 1 54  ? -7.463  -4.947  -1.977  1.00 29.17 ? 75  ILE A O    1 
ATOM   808  C CB   . ILE A 1 54  ? -4.573  -5.043  -1.096  1.00 31.30 ? 75  ILE A CB   1 
ATOM   809  C CG1  . ILE A 1 54  ? -3.166  -5.551  -1.442  1.00 39.22 ? 75  ILE A CG1  1 
ATOM   810  C CG2  . ILE A 1 54  ? -4.587  -4.320  0.248   1.00 31.57 ? 75  ILE A CG2  1 
ATOM   811  C CD1  . ILE A 1 54  ? -2.498  -6.380  -0.359  1.00 43.95 ? 75  ILE A CD1  1 
ATOM   812  H H    . ILE A 1 54  ? -5.494  -6.553  -3.015  1.00 43.08 ? 75  ILE A H    1 
ATOM   813  H HA   . ILE A 1 54  ? -5.458  -6.728  -0.302  1.00 35.98 ? 75  ILE A HA   1 
ATOM   814  H HB   . ILE A 1 54  ? -4.836  -4.407  -1.780  1.00 37.67 ? 75  ILE A HB   1 
ATOM   815  H HG12 . ILE A 1 54  ? -3.223  -6.101  -2.239  1.00 47.17 ? 75  ILE A HG12 1 
ATOM   816  H HG13 . ILE A 1 54  ? -2.596  -4.785  -1.617  1.00 47.17 ? 75  ILE A HG13 1 
ATOM   817  H HG21 . ILE A 1 54  ? -3.931  -3.605  0.229   1.00 37.99 ? 75  ILE A HG21 1 
ATOM   818  H HG22 . ILE A 1 54  ? -5.471  -3.953  0.400   1.00 37.99 ? 75  ILE A HG22 1 
ATOM   819  H HG23 . ILE A 1 54  ? -4.366  -4.952  0.949   1.00 37.99 ? 75  ILE A HG23 1 
ATOM   820  H HD11 . ILE A 1 54  ? -1.619  -6.653  -0.669  1.00 52.86 ? 75  ILE A HD11 1 
ATOM   821  H HD12 . ILE A 1 54  ? -2.415  -5.842  0.443   1.00 52.86 ? 75  ILE A HD12 1 
ATOM   822  H HD13 . ILE A 1 54  ? -3.043  -7.162  -0.180  1.00 52.86 ? 75  ILE A HD13 1 
ATOM   823  N N    . ASP A 1 55  ? -7.718  -5.861  0.072   1.00 28.36 ? 76  ASP A N    1 
ATOM   824  C CA   . ASP A 1 55  ? -9.121  -5.466  0.198   1.00 30.07 ? 76  ASP A CA   1 
ATOM   825  C C    . ASP A 1 55  ? -9.252  -4.057  0.786   1.00 26.58 ? 76  ASP A C    1 
ATOM   826  O O    . ASP A 1 55  ? -9.804  -3.849  1.866   1.00 28.76 ? 76  ASP A O    1 
ATOM   827  C CB   . ASP A 1 55  ? -9.877  -6.484  1.042   1.00 31.34 ? 76  ASP A CB   1 
ATOM   828  C CG   . ASP A 1 55  ? -11.380 -6.338  0.910   1.00 34.40 ? 76  ASP A CG   1 
ATOM   829  O OD1  . ASP A 1 55  ? -11.822 -5.449  0.151   1.00 32.55 ? 76  ASP A OD1  1 
ATOM   830  O OD2  . ASP A 1 55  ? -12.119 -7.116  1.549   1.00 35.98 ? 76  ASP A OD2  1 
ATOM   831  H H    . ASP A 1 55  ? -7.403  -6.257  0.767   1.00 34.14 ? 76  ASP A H    1 
ATOM   832  H HA   . ASP A 1 55  ? -9.523  -5.455  -0.685  1.00 36.20 ? 76  ASP A HA   1 
ATOM   833  H HB2  . ASP A 1 55  ? -9.635  -7.378  0.754   1.00 37.72 ? 76  ASP A HB2  1 
ATOM   834  H HB3  . ASP A 1 55  ? -9.644  -6.358  1.976   1.00 37.72 ? 76  ASP A HB3  1 
ATOM   835  N N    . ARG A 1 56  ? -8.751  -3.077  0.034   1.00 24.10 ? 77  ARG A N    1 
ATOM   836  C CA   . ARG A 1 56  ? -8.845  -1.668  0.404   1.00 27.41 ? 77  ARG A CA   1 
ATOM   837  C C    . ARG A 1 56  ? -9.138  -0.850  -0.849  1.00 27.27 ? 77  ARG A C    1 
ATOM   838  O O    . ARG A 1 56  ? -9.148  -1.367  -1.969  1.00 22.63 ? 77  ARG A O    1 
ATOM   839  C CB   . ARG A 1 56  ? -7.557  -1.170  1.076   1.00 28.47 ? 77  ARG A CB   1 
ATOM   840  C CG   . ARG A 1 56  ? -7.120  -1.951  2.314   1.00 29.85 ? 77  ARG A CG   1 
ATOM   841  C CD   . ARG A 1 56  ? -8.104  -1.816  3.470   1.00 32.99 ? 77  ARG A CD   1 
ATOM   842  N NE   . ARG A 1 56  ? -8.267  -0.441  3.936   1.00 29.63 ? 77  ARG A NE   1 
ATOM   843  C CZ   . ARG A 1 56  ? -8.873  -0.108  5.073   1.00 29.53 ? 77  ARG A CZ   1 
ATOM   844  N NH1  . ARG A 1 56  ? -9.362  -1.052  5.865   1.00 36.23 ? 77  ARG A NH1  1 
ATOM   845  N NH2  . ARG A 1 56  ? -8.984  1.163   5.427   1.00 32.92 ? 77  ARG A NH2  1 
ATOM   846  H H    . ARG A 1 56  ? -8.344  -3.208  -0.713  1.00 29.03 ? 77  ARG A H    1 
ATOM   847  H HA   . ARG A 1 56  ? -9.578  -1.548  1.026   1.00 33.00 ? 77  ARG A HA   1 
ATOM   848  H HB2  . ARG A 1 56  ? -6.835  -1.218  0.431   1.00 34.27 ? 77  ARG A HB2  1 
ATOM   849  H HB3  . ARG A 1 56  ? -7.689  -0.247  1.346   1.00 34.27 ? 77  ARG A HB3  1 
ATOM   850  H HG2  . ARG A 1 56  ? -7.051  -2.891  2.086   1.00 35.93 ? 77  ARG A HG2  1 
ATOM   851  H HG3  . ARG A 1 56  ? -6.259  -1.617  2.611   1.00 35.93 ? 77  ARG A HG3  1 
ATOM   852  H HD2  . ARG A 1 56  ? -8.972  -2.137  3.182   1.00 39.70 ? 77  ARG A HD2  1 
ATOM   853  H HD3  . ARG A 1 56  ? -7.786  -2.347  4.217   1.00 39.70 ? 77  ARG A HD3  1 
ATOM   854  H HE   . ARG A 1 56  ? -7.881  0.184   3.488   1.00 35.66 ? 77  ARG A HE   1 
ATOM   855  H HH11 . ARG A 1 56  ? -9.294  -1.879  5.642   1.00 43.59 ? 77  ARG A HH11 1 
ATOM   856  H HH12 . ARG A 1 56  ? -9.752  -0.835  6.601   1.00 43.59 ? 77  ARG A HH12 1 
ATOM   857  H HH21 . ARG A 1 56  ? -8.667  1.780   4.918   1.00 39.61 ? 77  ARG A HH21 1 
ATOM   858  H HH22 . ARG A 1 56  ? -9.373  1.372   6.164   1.00 39.61 ? 77  ARG A HH22 1 
ATOM   859  N N    . ASP A 1 57  ? -9.356  0.447   -0.658  1.00 27.50 ? 78  ASP A N    1 
ATOM   860  C CA   . ASP A 1 57  ? -9.647  1.332   -1.777  1.00 30.70 ? 78  ASP A CA   1 
ATOM   861  C C    . ASP A 1 57  ? -8.457  1.393   -2.728  1.00 31.96 ? 78  ASP A C    1 
ATOM   862  O O    . ASP A 1 57  ? -7.347  1.762   -2.330  1.00 32.32 ? 78  ASP A O    1 
ATOM   863  C CB   . ASP A 1 57  ? -9.998  2.726   -1.259  1.00 38.60 ? 78  ASP A CB   1 
ATOM   864  C CG   . ASP A 1 57  ? -10.509 3.641   -2.353  1.00 39.00 ? 78  ASP A CG   1 
ATOM   865  O OD1  . ASP A 1 57  ? -9.765  3.880   -3.327  1.00 42.49 ? 78  ASP A OD1  1 
ATOM   866  O OD2  . ASP A 1 57  ? -11.663 4.108   -2.247  1.00 41.88 ? 78  ASP A OD2  1 
ATOM   867  H H    . ASP A 1 57  ? -9.340  0.837   0.108   1.00 33.11 ? 78  ASP A H    1 
ATOM   868  H HA   . ASP A 1 57  ? -10.411 0.988   -2.267  1.00 36.95 ? 78  ASP A HA   1 
ATOM   869  H HB2  . ASP A 1 57  ? -10.690 2.648   -0.584  1.00 46.44 ? 78  ASP A HB2  1 
ATOM   870  H HB3  . ASP A 1 57  ? -9.203  3.130   -0.876  1.00 46.44 ? 78  ASP A HB3  1 
ATOM   871  N N    . GLY A 1 58  ? -8.693  1.030   -3.989  1.00 32.62 ? 79  GLY A N    1 
ATOM   872  C CA   . GLY A 1 58  ? -7.610  0.972   -4.954  1.00 31.41 ? 79  GLY A CA   1 
ATOM   873  C C    . GLY A 1 58  ? -7.142  2.333   -5.427  1.00 33.70 ? 79  GLY A C    1 
ATOM   874  O O    . GLY A 1 58  ? -5.972  2.498   -5.786  1.00 36.26 ? 79  GLY A O    1 
ATOM   875  H H    . GLY A 1 58  ? -9.464  0.818   -4.304  1.00 39.26 ? 79  GLY A H    1 
ATOM   876  H HA2  . GLY A 1 58  ? -6.853  0.513   -4.556  1.00 37.80 ? 79  GLY A HA2  1 
ATOM   877  H HA3  . GLY A 1 58  ? -7.901  0.466   -5.728  1.00 37.80 ? 79  GLY A HA3  1 
ATOM   878  N N    . PHE A 1 59  ? -8.035  3.321   -5.444  1.00 32.77 ? 80  PHE A N    1 
ATOM   879  C CA   . PHE A 1 59  ? -7.645  4.643   -5.917  1.00 33.35 ? 80  PHE A CA   1 
ATOM   880  C C    . PHE A 1 59  ? -6.783  5.366   -4.889  1.00 37.72 ? 80  PHE A C    1 
ATOM   881  O O    . PHE A 1 59  ? -5.806  6.033   -5.250  1.00 32.26 ? 80  PHE A O    1 
ATOM   882  C CB   . PHE A 1 59  ? -8.891  5.453   -6.273  1.00 30.35 ? 80  PHE A CB   1 
ATOM   883  C CG   . PHE A 1 59  ? -9.664  4.876   -7.426  1.00 45.57 ? 80  PHE A CG   1 
ATOM   884  C CD1  . PHE A 1 59  ? -9.176  4.979   -8.719  1.00 41.91 ? 80  PHE A CD1  1 
ATOM   885  C CD2  . PHE A 1 59  ? -10.864 4.212   -7.217  1.00 51.86 ? 80  PHE A CD2  1 
ATOM   886  C CE1  . PHE A 1 59  ? -9.873  4.440   -9.785  1.00 46.28 ? 80  PHE A CE1  1 
ATOM   887  C CE2  . PHE A 1 59  ? -11.567 3.673   -8.281  1.00 51.43 ? 80  PHE A CE2  1 
ATOM   888  C CZ   . PHE A 1 59  ? -11.070 3.785   -9.566  1.00 50.53 ? 80  PHE A CZ   1 
ATOM   889  H H    . PHE A 1 59  ? -8.855  3.253   -5.192  1.00 39.44 ? 80  PHE A H    1 
ATOM   890  H HA   . PHE A 1 59  ? -7.118  4.541   -6.726  1.00 40.13 ? 80  PHE A HA   1 
ATOM   891  H HB2  . PHE A 1 59  ? -9.480  5.478   -5.503  1.00 36.53 ? 80  PHE A HB2  1 
ATOM   892  H HB3  . PHE A 1 59  ? -8.622  6.353   -6.514  1.00 36.53 ? 80  PHE A HB3  1 
ATOM   893  H HD1  . PHE A 1 59  ? -8.370  5.417   -8.873  1.00 50.40 ? 80  PHE A HD1  1 
ATOM   894  H HD2  . PHE A 1 59  ? -11.201 4.132   -6.355  1.00 62.34 ? 80  PHE A HD2  1 
ATOM   895  H HE1  . PHE A 1 59  ? -9.537  4.519   -10.648 1.00 55.64 ? 80  PHE A HE1  1 
ATOM   896  H HE2  . PHE A 1 59  ? -12.373 3.232   -8.131  1.00 61.82 ? 80  PHE A HE2  1 
ATOM   897  H HZ   . PHE A 1 59  ? -11.542 3.425   -10.282 1.00 60.75 ? 80  PHE A HZ   1 
ATOM   898  N N    . LEU A 1 60  ? -7.110  5.229   -3.603  1.00 32.46 ? 81  LEU A N    1 
ATOM   899  C CA   . LEU A 1 60  ? -6.285  5.837   -2.566  1.00 32.73 ? 81  LEU A CA   1 
ATOM   900  C C    . LEU A 1 60  ? -4.925  5.159   -2.460  1.00 35.13 ? 81  LEU A C    1 
ATOM   901  O O    . LEU A 1 60  ? -3.928  5.817   -2.132  1.00 30.11 ? 81  LEU A O    1 
ATOM   902  C CB   . LEU A 1 60  ? -7.010  5.785   -1.220  1.00 35.19 ? 81  LEU A CB   1 
ATOM   903  C CG   . LEU A 1 60  ? -8.291  6.619   -1.101  1.00 29.29 ? 81  LEU A CG   1 
ATOM   904  C CD1  . LEU A 1 60  ? -8.895  6.454   0.281   1.00 34.18 ? 81  LEU A CD1  1 
ATOM   905  C CD2  . LEU A 1 60  ? -8.028  8.088   -1.390  1.00 34.95 ? 81  LEU A CD2  1 
ATOM   906  H H    . LEU A 1 60  ? -7.794  4.796   -3.310  1.00 39.07 ? 81  LEU A H    1 
ATOM   907  H HA   . LEU A 1 60  ? -6.136  6.770   -2.790  1.00 39.38 ? 81  LEU A HA   1 
ATOM   908  H HB2  . LEU A 1 60  ? -7.249  4.862   -1.041  1.00 42.34 ? 81  LEU A HB2  1 
ATOM   909  H HB3  . LEU A 1 60  ? -6.399  6.097   -0.534  1.00 42.34 ? 81  LEU A HB3  1 
ATOM   910  H HG   . LEU A 1 60  ? -8.937  6.299   -1.750  1.00 35.26 ? 81  LEU A HG   1 
ATOM   911  H HD11 . LEU A 1 60  ? -9.703  6.989   0.337   1.00 41.13 ? 81  LEU A HD11 1 
ATOM   912  H HD12 . LEU A 1 60  ? -9.106  5.519   0.423   1.00 41.13 ? 81  LEU A HD12 1 
ATOM   913  H HD13 . LEU A 1 60  ? -8.253  6.754   0.943   1.00 41.13 ? 81  LEU A HD13 1 
ATOM   914  H HD21 . LEU A 1 60  ? -8.859  8.581   -1.304  1.00 42.05 ? 81  LEU A HD21 1 
ATOM   915  H HD22 . LEU A 1 60  ? -7.378  8.423   -0.752  1.00 42.05 ? 81  LEU A HD22 1 
ATOM   916  H HD23 . LEU A 1 60  ? -7.682  8.175   -2.292  1.00 42.05 ? 81  LEU A HD23 1 
ATOM   917  N N    . PHE A 1 61  ? -4.858  3.855   -2.744  1.00 31.23 ? 82  PHE A N    1 
ATOM   918  C CA   . PHE A 1 61  ? -3.603  3.128   -2.592  1.00 31.47 ? 82  PHE A CA   1 
ATOM   919  C C    . PHE A 1 61  ? -2.491  3.737   -3.436  1.00 27.78 ? 82  PHE A C    1 
ATOM   920  O O    . PHE A 1 61  ? -1.316  3.658   -3.058  1.00 31.50 ? 82  PHE A O    1 
ATOM   921  C CB   . PHE A 1 61  ? -3.804  1.658   -2.959  1.00 27.10 ? 82  PHE A CB   1 
ATOM   922  C CG   . PHE A 1 61  ? -2.616  0.794   -2.666  1.00 22.71 ? 82  PHE A CG   1 
ATOM   923  C CD1  . PHE A 1 61  ? -2.372  0.342   -1.382  1.00 22.05 ? 82  PHE A CD1  1 
ATOM   924  C CD2  . PHE A 1 61  ? -1.743  0.431   -3.678  1.00 31.47 ? 82  PHE A CD2  1 
ATOM   925  C CE1  . PHE A 1 61  ? -1.278  -0.451  -1.111  1.00 22.18 ? 82  PHE A CE1  1 
ATOM   926  C CE2  . PHE A 1 61  ? -0.648  -0.360  -3.412  1.00 19.23 ? 82  PHE A CE2  1 
ATOM   927  C CZ   . PHE A 1 61  ? -0.414  -0.803  -2.126  1.00 21.49 ? 82  PHE A CZ   1 
ATOM   928  H H    . PHE A 1 61  ? -5.517  3.379   -3.024  1.00 37.58 ? 82  PHE A H    1 
ATOM   929  H HA   . PHE A 1 61  ? -3.328  3.168   -1.663  1.00 37.88 ? 82  PHE A HA   1 
ATOM   930  H HB2  . PHE A 1 61  ? -4.556  1.310   -2.454  1.00 32.63 ? 82  PHE A HB2  1 
ATOM   931  H HB3  . PHE A 1 61  ? -3.991  1.596   -3.909  1.00 32.63 ? 82  PHE A HB3  1 
ATOM   932  H HD1  . PHE A 1 61  ? -2.951  0.579   -0.693  1.00 26.57 ? 82  PHE A HD1  1 
ATOM   933  H HD2  . PHE A 1 61  ? -1.895  0.728   -4.544  1.00 37.87 ? 82  PHE A HD2  1 
ATOM   934  H HE1  . PHE A 1 61  ? -1.122  -0.748  -0.244  1.00 26.73 ? 82  PHE A HE1  1 
ATOM   935  H HE2  . PHE A 1 61  ? -0.068  -0.598  -4.099  1.00 23.19 ? 82  PHE A HE2  1 
ATOM   936  H HZ   . PHE A 1 61  ? 0.323   -1.339  -1.946  1.00 25.90 ? 82  PHE A HZ   1 
ATOM   937  N N    . ARG A 1 62  ? -2.834  4.357   -4.568  1.00 29.18 ? 83  ARG A N    1 
ATOM   938  C CA   . ARG A 1 62  ? -1.810  4.967   -5.410  1.00 35.31 ? 83  ARG A CA   1 
ATOM   939  C C    . ARG A 1 62  ? -0.940  5.931   -4.619  1.00 31.47 ? 83  ARG A C    1 
ATOM   940  O O    . ARG A 1 62  ? 0.250   6.085   -4.917  1.00 27.83 ? 83  ARG A O    1 
ATOM   941  C CB   . ARG A 1 62  ? -2.458  5.693   -6.589  1.00 33.75 ? 83  ARG A CB   1 
ATOM   942  C CG   . ARG A 1 62  ? -1.461  6.206   -7.620  1.00 40.95 ? 83  ARG A CG   1 
ATOM   943  C CD   . ARG A 1 62  ? -2.130  6.425   -8.970  1.00 49.18 ? 83  ARG A CD   1 
ATOM   944  N NE   . ARG A 1 62  ? -3.089  7.527   -8.929  1.00 48.13 ? 83  ARG A NE   1 
ATOM   945  C CZ   . ARG A 1 62  ? -2.848  8.766   -9.353  1.00 55.39 ? 83  ARG A CZ   1 
ATOM   946  N NH1  . ARG A 1 62  ? -3.795  9.689   -9.261  1.00 57.48 ? 83  ARG A NH1  1 
ATOM   947  N NH2  . ARG A 1 62  ? -1.672  9.090   -9.877  1.00 48.91 ? 83  ARG A NH2  1 
ATOM   948  H H    . ARG A 1 62  ? -3.637  4.436   -4.863  1.00 35.13 ? 83  ARG A H    1 
ATOM   949  H HA   . ARG A 1 62  ? -1.239  4.269   -5.766  1.00 42.49 ? 83  ARG A HA   1 
ATOM   950  H HB2  . ARG A 1 62  ? -3.062  5.081   -7.039  1.00 40.61 ? 83  ARG A HB2  1 
ATOM   951  H HB3  . ARG A 1 62  ? -2.954  6.455   -6.252  1.00 40.61 ? 83  ARG A HB3  1 
ATOM   952  H HG2  . ARG A 1 62  ? -1.096  7.052   -7.320  1.00 49.25 ? 83  ARG A HG2  1 
ATOM   953  H HG3  . ARG A 1 62  ? -0.752  5.553   -7.733  1.00 49.25 ? 83  ARG A HG3  1 
ATOM   954  H HD2  . ARG A 1 62  ? -1.453  6.637   -9.631  1.00 59.13 ? 83  ARG A HD2  1 
ATOM   955  H HD3  . ARG A 1 62  ? -2.606  5.619   -9.226  1.00 59.13 ? 83  ARG A HD3  1 
ATOM   956  H HE   . ARG A 1 62  ? -3.869  7.364   -8.604  1.00 57.86 ? 83  ARG A HE   1 
ATOM   957  H HH11 . ARG A 1 62  ? -4.561  9.487   -8.925  1.00 69.08 ? 83  ARG A HH11 1 
ATOM   958  H HH12 . ARG A 1 62  ? -3.644  10.490  -9.538  1.00 69.08 ? 83  ARG A HH12 1 
ATOM   959  H HH21 . ARG A 1 62  ? -1.051  8.499   -9.939  1.00 58.80 ? 83  ARG A HH21 1 
ATOM   960  H HH22 . ARG A 1 62  ? -1.528  9.894   -10.149 1.00 58.80 ? 83  ARG A HH22 1 
ATOM   961  N N    . TYR A 1 63  ? -1.508  6.586   -3.607  1.00 27.72 ? 84  TYR A N    1 
ATOM   962  C CA   . TYR A 1 63  ? -0.709  7.501   -2.804  1.00 30.80 ? 84  TYR A CA   1 
ATOM   963  C C    . TYR A 1 63  ? 0.079   6.744   -1.744  1.00 26.89 ? 84  TYR A C    1 
ATOM   964  O O    . TYR A 1 63  ? 1.259   7.041   -1.519  1.00 30.56 ? 84  TYR A O    1 
ATOM   965  C CB   . TYR A 1 63  ? -1.614  8.565   -2.191  1.00 32.55 ? 84  TYR A CB   1 
ATOM   966  C CG   . TYR A 1 63  ? -2.462  9.243   -3.241  1.00 41.63 ? 84  TYR A CG   1 
ATOM   967  C CD1  . TYR A 1 63  ? -1.904  10.165  -4.115  1.00 50.39 ? 84  TYR A CD1  1 
ATOM   968  C CD2  . TYR A 1 63  ? -3.812  8.943   -3.379  1.00 39.67 ? 84  TYR A CD2  1 
ATOM   969  C CE1  . TYR A 1 63  ? -2.667  10.781  -5.088  1.00 53.92 ? 84  TYR A CE1  1 
ATOM   970  C CE2  . TYR A 1 63  ? -4.584  9.554   -4.350  1.00 46.17 ? 84  TYR A CE2  1 
ATOM   971  C CZ   . TYR A 1 63  ? -4.005  10.474  -5.200  1.00 47.59 ? 84  TYR A CZ   1 
ATOM   972  O OH   . TYR A 1 63  ? -4.763  11.089  -6.169  1.00 60.11 ? 84  TYR A OH   1 
ATOM   973  H H    . TYR A 1 63  ? -2.332  6.520   -3.372  1.00 33.37 ? 84  TYR A H    1 
ATOM   974  H HA   . TYR A 1 63  ? -0.072  7.950   -3.382  1.00 37.08 ? 84  TYR A HA   1 
ATOM   975  H HB2  . TYR A 1 63  ? -2.207  8.148   -1.545  1.00 39.17 ? 84  TYR A HB2  1 
ATOM   976  H HB3  . TYR A 1 63  ? -1.069  9.240   -1.759  1.00 39.17 ? 84  TYR A HB3  1 
ATOM   977  H HD1  . TYR A 1 63  ? -1.001  10.375  -4.041  1.00 60.58 ? 84  TYR A HD1  1 
ATOM   978  H HD2  . TYR A 1 63  ? -4.203  8.324   -2.806  1.00 47.72 ? 84  TYR A HD2  1 
ATOM   979  H HE1  . TYR A 1 63  ? -2.280  11.401  -5.663  1.00 64.82 ? 84  TYR A HE1  1 
ATOM   980  H HE2  . TYR A 1 63  ? -5.487  9.349   -4.428  1.00 55.52 ? 84  TYR A HE2  1 
ATOM   981  H HH   . TYR A 1 63  ? -5.556  10.814  -6.130  1.00 72.25 ? 84  TYR A HH   1 
ATOM   982  N N    . ILE A 1 64  ? -0.540  5.734   -1.125  1.00 27.91 ? 85  ILE A N    1 
ATOM   983  C CA   . ILE A 1 64  ? 0.190   4.854   -0.214  1.00 29.73 ? 85  ILE A CA   1 
ATOM   984  C C    . ILE A 1 64  ? 1.484   4.402   -0.880  1.00 27.34 ? 85  ILE A C    1 
ATOM   985  O O    . ILE A 1 64  ? 2.588   4.605   -0.361  1.00 24.69 ? 85  ILE A O    1 
ATOM   986  C CB   . ILE A 1 64  ? -0.676  3.643   0.184   1.00 21.23 ? 85  ILE A CB   1 
ATOM   987  C CG1  . ILE A 1 64  ? -1.981  4.071   0.875   1.00 22.54 ? 85  ILE A CG1  1 
ATOM   988  C CG2  . ILE A 1 64  ? 0.110   2.687   1.084   1.00 24.50 ? 85  ILE A CG2  1 
ATOM   989  C CD1  . ILE A 1 64  ? -1.823  4.575   2.311   1.00 24.12 ? 85  ILE A CD1  1 
ATOM   990  H H    . ILE A 1 64  ? -1.372  5.540   -1.217  1.00 33.60 ? 85  ILE A H    1 
ATOM   991  H HA   . ILE A 1 64  ? 0.417   5.344   0.591   1.00 35.79 ? 85  ILE A HA   1 
ATOM   992  H HB   . ILE A 1 64  ? -0.911  3.165   -0.627  1.00 25.59 ? 85  ILE A HB   1 
ATOM   993  H HG12 . ILE A 1 64  ? -2.384  4.785   0.358   1.00 27.16 ? 85  ILE A HG12 1 
ATOM   994  H HG13 . ILE A 1 64  ? -2.581  3.309   0.898   1.00 27.16 ? 85  ILE A HG13 1 
ATOM   995  H HG21 . ILE A 1 64  ? -0.458  1.936   1.319   1.00 29.51 ? 85  ILE A HG21 1 
ATOM   996  H HG22 . ILE A 1 64  ? 0.893   2.374   0.603   1.00 29.51 ? 85  ILE A HG22 1 
ATOM   997  H HG23 . ILE A 1 64  ? 0.382   3.161   1.886   1.00 29.51 ? 85  ILE A HG23 1 
ATOM   998  H HD11 . ILE A 1 64  ? -2.696  4.819   2.658   1.00 29.05 ? 85  ILE A HD11 1 
ATOM   999  H HD12 . ILE A 1 64  ? -1.437  3.869   2.853   1.00 29.05 ? 85  ILE A HD12 1 
ATOM   1000 H HD13 . ILE A 1 64  ? -1.239  5.350   2.311   1.00 29.05 ? 85  ILE A HD13 1 
ATOM   1001 N N    . LEU A 1 65  ? 1.352   3.812   -2.068  1.00 25.01 ? 86  LEU A N    1 
ATOM   1002 C CA   . LEU A 1 65  ? 2.516   3.301   -2.779  1.00 27.91 ? 86  LEU A CA   1 
ATOM   1003 C C    . LEU A 1 65  ? 3.546   4.399   -2.992  1.00 26.68 ? 86  LEU A C    1 
ATOM   1004 O O    . LEU A 1 65  ? 4.746   4.189   -2.768  1.00 24.73 ? 86  LEU A O    1 
ATOM   1005 C CB   . LEU A 1 65  ? 2.081   2.690   -4.111  1.00 28.76 ? 86  LEU A CB   1 
ATOM   1006 C CG   . LEU A 1 65  ? 3.128   1.926   -4.925  1.00 28.09 ? 86  LEU A CG   1 
ATOM   1007 C CD1  . LEU A 1 65  ? 3.864   0.899   -4.087  1.00 21.04 ? 86  LEU A CD1  1 
ATOM   1008 C CD2  . LEU A 1 65  ? 2.446   1.248   -6.102  1.00 31.76 ? 86  LEU A CD2  1 
ATOM   1009 H H    . LEU A 1 65  ? 0.605   3.696   -2.479  1.00 30.12 ? 86  LEU A H    1 
ATOM   1010 H HA   . LEU A 1 65  ? 2.928   2.602   -2.248  1.00 33.60 ? 86  LEU A HA   1 
ATOM   1011 H HB2  . LEU A 1 65  ? 1.355   2.071   -3.931  1.00 34.63 ? 86  LEU A HB2  1 
ATOM   1012 H HB3  . LEU A 1 65  ? 1.753   3.408   -4.675  1.00 34.63 ? 86  LEU A HB3  1 
ATOM   1013 H HG   . LEU A 1 65  ? 3.779   2.554   -5.275  1.00 33.82 ? 86  LEU A HG   1 
ATOM   1014 H HD11 . LEU A 1 65  ? 4.514   0.443   -4.644  1.00 25.36 ? 86  LEU A HD11 1 
ATOM   1015 H HD12 . LEU A 1 65  ? 4.315   1.352   -3.356  1.00 25.36 ? 86  LEU A HD12 1 
ATOM   1016 H HD13 . LEU A 1 65  ? 3.224   0.261   -3.736  1.00 25.36 ? 86  LEU A HD13 1 
ATOM   1017 H HD21 . LEU A 1 65  ? 3.112   0.765   -6.617  1.00 38.22 ? 86  LEU A HD21 1 
ATOM   1018 H HD22 . LEU A 1 65  ? 1.776   0.633   -5.766  1.00 38.22 ? 86  LEU A HD22 1 
ATOM   1019 H HD23 . LEU A 1 65  ? 2.026   1.925   -6.656  1.00 38.22 ? 86  LEU A HD23 1 
ATOM   1020 N N    . ASP A 1 66  ? 3.097   5.594   -3.379  1.00 27.79 ? 87  ASP A N    1 
ATOM   1021 C CA   . ASP A 1 66  ? 4.055   6.666   -3.600  1.00 30.59 ? 87  ASP A CA   1 
ATOM   1022 C C    . ASP A 1 66  ? 4.812   6.979   -2.318  1.00 31.92 ? 87  ASP A C    1 
ATOM   1023 O O    . ASP A 1 66  ? 6.039   7.145   -2.339  1.00 30.01 ? 87  ASP A O    1 
ATOM   1024 C CB   . ASP A 1 66  ? 3.350   7.904   -4.149  1.00 32.50 ? 87  ASP A CB   1 
ATOM   1025 C CG   . ASP A 1 66  ? 3.012   7.765   -5.625  1.00 45.55 ? 87  ASP A CG   1 
ATOM   1026 O OD1  . ASP A 1 66  ? 3.705   6.998   -6.330  1.00 44.31 ? 87  ASP A OD1  1 
ATOM   1027 O OD2  . ASP A 1 66  ? 2.051   8.415   -6.080  1.00 53.51 ? 87  ASP A OD2  1 
ATOM   1028 H H    . ASP A 1 66  ? 2.273   5.801   -3.514  1.00 33.46 ? 87  ASP A H    1 
ATOM   1029 H HA   . ASP A 1 66  ? 4.702   6.376   -4.263  1.00 36.82 ? 87  ASP A HA   1 
ATOM   1030 H HB2  . ASP A 1 66  ? 2.523   8.042   -3.662  1.00 39.11 ? 87  ASP A HB2  1 
ATOM   1031 H HB3  . ASP A 1 66  ? 3.932   8.674   -4.045  1.00 39.11 ? 87  ASP A HB3  1 
ATOM   1032 N N    . TYR A 1 67  ? 4.112   7.006   -1.182  1.00 31.07 ? 88  TYR A N    1 
ATOM   1033 C CA   . TYR A 1 67  ? 4.818   7.156   0.083   1.00 22.15 ? 88  TYR A CA   1 
ATOM   1034 C C    . TYR A 1 67  ? 5.882   6.077   0.217   1.00 29.63 ? 88  TYR A C    1 
ATOM   1035 O O    . TYR A 1 67  ? 7.065   6.375   0.433   1.00 26.63 ? 88  TYR A O    1 
ATOM   1036 C CB   . TYR A 1 67  ? 3.847   7.106   1.261   1.00 27.09 ? 88  TYR A CB   1 
ATOM   1037 C CG   . TYR A 1 67  ? 4.573   7.052   2.585   1.00 28.75 ? 88  TYR A CG   1 
ATOM   1038 C CD1  . TYR A 1 67  ? 5.253   8.161   3.070   1.00 26.31 ? 88  TYR A CD1  1 
ATOM   1039 C CD2  . TYR A 1 67  ? 4.611   5.883   3.330   1.00 25.30 ? 88  TYR A CD2  1 
ATOM   1040 C CE1  . TYR A 1 67  ? 5.936   8.109   4.265   1.00 25.82 ? 88  TYR A CE1  1 
ATOM   1041 C CE2  . TYR A 1 67  ? 5.292   5.822   4.529   1.00 29.23 ? 88  TYR A CE2  1 
ATOM   1042 C CZ   . TYR A 1 67  ? 5.952   6.938   4.990   1.00 27.47 ? 88  TYR A CZ   1 
ATOM   1043 O OH   . TYR A 1 67  ? 6.631   6.879   6.182   1.00 39.92 ? 88  TYR A OH   1 
ATOM   1044 H H    . TYR A 1 67  ? 3.255   6.942   -1.119  1.00 37.40 ? 88  TYR A H    1 
ATOM   1045 H HA   . TYR A 1 67  ? 5.261   8.019   0.097   1.00 26.69 ? 88  TYR A HA   1 
ATOM   1046 H HB2  . TYR A 1 67  ? 3.292   7.901   1.252   1.00 32.62 ? 88  TYR A HB2  1 
ATOM   1047 H HB3  . TYR A 1 67  ? 3.295   6.312   1.187   1.00 32.62 ? 88  TYR A HB3  1 
ATOM   1048 H HD1  . TYR A 1 67  ? 5.247   8.953   2.582   1.00 31.68 ? 88  TYR A HD1  1 
ATOM   1049 H HD2  . TYR A 1 67  ? 4.168   5.127   3.018   1.00 30.47 ? 88  TYR A HD2  1 
ATOM   1050 H HE1  . TYR A 1 67  ? 6.384   8.861   4.582   1.00 31.09 ? 88  TYR A HE1  1 
ATOM   1051 H HE2  . TYR A 1 67  ? 5.306   5.033   5.021   1.00 35.18 ? 88  TYR A HE2  1 
ATOM   1052 H HH   . TYR A 1 67  ? 6.989   7.621   6.347   1.00 48.02 ? 88  TYR A HH   1 
ATOM   1053 N N    . LEU A 1 68  ? 5.487   4.809   0.037   1.00 26.37 ? 89  LEU A N    1 
ATOM   1054 C CA   . LEU A 1 68  ? 6.450   3.723   0.162   1.00 25.68 ? 89  LEU A CA   1 
ATOM   1055 C C    . LEU A 1 68  ? 7.643   3.948   -0.756  1.00 32.05 ? 89  LEU A C    1 
ATOM   1056 O O    . LEU A 1 68  ? 8.775   3.598   -0.403  1.00 27.55 ? 89  LEU A O    1 
ATOM   1057 C CB   . LEU A 1 68  ? 5.785   2.377   -0.149  1.00 24.65 ? 89  LEU A CB   1 
ATOM   1058 C CG   . LEU A 1 68  ? 4.667   1.902   0.785   1.00 30.22 ? 89  LEU A CG   1 
ATOM   1059 C CD1  . LEU A 1 68  ? 4.056   0.603   0.288   1.00 25.08 ? 89  LEU A CD1  1 
ATOM   1060 C CD2  . LEU A 1 68  ? 5.176   1.725   2.198   1.00 28.85 ? 89  LEU A CD2  1 
ATOM   1061 H H    . LEU A 1 68  ? 4.686   4.563   -0.152  1.00 31.75 ? 89  LEU A H    1 
ATOM   1062 H HA   . LEU A 1 68  ? 6.776   3.693   1.075   1.00 30.93 ? 89  LEU A HA   1 
ATOM   1063 H HB2  . LEU A 1 68  ? 5.407   2.429   -1.041  1.00 29.69 ? 89  LEU A HB2  1 
ATOM   1064 H HB3  . LEU A 1 68  ? 6.474   1.694   -0.137  1.00 29.69 ? 89  LEU A HB3  1 
ATOM   1065 H HG   . LEU A 1 68  ? 3.966   2.573   0.803   1.00 36.37 ? 89  LEU A HG   1 
ATOM   1066 H HD11 . LEU A 1 68  ? 3.354   0.330   0.899   1.00 30.21 ? 89  LEU A HD11 1 
ATOM   1067 H HD12 . LEU A 1 68  ? 3.687   0.746   -0.598  1.00 30.21 ? 89  LEU A HD12 1 
ATOM   1068 H HD13 . LEU A 1 68  ? 4.747   -0.077  0.252   1.00 30.21 ? 89  LEU A HD13 1 
ATOM   1069 H HD21 . LEU A 1 68  ? 4.446   1.424   2.760   1.00 34.73 ? 89  LEU A HD21 1 
ATOM   1070 H HD22 . LEU A 1 68  ? 5.888   1.065   2.196   1.00 34.73 ? 89  LEU A HD22 1 
ATOM   1071 H HD23 . LEU A 1 68  ? 5.515   2.575   2.518   1.00 34.73 ? 89  LEU A HD23 1 
ATOM   1072 N N    . ARG A 1 69  ? 7.417   4.557   -1.922  1.00 32.35 ? 90  ARG A N    1 
ATOM   1073 C CA   . ARG A 1 69  ? 8.507   4.777   -2.862  1.00 34.72 ? 90  ARG A CA   1 
ATOM   1074 C C    . ARG A 1 69  ? 9.360   5.971   -2.461  1.00 38.75 ? 90  ARG A C    1 
ATOM   1075 O O    . ARG A 1 69  ? 10.588  5.927   -2.589  1.00 33.45 ? 90  ARG A O    1 
ATOM   1076 C CB   . ARG A 1 69  ? 7.954   4.989   -4.271  1.00 35.82 ? 90  ARG A CB   1 
ATOM   1077 C CG   . ARG A 1 69  ? 7.535   3.717   -4.976  1.00 31.33 ? 90  ARG A CG   1 
ATOM   1078 C CD   . ARG A 1 69  ? 6.582   4.028   -6.119  1.00 32.94 ? 90  ARG A CD   1 
ATOM   1079 N NE   . ARG A 1 69  ? 6.379   2.887   -7.006  1.00 27.85 ? 90  ARG A NE   1 
ATOM   1080 C CZ   . ARG A 1 69  ? 5.354   2.760   -7.842  1.00 29.62 ? 90  ARG A CZ   1 
ATOM   1081 N NH1  . ARG A 1 69  ? 4.416   3.697   -7.898  1.00 36.20 ? 90  ARG A NH1  1 
ATOM   1082 N NH2  . ARG A 1 69  ? 5.258   1.687   -8.615  1.00 33.93 ? 90  ARG A NH2  1 
ATOM   1083 H H    . ARG A 1 69  ? 6.651   4.847   -2.186  1.00 38.94 ? 90  ARG A H    1 
ATOM   1084 H HA   . ARG A 1 69  ? 9.076   3.992   -2.876  1.00 41.78 ? 90  ARG A HA   1 
ATOM   1085 H HB2  . ARG A 1 69  ? 7.176   5.565   -4.216  1.00 43.09 ? 90  ARG A HB2  1 
ATOM   1086 H HB3  . ARG A 1 69  ? 8.638   5.413   -4.811  1.00 43.09 ? 90  ARG A HB3  1 
ATOM   1087 H HG2  . ARG A 1 69  ? 8.318   3.277   -5.342  1.00 37.71 ? 90  ARG A HG2  1 
ATOM   1088 H HG3  . ARG A 1 69  ? 7.079   3.133   -4.349  1.00 37.71 ? 90  ARG A HG3  1 
ATOM   1089 H HD2  . ARG A 1 69  ? 5.720   4.281   -5.753  1.00 39.64 ? 90  ARG A HD2  1 
ATOM   1090 H HD3  . ARG A 1 69  ? 6.946   4.757   -6.646  1.00 39.64 ? 90  ARG A HD3  1 
ATOM   1091 H HE   . ARG A 1 69  ? 6.962   2.256   -6.987  1.00 33.53 ? 90  ARG A HE   1 
ATOM   1092 H HH11 . ARG A 1 69  ? 4.475   4.394   -7.399  1.00 43.55 ? 90  ARG A HH11 1 
ATOM   1093 H HH12 . ARG A 1 69  ? 3.753   3.608   -8.438  1.00 43.55 ? 90  ARG A HH12 1 
ATOM   1094 H HH21 . ARG A 1 69  ? 5.861   1.075   -8.579  1.00 40.82 ? 90  ARG A HH21 1 
ATOM   1095 H HH22 . ARG A 1 69  ? 4.590   1.602   -9.152  1.00 40.82 ? 90  ARG A HH22 1 
ATOM   1096 N N    . ASP A 1 70  ? 8.730   7.040   -1.968  1.00 31.19 ? 91  ASP A N    1 
ATOM   1097 C CA   . ASP A 1 70  ? 9.408   8.320   -1.826  1.00 32.82 ? 91  ASP A CA   1 
ATOM   1098 C C    . ASP A 1 70  ? 9.433   8.860   -0.407  1.00 36.75 ? 91  ASP A C    1 
ATOM   1099 O O    . ASP A 1 70  ? 10.110  9.864   -0.165  1.00 41.28 ? 91  ASP A O    1 
ATOM   1100 C CB   . ASP A 1 70  ? 8.749   9.378   -2.727  1.00 35.65 ? 91  ASP A CB   1 
ATOM   1101 C CG   . ASP A 1 70  ? 9.124   9.224   -4.185  1.00 39.07 ? 91  ASP A CG   1 
ATOM   1102 O OD1  . ASP A 1 70  ? 10.052  8.444   -4.489  1.00 41.08 ? 91  ASP A OD1  1 
ATOM   1103 O OD2  . ASP A 1 70  ? 8.489   9.888   -5.030  1.00 40.30 ? 91  ASP A OD2  1 
ATOM   1104 H H    . ASP A 1 70  ? 7.910   7.046   -1.710  1.00 37.54 ? 91  ASP A H    1 
ATOM   1105 H HA   . ASP A 1 70  ? 10.327  8.217   -2.116  1.00 39.50 ? 91  ASP A HA   1 
ATOM   1106 H HB2  . ASP A 1 70  ? 7.785   9.298   -2.655  1.00 42.89 ? 91  ASP A HB2  1 
ATOM   1107 H HB3  . ASP A 1 70  ? 9.031   10.260  -2.437  1.00 42.89 ? 91  ASP A HB3  1 
ATOM   1108 N N    . ARG A 1 71  ? 8.719   8.242   0.529   1.00 32.77 ? 92  ARG A N    1 
ATOM   1109 C CA   . ARG A 1 71  ? 8.561   8.778   1.876   1.00 37.20 ? 92  ARG A CA   1 
ATOM   1110 C C    . ARG A 1 71  ? 7.885   10.143  1.865   1.00 30.38 ? 92  ARG A C    1 
ATOM   1111 O O    . ARG A 1 71  ? 7.973   10.894  2.840   1.00 38.28 ? 92  ARG A O    1 
ATOM   1112 C CB   . ARG A 1 71  ? 9.908   8.859   2.601   1.00 42.62 ? 92  ARG A CB   1 
ATOM   1113 C CG   . ARG A 1 71  ? 10.665  7.543   2.645   1.00 38.35 ? 92  ARG A CG   1 
ATOM   1114 C CD   . ARG A 1 71  ? 9.892   6.480   3.406   1.00 42.98 ? 92  ARG A CD   1 
ATOM   1115 N NE   . ARG A 1 71  ? 10.773  5.448   3.948   1.00 49.78 ? 92  ARG A NE   1 
ATOM   1116 C CZ   . ARG A 1 71  ? 11.116  4.330   3.314   1.00 50.56 ? 92  ARG A CZ   1 
ATOM   1117 N NH1  . ARG A 1 71  ? 10.653  4.071   2.096   1.00 49.30 ? 92  ARG A NH1  1 
ATOM   1118 N NH2  . ARG A 1 71  ? 11.927  3.463   3.904   1.00 49.46 ? 92  ARG A NH2  1 
ATOM   1119 H H    . ARG A 1 71  ? 8.308   7.497   0.404   1.00 39.44 ? 92  ARG A H    1 
ATOM   1120 H HA   . ARG A 1 71  ? 7.992   8.176   2.382   1.00 44.75 ? 92  ARG A HA   1 
ATOM   1121 H HB2  . ARG A 1 71  ? 10.467  9.508   2.146   1.00 51.25 ? 92  ARG A HB2  1 
ATOM   1122 H HB3  . ARG A 1 71  ? 9.754   9.143   3.515   1.00 51.25 ? 92  ARG A HB3  1 
ATOM   1123 H HG2  . ARG A 1 71  ? 10.808  7.225   1.740   1.00 46.13 ? 92  ARG A HG2  1 
ATOM   1124 H HG3  . ARG A 1 71  ? 11.516  7.679   3.092   1.00 46.13 ? 92  ARG A HG3  1 
ATOM   1125 H HD2  . ARG A 1 71  ? 9.422   6.897   4.146   1.00 51.68 ? 92  ARG A HD2  1 
ATOM   1126 H HD3  . ARG A 1 71  ? 9.260   6.055   2.805   1.00 51.68 ? 92  ARG A HD3  1 
ATOM   1127 H HE   . ARG A 1 71  ? 11.095  5.572   4.736   1.00 59.85 ? 92  ARG A HE   1 
ATOM   1128 H HH11 . ARG A 1 71  ? 10.127  4.630   1.708   1.00 59.27 ? 92  ARG A HH11 1 
ATOM   1129 H HH12 . ARG A 1 71  ? 10.880  3.345   1.696   1.00 59.27 ? 92  ARG A HH12 1 
ATOM   1130 H HH21 . ARG A 1 71  ? 12.228  3.624   4.694   1.00 59.47 ? 92  ARG A HH21 1 
ATOM   1131 H HH22 . ARG A 1 71  ? 12.149  2.737   3.498   1.00 59.47 ? 92  ARG A HH22 1 
ATOM   1132 N N    . GLN A 1 72  ? 7.222   10.480  0.762   1.00 31.41 ? 93  GLN A N    1 
ATOM   1133 C CA   . GLN A 1 72  ? 6.419   11.689  0.669   1.00 31.92 ? 93  GLN A CA   1 
ATOM   1134 C C    . GLN A 1 72  ? 5.259   11.399  -0.271  1.00 38.40 ? 93  GLN A C    1 
ATOM   1135 O O    . GLN A 1 72  ? 5.248   10.389  -0.979  1.00 39.74 ? 93  GLN A O    1 
ATOM   1136 C CB   . GLN A 1 72  ? 7.244   12.883  0.172   1.00 38.95 ? 93  GLN A CB   1 
ATOM   1137 C CG   . GLN A 1 72  ? 7.780   12.710  -1.242  1.00 43.82 ? 93  GLN A CG   1 
ATOM   1138 C CD   . GLN A 1 72  ? 8.552   13.915  -1.732  1.00 46.72 ? 93  GLN A CD   1 
ATOM   1139 O OE1  . GLN A 1 72  ? 7.991   14.995  -1.915  1.00 41.05 ? 93  GLN A OE1  1 
ATOM   1140 N NE2  . GLN A 1 72  ? 9.850   13.736  -1.953  1.00 54.84 ? 93  GLN A NE2  1 
ATOM   1141 H H    . GLN A 1 72  ? 7.224   10.013  0.040   1.00 37.80 ? 93  GLN A H    1 
ATOM   1142 H HA   . GLN A 1 72  ? 6.059   11.907  1.543   1.00 38.42 ? 93  GLN A HA   1 
ATOM   1143 H HB2  . GLN A 1 72  ? 6.685   13.675  0.182   1.00 46.85 ? 93  GLN A HB2  1 
ATOM   1144 H HB3  . GLN A 1 72  ? 8.002   13.006  0.763   1.00 46.85 ? 93  GLN A HB3  1 
ATOM   1145 H HG2  . GLN A 1 72  ? 8.376   11.945  -1.262  1.00 52.70 ? 93  GLN A HG2  1 
ATOM   1146 H HG3  . GLN A 1 72  ? 7.035   12.566  -1.846  1.00 52.70 ? 93  GLN A HG3  1 
ATOM   1147 H HE21 . GLN A 1 72  ? 10.207  12.965  -1.816  1.00 65.92 ? 93  GLN A HE21 1 
ATOM   1148 H HE22 . GLN A 1 72  ? 10.334  14.390  -2.232  1.00 65.92 ? 93  GLN A HE22 1 
ATOM   1149 N N    . VAL A 1 73  ? 4.279   12.297  -0.276  1.00 29.97 ? 94  VAL A N    1 
ATOM   1150 C CA   . VAL A 1 73  ? 3.127   12.179  -1.164  1.00 37.46 ? 94  VAL A CA   1 
ATOM   1151 C C    . VAL A 1 73  ? 2.764   13.561  -1.679  1.00 32.68 ? 94  VAL A C    1 
ATOM   1152 O O    . VAL A 1 73  ? 2.676   14.516  -0.902  1.00 36.49 ? 94  VAL A O    1 
ATOM   1153 C CB   . VAL A 1 73  ? 1.910   11.543  -0.464  1.00 41.49 ? 94  VAL A CB   1 
ATOM   1154 C CG1  . VAL A 1 73  ? 2.177   10.083  -0.167  1.00 42.13 ? 94  VAL A CG1  1 
ATOM   1155 C CG2  . VAL A 1 73  ? 1.563   12.303  0.814   1.00 50.58 ? 94  VAL A CG2  1 
ATOM   1156 H H    . VAL A 1 73  ? 4.256   12.991  0.231   1.00 36.07 ? 94  VAL A H    1 
ATOM   1157 H HA   . VAL A 1 73  ? 3.365   11.625  -1.923  1.00 45.06 ? 94  VAL A HA   1 
ATOM   1158 H HB   . VAL A 1 73  ? 1.145   11.592  -1.058  1.00 49.90 ? 94  VAL A HB   1 
ATOM   1159 H HG11 . VAL A 1 73  ? 1.399   9.704   0.273   1.00 50.67 ? 94  VAL A HG11 1 
ATOM   1160 H HG12 . VAL A 1 73  ? 2.346   9.618   -1.002  1.00 50.67 ? 94  VAL A HG12 1 
ATOM   1161 H HG13 . VAL A 1 73  ? 2.952   10.015  0.413   1.00 50.67 ? 94  VAL A HG13 1 
ATOM   1162 H HG21 . VAL A 1 73  ? 0.796   11.882  1.232   1.00 60.81 ? 94  VAL A HG21 1 
ATOM   1163 H HG22 . VAL A 1 73  ? 2.324   12.276  1.414   1.00 60.81 ? 94  VAL A HG22 1 
ATOM   1164 H HG23 . VAL A 1 73  ? 1.353   13.223  0.586   1.00 60.81 ? 94  VAL A HG23 1 
ATOM   1165 N N    . VAL A 1 74  ? 2.554   13.665  -2.986  1.00 37.15 ? 95  VAL A N    1 
ATOM   1166 C CA   . VAL A 1 74  ? 1.984   14.856  -3.600  1.00 35.02 ? 95  VAL A CA   1 
ATOM   1167 C C    . VAL A 1 74  ? 0.541   14.531  -3.949  1.00 41.19 ? 95  VAL A C    1 
ATOM   1168 O O    . VAL A 1 74  ? 0.268   13.549  -4.650  1.00 45.58 ? 95  VAL A O    1 
ATOM   1169 C CB   . VAL A 1 74  ? 2.778   15.289  -4.843  1.00 38.95 ? 95  VAL A CB   1 
ATOM   1170 C CG1  . VAL A 1 74  ? 2.175   16.549  -5.448  1.00 33.81 ? 95  VAL A CG1  1 
ATOM   1171 C CG2  . VAL A 1 74  ? 4.244   15.517  -4.485  1.00 36.40 ? 95  VAL A CG2  1 
ATOM   1172 H H    . VAL A 1 74  ? 2.738   13.043  -3.551  1.00 44.69 ? 95  VAL A H    1 
ATOM   1173 H HA   . VAL A 1 74  ? 1.991   15.585  -2.961  1.00 42.14 ? 95  VAL A HA   1 
ATOM   1174 H HB   . VAL A 1 74  ? 2.736   14.584  -5.509  1.00 46.85 ? 95  VAL A HB   1 
ATOM   1175 H HG11 . VAL A 1 74  ? 2.692   16.803  -6.228  1.00 40.69 ? 95  VAL A HG11 1 
ATOM   1176 H HG12 . VAL A 1 74  ? 1.256   16.369  -5.701  1.00 40.69 ? 95  VAL A HG12 1 
ATOM   1177 H HG13 . VAL A 1 74  ? 2.203   17.259  -4.787  1.00 40.69 ? 95  VAL A HG13 1 
ATOM   1178 H HG21 . VAL A 1 74  ? 4.725   15.789  -5.282  1.00 43.79 ? 95  VAL A HG21 1 
ATOM   1179 H HG22 . VAL A 1 74  ? 4.299   16.212  -3.810  1.00 43.79 ? 95  VAL A HG22 1 
ATOM   1180 H HG23 . VAL A 1 74  ? 4.616   14.690  -4.138  1.00 43.79 ? 95  VAL A HG23 1 
ATOM   1181 N N    . LEU A 1 75  ? -0.384  15.337  -3.448  1.00 45.84 ? 96  LEU A N    1 
ATOM   1182 C CA   . LEU A 1 75  ? -1.787  15.069  -3.727  1.00 55.59 ? 96  LEU A CA   1 
ATOM   1183 C C    . LEU A 1 75  ? -2.299  15.998  -4.820  1.00 58.84 ? 96  LEU A C    1 
ATOM   1184 O O    . LEU A 1 75  ? -1.877  17.158  -4.894  1.00 56.79 ? 96  LEU A O    1 
ATOM   1185 C CB   . LEU A 1 75  ? -2.632  15.255  -2.465  1.00 41.24 ? 96  LEU A CB   1 
ATOM   1186 C CG   . LEU A 1 75  ? -2.210  14.412  -1.256  1.00 41.97 ? 96  LEU A CG   1 
ATOM   1187 C CD1  . LEU A 1 75  ? -3.110  14.700  -0.069  1.00 41.23 ? 96  LEU A CD1  1 
ATOM   1188 C CD2  . LEU A 1 75  ? -2.216  12.926  -1.578  1.00 44.26 ? 96  LEU A CD2  1 
ATOM   1189 H H    . LEU A 1 75  ? -0.234  16.027  -2.957  1.00 55.12 ? 96  LEU A H    1 
ATOM   1190 H HA   . LEU A 1 75  ? -1.886  14.153  -4.031  1.00 66.81 ? 96  LEU A HA   1 
ATOM   1191 H HB2  . LEU A 1 75  ? -2.587  16.188  -2.200  1.00 49.60 ? 96  LEU A HB2  1 
ATOM   1192 H HB3  . LEU A 1 75  ? -3.551  15.023  -2.674  1.00 49.60 ? 96  LEU A HB3  1 
ATOM   1193 H HG   . LEU A 1 75  ? -1.305  14.658  -1.006  1.00 50.48 ? 96  LEU A HG   1 
ATOM   1194 H HD11 . LEU A 1 75  ? -2.825  14.158  0.682   1.00 49.59 ? 96  LEU A HD11 1 
ATOM   1195 H HD12 . LEU A 1 75  ? -3.043  15.641  0.157   1.00 49.59 ? 96  LEU A HD12 1 
ATOM   1196 H HD13 . LEU A 1 75  ? -4.025  14.481  -0.308  1.00 49.59 ? 96  LEU A HD13 1 
ATOM   1197 H HD21 . LEU A 1 75  ? -1.944  12.432  -0.789  1.00 53.22 ? 96  LEU A HD21 1 
ATOM   1198 H HD22 . LEU A 1 75  ? -3.112  12.664  -1.840  1.00 53.22 ? 96  LEU A HD22 1 
ATOM   1199 H HD23 . LEU A 1 75  ? -1.596  12.758  -2.305  1.00 53.22 ? 96  LEU A HD23 1 
ATOM   1200 N N    . PRO A 1 76  ? -3.192  15.537  -5.697  1.00 56.07 ? 97  PRO A N    1 
ATOM   1201 C CA   . PRO A 1 76  ? -3.815  16.459  -6.652  1.00 59.04 ? 97  PRO A CA   1 
ATOM   1202 C C    . PRO A 1 76  ? -4.390  17.668  -5.928  1.00 61.54 ? 97  PRO A C    1 
ATOM   1203 O O    . PRO A 1 76  ? -4.797  17.584  -4.768  1.00 62.54 ? 97  PRO A O    1 
ATOM   1204 C CB   . PRO A 1 76  ? -4.910  15.610  -7.307  1.00 64.81 ? 97  PRO A CB   1 
ATOM   1205 C CG   . PRO A 1 76  ? -4.427  14.198  -7.170  1.00 64.34 ? 97  PRO A CG   1 
ATOM   1206 C CD   . PRO A 1 76  ? -3.672  14.152  -5.867  1.00 62.02 ? 97  PRO A CD   1 
ATOM   1207 H HA   . PRO A 1 76  ? -3.175  16.747  -7.323  1.00 70.96 ? 97  PRO A HA   1 
ATOM   1208 H HB2  . PRO A 1 76  ? -5.749  15.735  -6.836  1.00 77.88 ? 97  PRO A HB2  1 
ATOM   1209 H HB3  . PRO A 1 76  ? -5.000  15.854  -8.242  1.00 77.88 ? 97  PRO A HB3  1 
ATOM   1210 H HG2  . PRO A 1 76  ? -5.186  13.594  -7.147  1.00 77.32 ? 97  PRO A HG2  1 
ATOM   1211 H HG3  . PRO A 1 76  ? -3.840  13.981  -7.912  1.00 77.32 ? 97  PRO A HG3  1 
ATOM   1212 H HD2  . PRO A 1 76  ? -4.268  13.910  -5.141  1.00 74.54 ? 97  PRO A HD2  1 
ATOM   1213 H HD3  . PRO A 1 76  ? -2.923  13.540  -5.931  1.00 74.54 ? 97  PRO A HD3  1 
ATOM   1214 N N    . ASP A 1 77  ? -4.408  18.806  -6.620  1.00 63.89 ? 98  ASP A N    1 
ATOM   1215 C CA   . ASP A 1 77  ? -4.860  20.045  -5.999  1.00 70.55 ? 98  ASP A CA   1 
ATOM   1216 C C    . ASP A 1 77  ? -6.289  19.904  -5.484  1.00 64.98 ? 98  ASP A C    1 
ATOM   1217 O O    . ASP A 1 77  ? -7.124  19.214  -6.074  1.00 63.14 ? 98  ASP A O    1 
ATOM   1218 C CB   . ASP A 1 77  ? -4.777  21.206  -6.992  1.00 73.94 ? 98  ASP A CB   1 
ATOM   1219 C CG   . ASP A 1 77  ? -3.390  21.814  -7.062  1.00 78.28 ? 98  ASP A CG   1 
ATOM   1220 O OD1  . ASP A 1 77  ? -2.402  21.082  -6.840  1.00 85.30 ? 98  ASP A OD1  1 
ATOM   1221 O OD2  . ASP A 1 77  ? -3.292  23.033  -7.322  1.00 71.40 ? 98  ASP A OD2  1 
ATOM   1222 H H    . ASP A 1 77  ? -4.165  18.886  -7.441  1.00 76.78 ? 98  ASP A H    1 
ATOM   1223 H HA   . ASP A 1 77  ? -4.286  20.250  -5.244  1.00 84.77 ? 98  ASP A HA   1 
ATOM   1224 H HB2  . ASP A 1 77  ? -5.009  20.884  -7.877  1.00 88.84 ? 98  ASP A HB2  1 
ATOM   1225 H HB3  . ASP A 1 77  ? -5.395  21.901  -6.718  1.00 88.84 ? 98  ASP A HB3  1 
ATOM   1226 N N    . HIS A 1 78  ? -6.563  20.576  -4.365  1.00 65.13 ? 99  HIS A N    1 
ATOM   1227 C CA   . HIS A 1 78  ? -7.886  20.564  -3.739  1.00 65.89 ? 99  HIS A CA   1 
ATOM   1228 C C    . HIS A 1 78  ? -8.335  19.146  -3.397  1.00 60.05 ? 99  HIS A C    1 
ATOM   1229 O O    . HIS A 1 78  ? -9.523  18.825  -3.484  1.00 58.32 ? 99  HIS A O    1 
ATOM   1230 C CB   . HIS A 1 78  ? -8.930  21.237  -4.636  1.00 69.85 ? 99  HIS A CB   1 
ATOM   1231 C CG   . HIS A 1 78  ? -8.406  22.415  -5.397  1.00 72.53 ? 99  HIS A CG   1 
ATOM   1232 N ND1  . HIS A 1 78  ? -7.998  22.327  -6.710  1.00 67.25 ? 99  HIS A ND1  1 
ATOM   1233 C CD2  . HIS A 1 78  ? -8.223  23.705  -5.030  1.00 65.03 ? 99  HIS A CD2  1 
ATOM   1234 C CE1  . HIS A 1 78  ? -7.587  23.513  -7.120  1.00 68.78 ? 99  HIS A CE1  1 
ATOM   1235 N NE2  . HIS A 1 78  ? -7.712  24.367  -6.120  1.00 70.67 ? 99  HIS A NE2  1 
ATOM   1236 H H    . HIS A 1 78  ? -5.988  21.055  -3.941  1.00 78.27 ? 99  HIS A H    1 
ATOM   1237 H HA   . HIS A 1 78  ? -7.842  21.065  -2.911  1.00 79.17 ? 99  HIS A HA   1 
ATOM   1238 H HB2  . HIS A 1 78  ? -9.254  20.588  -5.280  1.00 83.93 ? 99  HIS A HB2  1 
ATOM   1239 H HB3  . HIS A 1 78  ? -9.665  21.545  -4.082  1.00 83.93 ? 99  HIS A HB3  1 
ATOM   1240 H HD2  . HIS A 1 78  ? -8.408  24.073  -4.196  1.00 78.15 ? 99  HIS A HD2  1 
ATOM   1241 H HE1  . HIS A 1 78  ? -7.263  23.714  -7.969  1.00 82.65 ? 99  HIS A HE1  1 
ATOM   1242 H HE2  . HIS A 1 78  ? -7.508  25.201  -6.147  1.00 84.91 ? 99  HIS A HE2  1 
ATOM   1243 N N    . PHE A 1 79  ? -7.400  18.287  -3.007  1.00 59.58 ? 100 PHE A N    1 
ATOM   1244 C CA   . PHE A 1 79  ? -7.732  16.903  -2.697  1.00 55.83 ? 100 PHE A CA   1 
ATOM   1245 C C    . PHE A 1 79  ? -8.778  16.861  -1.586  1.00 49.91 ? 100 PHE A C    1 
ATOM   1246 O O    . PHE A 1 79  ? -8.496  17.316  -0.467  1.00 45.87 ? 100 PHE A O    1 
ATOM   1247 C CB   . PHE A 1 79  ? -6.484  16.132  -2.274  1.00 50.35 ? 100 PHE A CB   1 
ATOM   1248 C CG   . PHE A 1 79  ? -6.655  14.639  -2.308  1.00 49.29 ? 100 PHE A CG   1 
ATOM   1249 C CD1  . PHE A 1 79  ? -6.819  13.975  -3.513  1.00 55.74 ? 100 PHE A CD1  1 
ATOM   1250 C CD2  . PHE A 1 79  ? -6.641  13.895  -1.139  1.00 48.35 ? 100 PHE A CD2  1 
ATOM   1251 C CE1  . PHE A 1 79  ? -6.975  12.602  -3.552  1.00 44.37 ? 100 PHE A CE1  1 
ATOM   1252 C CE2  . PHE A 1 79  ? -6.794  12.521  -1.174  1.00 45.71 ? 100 PHE A CE2  1 
ATOM   1253 C CZ   . PHE A 1 79  ? -6.960  11.875  -2.382  1.00 39.30 ? 100 PHE A CZ   1 
ATOM   1254 H H    . PHE A 1 79  ? -6.567  18.482  -2.915  1.00 71.61 ? 100 PHE A H    1 
ATOM   1255 H HA   . PHE A 1 79  ? -8.104  16.476  -3.485  1.00 67.11 ? 100 PHE A HA   1 
ATOM   1256 H HB2  . PHE A 1 79  ? -5.757  16.361  -2.874  1.00 60.53 ? 100 PHE A HB2  1 
ATOM   1257 H HB3  . PHE A 1 79  ? -6.254  16.384  -1.367  1.00 60.53 ? 100 PHE A HB3  1 
ATOM   1258 H HD1  . PHE A 1 79  ? -6.829  14.461  -4.306  1.00 67.00 ? 100 PHE A HD1  1 
ATOM   1259 H HD2  . PHE A 1 79  ? -6.530  14.324  -0.322  1.00 58.14 ? 100 PHE A HD2  1 
ATOM   1260 H HE1  . PHE A 1 79  ? -7.085  12.169  -4.368  1.00 53.36 ? 100 PHE A HE1  1 
ATOM   1261 H HE2  . PHE A 1 79  ? -6.785  12.032  -0.383  1.00 54.96 ? 100 PHE A HE2  1 
ATOM   1262 H HZ   . PHE A 1 79  ? -7.064  10.951  -2.405  1.00 47.27 ? 100 PHE A HZ   1 
ATOM   1263 N N    . PRO A 1 80  ? -9.978  16.343  -1.840  1.00 49.80 ? 101 PRO A N    1 
ATOM   1264 C CA   . PRO A 1 80  ? -11.038 16.355  -0.820  1.00 46.66 ? 101 PRO A CA   1 
ATOM   1265 C C    . PRO A 1 80  ? -11.089 15.130  0.084   1.00 43.16 ? 101 PRO A C    1 
ATOM   1266 O O    . PRO A 1 80  ? -12.047 15.005  0.852   1.00 44.25 ? 101 PRO A O    1 
ATOM   1267 C CB   . PRO A 1 80  ? -12.305 16.429  -1.682  1.00 48.35 ? 101 PRO A CB   1 
ATOM   1268 C CG   . PRO A 1 80  ? -11.955 15.639  -2.894  1.00 42.36 ? 101 PRO A CG   1 
ATOM   1269 C CD   . PRO A 1 80  ? -10.480 15.851  -3.136  1.00 48.98 ? 101 PRO A CD   1 
ATOM   1270 H HA   . PRO A 1 80  ? -10.973 17.155  -0.276  1.00 56.11 ? 101 PRO A HA   1 
ATOM   1271 H HB2  . PRO A 1 80  ? -13.051 16.027  -1.209  1.00 58.13 ? 101 PRO A HB2  1 
ATOM   1272 H HB3  . PRO A 1 80  ? -12.495 17.351  -1.913  1.00 58.13 ? 101 PRO A HB3  1 
ATOM   1273 H HG2  . PRO A 1 80  ? -12.139 14.700  -2.732  1.00 50.94 ? 101 PRO A HG2  1 
ATOM   1274 H HG3  . PRO A 1 80  ? -12.472 15.960  -3.649  1.00 50.94 ? 101 PRO A HG3  1 
ATOM   1275 H HD2  . PRO A 1 80  ? -10.053 15.011  -3.367  1.00 58.89 ? 101 PRO A HD2  1 
ATOM   1276 H HD3  . PRO A 1 80  ? -10.345 16.519  -3.826  1.00 58.89 ? 101 PRO A HD3  1 
ATOM   1277 N N    . GLU A 1 81  ? -10.102 14.234  0.024   1.00 45.15 ? 102 GLU A N    1 
ATOM   1278 C CA   . GLU A 1 81  ? -10.151 12.975  0.762   1.00 46.60 ? 102 GLU A CA   1 
ATOM   1279 C C    . GLU A 1 81  ? -8.878  12.752  1.572   1.00 41.88 ? 102 GLU A C    1 
ATOM   1280 O O    . GLU A 1 81  ? -8.447  11.613  1.766   1.00 35.04 ? 102 GLU A O    1 
ATOM   1281 C CB   . GLU A 1 81  ? -10.392 11.805  -0.188  1.00 42.83 ? 102 GLU A CB   1 
ATOM   1282 C CG   . GLU A 1 81  ? -11.694 11.916  -0.960  1.00 49.20 ? 102 GLU A CG   1 
ATOM   1283 C CD   . GLU A 1 81  ? -11.999 10.672  -1.767  1.00 48.06 ? 102 GLU A CD   1 
ATOM   1284 O OE1  . GLU A 1 81  ? -11.211 9.708   -1.693  1.00 53.25 ? 102 GLU A OE1  1 
ATOM   1285 O OE2  . GLU A 1 81  ? -13.028 10.658  -2.472  1.00 47.14 ? 102 GLU A OE2  1 
ATOM   1286 H H    . GLU A 1 81  ? -9.386  14.336  -0.443  1.00 54.30 ? 102 GLU A H    1 
ATOM   1287 H HA   . GLU A 1 81  ? -10.895 13.008  1.384   1.00 56.03 ? 102 GLU A HA   1 
ATOM   1288 H HB2  . GLU A 1 81  ? -9.667  11.767  -0.832  1.00 51.51 ? 102 GLU A HB2  1 
ATOM   1289 H HB3  . GLU A 1 81  ? -10.420 10.983  0.327   1.00 51.51 ? 102 GLU A HB3  1 
ATOM   1290 H HG2  . GLU A 1 81  ? -12.422 12.054  -0.335  1.00 59.16 ? 102 GLU A HG2  1 
ATOM   1291 H HG3  . GLU A 1 81  ? -11.635 12.664  -1.575  1.00 59.16 ? 102 GLU A HG3  1 
ATOM   1292 N N    . LYS A 1 82  ? -8.271  13.834  2.058   1.00 36.83 ? 103 LYS A N    1 
ATOM   1293 C CA   . LYS A 1 82  ? -7.087  13.705  2.898   1.00 40.54 ? 103 LYS A CA   1 
ATOM   1294 C C    . LYS A 1 82  ? -7.369  12.822  4.111   1.00 41.96 ? 103 LYS A C    1 
ATOM   1295 O O    . LYS A 1 82  ? -6.505  12.048  4.543   1.00 32.11 ? 103 LYS A O    1 
ATOM   1296 C CB   . LYS A 1 82  ? -6.619  15.097  3.324   1.00 44.62 ? 103 LYS A CB   1 
ATOM   1297 C CG   . LYS A 1 82  ? -5.153  15.199  3.705   1.00 50.52 ? 103 LYS A CG   1 
ATOM   1298 C CD   . LYS A 1 82  ? -4.773  16.652  3.987   1.00 51.66 ? 103 LYS A CD   1 
ATOM   1299 C CE   . LYS A 1 82  ? -3.272  16.818  4.176   1.00 56.35 ? 103 LYS A CE   1 
ATOM   1300 N NZ   . LYS A 1 82  ? -2.847  18.246  4.067   1.00 59.69 ? 103 LYS A NZ   1 
ATOM   1301 H H    . LYS A 1 82  ? -8.524  14.645  1.918   1.00 44.31 ? 103 LYS A H    1 
ATOM   1302 H HA   . LYS A 1 82  ? -6.376  13.293  2.383   1.00 48.76 ? 103 LYS A HA   1 
ATOM   1303 H HB2  . LYS A 1 82  ? -6.774  15.711  2.591   1.00 53.65 ? 103 LYS A HB2  1 
ATOM   1304 H HB3  . LYS A 1 82  ? -7.140  15.374  4.095   1.00 53.65 ? 103 LYS A HB3  1 
ATOM   1305 H HG2  . LYS A 1 82  ? -4.989  14.678  4.507   1.00 60.74 ? 103 LYS A HG2  1 
ATOM   1306 H HG3  . LYS A 1 82  ? -4.605  14.875  2.973   1.00 60.74 ? 103 LYS A HG3  1 
ATOM   1307 H HD2  . LYS A 1 82  ? -5.047  17.204  3.239   1.00 62.11 ? 103 LYS A HD2  1 
ATOM   1308 H HD3  . LYS A 1 82  ? -5.214  16.945  4.799   1.00 62.11 ? 103 LYS A HD3  1 
ATOM   1309 H HE2  . LYS A 1 82  ? -3.024  16.496  5.057   1.00 67.73 ? 103 LYS A HE2  1 
ATOM   1310 H HE3  . LYS A 1 82  ? -2.807  16.311  3.492   1.00 67.73 ? 103 LYS A HE3  1 
ATOM   1311 H HZ1  . LYS A 1 82  ? -1.965  18.311  4.182   1.00 71.74 ? 103 LYS A HZ1  1 
ATOM   1312 H HZ2  . LYS A 1 82  ? -3.058  18.566  3.263   1.00 71.74 ? 103 LYS A HZ2  1 
ATOM   1313 H HZ3  . LYS A 1 82  ? -3.256  18.734  4.689   1.00 71.74 ? 103 LYS A HZ3  1 
ATOM   1314 N N    . GLY A 1 83  ? -8.582  12.907  4.662   1.00 41.07 ? 104 GLY A N    1 
ATOM   1315 C CA   . GLY A 1 83  ? -8.905  12.122  5.845   1.00 38.00 ? 104 GLY A CA   1 
ATOM   1316 C C    . GLY A 1 83  ? -9.056  10.642  5.546   1.00 28.18 ? 104 GLY A C    1 
ATOM   1317 O O    . GLY A 1 83  ? -8.640  9.793   6.339   1.00 29.57 ? 104 GLY A O    1 
ATOM   1318 H H    . GLY A 1 83  ? -9.222  13.405  4.374   1.00 49.40 ? 104 GLY A H    1 
ATOM   1319 H HA2  . GLY A 1 83  ? -8.202  12.230  6.504   1.00 45.71 ? 104 GLY A HA2  1 
ATOM   1320 H HA3  . GLY A 1 83  ? -9.736  12.443  6.227   1.00 45.71 ? 104 GLY A HA3  1 
ATOM   1321 N N    . ARG A 1 84  ? -9.660  10.311  4.403   1.00 33.45 ? 105 ARG A N    1 
ATOM   1322 C CA   . ARG A 1 84  ? -9.765  8.913   4.002   1.00 33.57 ? 105 ARG A CA   1 
ATOM   1323 C C    . ARG A 1 84  ? -8.389  8.313   3.739   1.00 31.68 ? 105 ARG A C    1 
ATOM   1324 O O    . ARG A 1 84  ? -8.116  7.170   4.130   1.00 29.74 ? 105 ARG A O    1 
ATOM   1325 C CB   . ARG A 1 84  ? -10.655 8.792   2.767   1.00 35.85 ? 105 ARG A CB   1 
ATOM   1326 C CG   . ARG A 1 84  ? -12.123 9.084   3.052   1.00 40.52 ? 105 ARG A CG   1 
ATOM   1327 C CD   . ARG A 1 84  ? -12.967 9.049   1.789   1.00 46.44 ? 105 ARG A CD   1 
ATOM   1328 N NE   . ARG A 1 84  ? -12.661 7.887   0.964   1.00 49.93 ? 105 ARG A NE   1 
ATOM   1329 C CZ   . ARG A 1 84  ? -13.013 6.644   1.266   1.00 38.93 ? 105 ARG A CZ   1 
ATOM   1330 N NH1  . ARG A 1 84  ? -13.683 6.399   2.386   1.00 41.16 ? 105 ARG A NH1  1 
ATOM   1331 N NH2  . ARG A 1 84  ? -12.688 5.646   0.453   1.00 38.72 ? 105 ARG A NH2  1 
ATOM   1332 H H    . ARG A 1 84  ? -10.011 10.870  3.852   1.00 40.25 ? 105 ARG A H    1 
ATOM   1333 H HA   . ARG A 1 84  ? -10.179 8.409   4.720   1.00 40.39 ? 105 ARG A HA   1 
ATOM   1334 H HB2  . ARG A 1 84  ? -10.351 9.424   2.097   1.00 43.13 ? 105 ARG A HB2  1 
ATOM   1335 H HB3  . ARG A 1 84  ? -10.592 7.888   2.421   1.00 43.13 ? 105 ARG A HB3  1 
ATOM   1336 H HG2  . ARG A 1 84  ? -12.468 8.416   3.664   1.00 48.74 ? 105 ARG A HG2  1 
ATOM   1337 H HG3  . ARG A 1 84  ? -12.202 9.968   3.444   1.00 48.74 ? 105 ARG A HG3  1 
ATOM   1338 H HD2  . ARG A 1 84  ? -13.906 9.009   2.033   1.00 55.84 ? 105 ARG A HD2  1 
ATOM   1339 H HD3  . ARG A 1 84  ? -12.792 9.847   1.265   1.00 55.84 ? 105 ARG A HD3  1 
ATOM   1340 H HE   . ARG A 1 84  ? -12.213 8.013   0.239   1.00 60.03 ? 105 ARG A HE   1 
ATOM   1341 H HH11 . ARG A 1 84  ? -13.892 7.046   2.912   1.00 49.51 ? 105 ARG A HH11 1 
ATOM   1342 H HH12 . ARG A 1 84  ? -13.910 5.594   2.583   1.00 49.51 ? 105 ARG A HH12 1 
ATOM   1343 H HH21 . ARG A 1 84  ? -12.254 5.806   -0.271  1.00 46.58 ? 105 ARG A HH21 1 
ATOM   1344 H HH22 . ARG A 1 84  ? -12.915 4.840   0.650   1.00 46.58 ? 105 ARG A HH22 1 
ATOM   1345 N N    . LEU A 1 85  ? -7.506  9.069   3.083   1.00 30.54 ? 106 LEU A N    1 
ATOM   1346 C CA   . LEU A 1 85  ? -6.141  8.595   2.889   1.00 32.42 ? 106 LEU A CA   1 
ATOM   1347 C C    . LEU A 1 85  ? -5.433  8.421   4.225   1.00 28.23 ? 106 LEU A C    1 
ATOM   1348 O O    . LEU A 1 85  ? -4.662  7.473   4.407   1.00 29.43 ? 106 LEU A O    1 
ATOM   1349 C CB   . LEU A 1 85  ? -5.363  9.562   1.993   1.00 27.80 ? 106 LEU A CB   1 
ATOM   1350 C CG   . LEU A 1 85  ? -3.971  9.075   1.581   1.00 25.74 ? 106 LEU A CG   1 
ATOM   1351 C CD1  . LEU A 1 85  ? -4.063  7.787   0.774   1.00 26.88 ? 106 LEU A CD1  1 
ATOM   1352 C CD2  . LEU A 1 85  ? -3.223  10.152  0.796   1.00 36.88 ? 106 LEU A CD2  1 
ATOM   1353 H H    . LEU A 1 85  ? -7.670  9.844   2.748   1.00 36.76 ? 106 LEU A H    1 
ATOM   1354 H HA   . LEU A 1 85  ? -6.165  7.732   2.448   1.00 39.02 ? 106 LEU A HA   1 
ATOM   1355 H HB2  . LEU A 1 85  ? -5.873  9.710   1.182   1.00 33.47 ? 106 LEU A HB2  1 
ATOM   1356 H HB3  . LEU A 1 85  ? -5.251  10.401  2.467   1.00 33.47 ? 106 LEU A HB3  1 
ATOM   1357 H HG   . LEU A 1 85  ? -3.458  8.885   2.382   1.00 31.00 ? 106 LEU A HG   1 
ATOM   1358 H HD11 . LEU A 1 85  ? -3.168  7.503   0.529   1.00 32.36 ? 106 LEU A HD11 1 
ATOM   1359 H HD12 . LEU A 1 85  ? -4.489  7.104   1.316   1.00 32.36 ? 106 LEU A HD12 1 
ATOM   1360 H HD13 . LEU A 1 85  ? -4.589  7.951   -0.024  1.00 32.36 ? 106 LEU A HD13 1 
ATOM   1361 H HD21 . LEU A 1 85  ? -2.349  9.815   0.550   1.00 44.36 ? 106 LEU A HD21 1 
ATOM   1362 H HD22 . LEU A 1 85  ? -3.731  10.370  -0.002  1.00 44.36 ? 106 LEU A HD22 1 
ATOM   1363 H HD23 . LEU A 1 85  ? -3.130  10.941  1.354   1.00 44.36 ? 106 LEU A HD23 1 
ATOM   1364 N N    . LYS A 1 86  ? -5.689  9.323   5.174   1.00 32.74 ? 107 LYS A N    1 
ATOM   1365 C CA   . LYS A 1 86  ? -5.144  9.163   6.519   1.00 27.49 ? 107 LYS A CA   1 
ATOM   1366 C C    . LYS A 1 86  ? -5.610  7.857   7.145   1.00 33.67 ? 107 LYS A C    1 
ATOM   1367 O O    . LYS A 1 86  ? -4.817  7.138   7.767   1.00 35.83 ? 107 LYS A O    1 
ATOM   1368 C CB   . LYS A 1 86  ? -5.550  10.349  7.391   1.00 23.51 ? 107 LYS A CB   1 
ATOM   1369 C CG   . LYS A 1 86  ? -4.909  10.383  8.766   1.00 31.66 ? 107 LYS A CG   1 
ATOM   1370 C CD   . LYS A 1 86  ? -5.421  11.579  9.560   1.00 40.68 ? 107 LYS A CD   1 
ATOM   1371 C CE   . LYS A 1 86  ? -5.254  11.393  11.061  1.00 36.81 ? 107 LYS A CE   1 
ATOM   1372 N NZ   . LYS A 1 86  ? -3.847  11.581  11.493  1.00 55.43 ? 107 LYS A NZ   1 
ATOM   1373 H H    . LYS A 1 86  ? -6.169  10.029  5.065   1.00 39.40 ? 107 LYS A H    1 
ATOM   1374 H HA   . LYS A 1 86  ? -4.175  9.145   6.468   1.00 33.09 ? 107 LYS A HA   1 
ATOM   1375 H HB2  . LYS A 1 86  ? -5.304  11.168  6.933   1.00 28.32 ? 107 LYS A HB2  1 
ATOM   1376 H HB3  . LYS A 1 86  ? -6.512  10.324  7.518   1.00 28.32 ? 107 LYS A HB3  1 
ATOM   1377 H HG2  . LYS A 1 86  ? -5.136  9.573   9.250   1.00 38.11 ? 107 LYS A HG2  1 
ATOM   1378 H HG3  . LYS A 1 86  ? -3.947  10.464  8.673   1.00 38.11 ? 107 LYS A HG3  1 
ATOM   1379 H HD2  . LYS A 1 86  ? -4.925  12.370  9.298   1.00 48.93 ? 107 LYS A HD2  1 
ATOM   1380 H HD3  . LYS A 1 86  ? -6.365  11.702  9.375   1.00 48.93 ? 107 LYS A HD3  1 
ATOM   1381 H HE2  . LYS A 1 86  ? -5.804  12.043  11.526  1.00 44.29 ? 107 LYS A HE2  1 
ATOM   1382 H HE3  . LYS A 1 86  ? -5.526  10.492  11.302  1.00 44.29 ? 107 LYS A HE3  1 
ATOM   1383 H HZ1  . LYS A 1 86  ? -3.780  11.465  12.373  1.00 66.63 ? 107 LYS A HZ1  1 
ATOM   1384 H HZ2  . LYS A 1 86  ? -3.322  10.991  11.083  1.00 66.63 ? 107 LYS A HZ2  1 
ATOM   1385 H HZ3  . LYS A 1 86  ? -3.573  12.403  11.287  1.00 66.63 ? 107 LYS A HZ3  1 
ATOM   1386 N N    . ARG A 1 87  ? -6.894  7.526   6.990   1.00 34.22 ? 108 ARG A N    1 
ATOM   1387 C CA   . ARG A 1 87  ? -7.378  6.263   7.536   1.00 32.04 ? 108 ARG A CA   1 
ATOM   1388 C C    . ARG A 1 87  ? -6.696  5.083   6.857   1.00 30.42 ? 108 ARG A C    1 
ATOM   1389 O O    . ARG A 1 87  ? -6.324  4.106   7.519   1.00 28.09 ? 108 ARG A O    1 
ATOM   1390 C CB   . ARG A 1 87  ? -8.900  6.173   7.394   1.00 34.42 ? 108 ARG A CB   1 
ATOM   1391 C CG   . ARG A 1 87  ? -9.501  4.823   7.787   1.00 34.75 ? 108 ARG A CG   1 
ATOM   1392 C CD   . ARG A 1 87  ? -9.190  4.429   9.234   1.00 37.87 ? 108 ARG A CD   1 
ATOM   1393 N NE   . ARG A 1 87  ? -9.027  2.983   9.371   1.00 38.16 ? 108 ARG A NE   1 
ATOM   1394 C CZ   . ARG A 1 87  ? -8.499  2.381   10.433  1.00 41.36 ? 108 ARG A CZ   1 
ATOM   1395 N NH1  . ARG A 1 87  ? -8.068  3.094   11.467  1.00 43.29 ? 108 ARG A NH1  1 
ATOM   1396 N NH2  . ARG A 1 87  ? -8.397  1.059   10.461  1.00 48.72 ? 108 ARG A NH2  1 
ATOM   1397 H H    . ARG A 1 87  ? -7.485  8.001   6.586   1.00 41.18 ? 108 ARG A H    1 
ATOM   1398 H HA   . ARG A 1 87  ? -7.164  6.227   8.481   1.00 38.55 ? 108 ARG A HA   1 
ATOM   1399 H HB2  . ARG A 1 87  ? -9.303  6.851   7.959   1.00 41.42 ? 108 ARG A HB2  1 
ATOM   1400 H HB3  . ARG A 1 87  ? -9.133  6.341   6.467   1.00 41.42 ? 108 ARG A HB3  1 
ATOM   1401 H HG2  . ARG A 1 87  ? -10.466 4.867   7.689   1.00 41.81 ? 108 ARG A HG2  1 
ATOM   1402 H HG3  . ARG A 1 87  ? -9.141  4.136   7.205   1.00 41.81 ? 108 ARG A HG3  1 
ATOM   1403 H HD2  . ARG A 1 87  ? -8.364  4.856   9.511   1.00 45.56 ? 108 ARG A HD2  1 
ATOM   1404 H HD3  . ARG A 1 87  ? -9.922  4.708   9.806   1.00 45.56 ? 108 ARG A HD3  1 
ATOM   1405 H HE   . ARG A 1 87  ? -9.292  2.487   8.721   1.00 45.90 ? 108 ARG A HE   1 
ATOM   1406 H HH11 . ARG A 1 87  ? -8.131  3.952   11.454  1.00 52.06 ? 108 ARG A HH11 1 
ATOM   1407 H HH12 . ARG A 1 87  ? -7.726  2.698   12.150  1.00 52.06 ? 108 ARG A HH12 1 
ATOM   1408 H HH21 . ARG A 1 87  ? -8.673  0.593   9.794   1.00 58.57 ? 108 ARG A HH21 1 
ATOM   1409 H HH22 . ARG A 1 87  ? -8.054  0.668   11.147  1.00 58.57 ? 108 ARG A HH22 1 
ATOM   1410 N N    . GLU A 1 88  ? -6.510  5.157   5.536   1.00 31.02 ? 109 GLU A N    1 
ATOM   1411 C CA   . GLU A 1 88  ? -5.783  4.101   4.839   1.00 33.22 ? 109 GLU A CA   1 
ATOM   1412 C C    . GLU A 1 88  ? -4.375  3.945   5.397   1.00 27.61 ? 109 GLU A C    1 
ATOM   1413 O O    . GLU A 1 88  ? -3.896  2.822   5.592   1.00 27.95 ? 109 GLU A O    1 
ATOM   1414 C CB   . GLU A 1 88  ? -5.737  4.392   3.339   1.00 37.60 ? 109 GLU A CB   1 
ATOM   1415 C CG   . GLU A 1 88  ? -7.100  4.390   2.676   1.00 36.46 ? 109 GLU A CG   1 
ATOM   1416 C CD   . GLU A 1 88  ? -7.840  3.086   2.894   1.00 40.77 ? 109 GLU A CD   1 
ATOM   1417 O OE1  . GLU A 1 88  ? -7.242  2.016   2.656   1.00 37.33 ? 109 GLU A OE1  1 
ATOM   1418 O OE2  . GLU A 1 88  ? -9.013  3.133   3.324   1.00 42.77 ? 109 GLU A OE2  1 
ATOM   1419 H H    . GLU A 1 88  ? -6.789  5.796   5.032   1.00 37.34 ? 109 GLU A H    1 
ATOM   1420 H HA   . GLU A 1 88  ? -6.250  3.260   4.966   1.00 39.98 ? 109 GLU A HA   1 
ATOM   1421 H HB2  . GLU A 1 88  ? -5.341  5.267   3.202   1.00 45.23 ? 109 GLU A HB2  1 
ATOM   1422 H HB3  . GLU A 1 88  ? -5.194  3.715   2.905   1.00 45.23 ? 109 GLU A HB3  1 
ATOM   1423 H HG2  . GLU A 1 88  ? -7.636  5.108   3.049   1.00 43.87 ? 109 GLU A HG2  1 
ATOM   1424 H HG3  . GLU A 1 88  ? -6.989  4.518   1.722   1.00 43.87 ? 109 GLU A HG3  1 
ATOM   1425 N N    . ALA A 1 89  ? -3.696  5.060   5.669   1.00 29.85 ? 110 ALA A N    1 
ATOM   1426 C CA   . ALA A 1 89  ? -2.365  4.987   6.261   1.00 24.94 ? 110 ALA A CA   1 
ATOM   1427 C C    . ALA A 1 89  ? -2.410  4.332   7.636   1.00 32.41 ? 110 ALA A C    1 
ATOM   1428 O O    . ALA A 1 89  ? -1.527  3.537   7.983   1.00 27.91 ? 110 ALA A O    1 
ATOM   1429 C CB   . ALA A 1 89  ? -1.757  6.384   6.351   1.00 29.92 ? 110 ALA A CB   1 
ATOM   1430 H H    . ALA A 1 89  ? -3.981  5.858   5.522   1.00 35.93 ? 110 ALA A H    1 
ATOM   1431 H HA   . ALA A 1 89  ? -1.795  4.448   5.691   1.00 30.04 ? 110 ALA A HA   1 
ATOM   1432 H HB1  . ALA A 1 89  ? -0.873  6.318   6.746   1.00 36.01 ? 110 ALA A HB1  1 
ATOM   1433 H HB2  . ALA A 1 89  ? -1.694  6.758   5.458   1.00 36.01 ? 110 ALA A HB2  1 
ATOM   1434 H HB3  . ALA A 1 89  ? -2.327  6.941   6.904   1.00 36.01 ? 110 ALA A HB3  1 
ATOM   1435 N N    . GLU A 1 90  ? -3.431  4.653   8.437   1.00 28.52 ? 111 GLU A N    1 
ATOM   1436 C CA   . GLU A 1 90  ? -3.574  4.011   9.741   1.00 28.05 ? 111 GLU A CA   1 
ATOM   1437 C C    . GLU A 1 90  ? -3.752  2.505   9.597   1.00 24.61 ? 111 GLU A C    1 
ATOM   1438 O O    . GLU A 1 90  ? -3.143  1.726   10.338  1.00 33.33 ? 111 GLU A O    1 
ATOM   1439 C CB   . GLU A 1 90  ? -4.751  4.617   10.502  1.00 34.09 ? 111 GLU A CB   1 
ATOM   1440 C CG   . GLU A 1 90  ? -4.510  6.036   10.987  1.00 34.76 ? 111 GLU A CG   1 
ATOM   1441 C CD   . GLU A 1 90  ? -5.751  6.661   11.597  1.00 48.64 ? 111 GLU A CD   1 
ATOM   1442 O OE1  . GLU A 1 90  ? -6.862  6.126   11.375  1.00 41.73 ? 111 GLU A OE1  1 
ATOM   1443 O OE2  . GLU A 1 90  ? -5.615  7.685   12.301  1.00 49.94 ? 111 GLU A OE2  1 
ATOM   1444 H H    . GLU A 1 90  ? -4.043  5.228   8.251   1.00 34.33 ? 111 GLU A H    1 
ATOM   1445 H HA   . GLU A 1 90  ? -2.768  4.168   10.260  1.00 33.77 ? 111 GLU A HA   1 
ATOM   1446 H HB2  . GLU A 1 90  ? -5.525  4.630   9.917   1.00 41.02 ? 111 GLU A HB2  1 
ATOM   1447 H HB3  . GLU A 1 90  ? -4.936  4.066   11.279  1.00 41.02 ? 111 GLU A HB3  1 
ATOM   1448 H HG2  . GLU A 1 90  ? -3.815  6.027   11.662  1.00 41.82 ? 111 GLU A HG2  1 
ATOM   1449 H HG3  . GLU A 1 90  ? -4.236  6.586   10.235  1.00 41.82 ? 111 GLU A HG3  1 
ATOM   1450 N N    . TYR A 1 91  ? -4.583  2.075   8.646   1.00 30.84 ? 112 TYR A N    1 
ATOM   1451 C CA   . TYR A 1 91  ? -4.783  0.645   8.433   1.00 26.48 ? 112 TYR A CA   1 
ATOM   1452 C C    . TYR A 1 91  ? -3.487  -0.042  8.022   1.00 31.69 ? 112 TYR A C    1 
ATOM   1453 O O    . TYR A 1 91  ? -3.193  -1.153  8.478   1.00 27.68 ? 112 TYR A O    1 
ATOM   1454 C CB   . TYR A 1 91  ? -5.860  0.413   7.374   1.00 29.90 ? 112 TYR A CB   1 
ATOM   1455 C CG   . TYR A 1 91  ? -5.903  -1.013  6.867   1.00 32.37 ? 112 TYR A CG   1 
ATOM   1456 C CD1  . TYR A 1 91  ? -6.594  -1.996  7.563   1.00 32.79 ? 112 TYR A CD1  1 
ATOM   1457 C CD2  . TYR A 1 91  ? -5.250  -1.376  5.696   1.00 29.70 ? 112 TYR A CD2  1 
ATOM   1458 C CE1  . TYR A 1 91  ? -6.635  -3.301  7.108   1.00 24.76 ? 112 TYR A CE1  1 
ATOM   1459 C CE2  . TYR A 1 91  ? -5.282  -2.682  5.233   1.00 37.86 ? 112 TYR A CE2  1 
ATOM   1460 C CZ   . TYR A 1 91  ? -5.980  -3.637  5.945   1.00 32.06 ? 112 TYR A CZ   1 
ATOM   1461 O OH   . TYR A 1 91  ? -6.016  -4.933  5.488   1.00 42.25 ? 112 TYR A OH   1 
ATOM   1462 H H    . TYR A 1 91  ? -5.035  2.584   8.120   1.00 37.12 ? 112 TYR A H    1 
ATOM   1463 H HA   . TYR A 1 91  ? -5.086  0.241   9.261   1.00 31.88 ? 112 TYR A HA   1 
ATOM   1464 H HB2  . TYR A 1 91  ? -6.727  0.621   7.756   1.00 35.99 ? 112 TYR A HB2  1 
ATOM   1465 H HB3  . TYR A 1 91  ? -5.685  0.994   6.616   1.00 35.99 ? 112 TYR A HB3  1 
ATOM   1466 H HD1  . TYR A 1 91  ? -7.038  -1.773  8.350   1.00 39.46 ? 112 TYR A HD1  1 
ATOM   1467 H HD2  . TYR A 1 91  ? -4.779  -0.733  5.216   1.00 35.75 ? 112 TYR A HD2  1 
ATOM   1468 H HE1  . TYR A 1 91  ? -7.102  -3.948  7.585   1.00 29.82 ? 112 TYR A HE1  1 
ATOM   1469 H HE2  . TYR A 1 91  ? -4.841  -2.912  4.447   1.00 45.54 ? 112 TYR A HE2  1 
ATOM   1470 H HH   . TYR A 1 91  ? -5.579  -4.999  4.775   1.00 50.82 ? 112 TYR A HH   1 
ATOM   1471 N N    . PHE A 1 92  ? -2.705  0.595   7.149   1.00 26.81 ? 113 PHE A N    1 
ATOM   1472 C CA   . PHE A 1 92  ? -1.433  0.031   6.720   1.00 31.10 ? 113 PHE A CA   1 
ATOM   1473 C C    . PHE A 1 92  ? -0.316  0.244   7.734   1.00 23.72 ? 113 PHE A C    1 
ATOM   1474 O O    . PHE A 1 92  ? 0.817   -0.174  7.474   1.00 25.24 ? 113 PHE A O    1 
ATOM   1475 C CB   . PHE A 1 92  ? -1.025  0.624   5.366   1.00 25.74 ? 113 PHE A CB   1 
ATOM   1476 C CG   . PHE A 1 92  ? -1.831  0.099   4.214   1.00 25.68 ? 113 PHE A CG   1 
ATOM   1477 C CD1  . PHE A 1 92  ? -1.771  -1.239  3.869   1.00 24.53 ? 113 PHE A CD1  1 
ATOM   1478 C CD2  . PHE A 1 92  ? -2.648  0.939   3.480   1.00 23.01 ? 113 PHE A CD2  1 
ATOM   1479 C CE1  . PHE A 1 92  ? -2.513  -1.728  2.812   1.00 28.72 ? 113 PHE A CE1  1 
ATOM   1480 C CE2  . PHE A 1 92  ? -3.390  0.455   2.423   1.00 27.32 ? 113 PHE A CE2  1 
ATOM   1481 C CZ   . PHE A 1 92  ? -3.325  -0.880  2.091   1.00 22.45 ? 113 PHE A CZ   1 
ATOM   1482 H H    . PHE A 1 92  ? -2.892  1.354   6.793   1.00 32.29 ? 113 PHE A H    1 
ATOM   1483 H HA   . PHE A 1 92  ? -1.543  -0.926  6.600   1.00 37.43 ? 113 PHE A HA   1 
ATOM   1484 H HB2  . PHE A 1 92  ? -1.144  1.586   5.398   1.00 30.99 ? 113 PHE A HB2  1 
ATOM   1485 H HB3  . PHE A 1 92  ? -0.094  0.412   5.199   1.00 30.99 ? 113 PHE A HB3  1 
ATOM   1486 H HD1  . PHE A 1 92  ? -1.227  -1.816  4.355   1.00 29.55 ? 113 PHE A HD1  1 
ATOM   1487 H HD2  . PHE A 1 92  ? -2.697  1.842   3.702   1.00 27.73 ? 113 PHE A HD2  1 
ATOM   1488 H HE1  . PHE A 1 92  ? -2.466  -2.630  2.589   1.00 34.57 ? 113 PHE A HE1  1 
ATOM   1489 H HE2  . PHE A 1 92  ? -3.936  1.028   1.936   1.00 32.90 ? 113 PHE A HE2  1 
ATOM   1490 H HZ   . PHE A 1 92  ? -3.823  -1.208  1.377   1.00 27.05 ? 113 PHE A HZ   1 
ATOM   1491 N N    . GLN A 1 93  ? -0.604  0.875   8.871   1.00 27.91 ? 114 GLN A N    1 
ATOM   1492 C CA   . GLN A 1 93  ? 0.376   1.077   9.937   1.00 28.60 ? 114 GLN A CA   1 
ATOM   1493 C C    . GLN A 1 93  ? 1.617   1.796   9.403   1.00 32.74 ? 114 GLN A C    1 
ATOM   1494 O O    . GLN A 1 93  ? 2.748   1.310   9.487   1.00 28.26 ? 114 GLN A O    1 
ATOM   1495 C CB   . GLN A 1 93  ? 0.742   -0.256  10.595  1.00 28.12 ? 114 GLN A CB   1 
ATOM   1496 C CG   . GLN A 1 93  ? -0.472  -0.996  11.165  1.00 32.38 ? 114 GLN A CG   1 
ATOM   1497 C CD   . GLN A 1 93  ? -0.146  -2.385  11.681  1.00 43.07 ? 114 GLN A CD   1 
ATOM   1498 O OE1  . GLN A 1 93  ? 0.979   -2.869  11.541  1.00 47.45 ? 114 GLN A OE1  1 
ATOM   1499 N NE2  . GLN A 1 93  ? -1.136  -3.037  12.280  1.00 41.97 ? 114 GLN A NE2  1 
ATOM   1500 H H    . GLN A 1 93  ? -1.379  1.202   9.052   1.00 33.60 ? 114 GLN A H    1 
ATOM   1501 H HA   . GLN A 1 93  ? -0.020  1.642   10.619  1.00 34.43 ? 114 GLN A HA   1 
ATOM   1502 H HB2  . GLN A 1 93  ? 1.158   -0.831  9.934   1.00 33.86 ? 114 GLN A HB2  1 
ATOM   1503 H HB3  . GLN A 1 93  ? 1.359   -0.090  11.324  1.00 33.86 ? 114 GLN A HB3  1 
ATOM   1504 H HG2  . GLN A 1 93  ? -0.835  -0.482  11.903  1.00 38.96 ? 114 GLN A HG2  1 
ATOM   1505 H HG3  . GLN A 1 93  ? -1.140  -1.087  10.467  1.00 38.96 ? 114 GLN A HG3  1 
ATOM   1506 H HE21 . GLN A 1 93  ? -1.909  -2.668  12.357  1.00 50.48 ? 114 GLN A HE21 1 
ATOM   1507 H HE22 . GLN A 1 93  ? -1.004  -3.828  12.591  1.00 50.48 ? 114 GLN A HE22 1 
ATOM   1508 N N    . LEU A 1 94  ? 1.376   2.981   8.840   1.00 26.09 ? 115 LEU A N    1 
ATOM   1509 C CA   . LEU A 1 94  ? 2.428   3.857   8.328   1.00 27.32 ? 115 LEU A CA   1 
ATOM   1510 C C    . LEU A 1 94  ? 2.403   5.141   9.151   1.00 34.88 ? 115 LEU A C    1 
ATOM   1511 O O    . LEU A 1 94  ? 1.858   6.165   8.706   1.00 32.62 ? 115 LEU A O    1 
ATOM   1512 C CB   . LEU A 1 94  ? 2.234   4.138   6.840   1.00 22.53 ? 115 LEU A CB   1 
ATOM   1513 C CG   . LEU A 1 94  ? 2.075   2.896   5.957   1.00 28.78 ? 115 LEU A CG   1 
ATOM   1514 C CD1  . LEU A 1 94  ? 1.776   3.299   4.525   1.00 31.62 ? 115 LEU A CD1  1 
ATOM   1515 C CD2  . LEU A 1 94  ? 3.313   2.008   6.013   1.00 27.61 ? 115 LEU A CD2  1 
ATOM   1516 H H    . LEU A 1 94  ? 0.587   3.308   8.740   1.00 31.42 ? 115 LEU A H    1 
ATOM   1517 H HA   . LEU A 1 94  ? 3.291   3.430   8.449   1.00 32.90 ? 115 LEU A HA   1 
ATOM   1518 H HB2  . LEU A 1 94  ? 1.435   4.678   6.731   1.00 27.15 ? 115 LEU A HB2  1 
ATOM   1519 H HB3  . LEU A 1 94  ? 3.005   4.630   6.517   1.00 27.15 ? 115 LEU A HB3  1 
ATOM   1520 H HG   . LEU A 1 94  ? 1.323   2.377   6.281   1.00 34.65 ? 115 LEU A HG   1 
ATOM   1521 H HD11 . LEU A 1 94  ? 1.681   2.498   3.986   1.00 38.06 ? 115 LEU A HD11 1 
ATOM   1522 H HD12 . LEU A 1 94  ? 0.953   3.811   4.507   1.00 38.06 ? 115 LEU A HD12 1 
ATOM   1523 H HD13 . LEU A 1 94  ? 2.509   3.838   4.190   1.00 38.06 ? 115 LEU A HD13 1 
ATOM   1524 H HD21 . LEU A 1 94  ? 3.174   1.236   5.442   1.00 33.25 ? 115 LEU A HD21 1 
ATOM   1525 H HD22 . LEU A 1 94  ? 4.080   2.515   5.702   1.00 33.25 ? 115 LEU A HD22 1 
ATOM   1526 H HD23 . LEU A 1 94  ? 3.455   1.722   6.928   1.00 33.25 ? 115 LEU A HD23 1 
ATOM   1527 N N    . PRO A 1 95  ? 2.990   5.129   10.353  1.00 31.21 ? 116 PRO A N    1 
ATOM   1528 C CA   . PRO A 1 95  ? 2.820   6.289   11.254  1.00 28.68 ? 116 PRO A CA   1 
ATOM   1529 C C    . PRO A 1 95  ? 3.269   7.613   10.653  1.00 28.14 ? 116 PRO A C    1 
ATOM   1530 O O    . PRO A 1 95  ? 2.535   8.608   10.746  1.00 38.37 ? 116 PRO A O    1 
ATOM   1531 C CB   . PRO A 1 95  ? 3.650   5.897   12.490  1.00 28.20 ? 116 PRO A CB   1 
ATOM   1532 C CG   . PRO A 1 95  ? 4.512   4.759   12.071  1.00 26.11 ? 116 PRO A CG   1 
ATOM   1533 C CD   . PRO A 1 95  ? 3.783   4.054   10.973  1.00 27.20 ? 116 PRO A CD   1 
ATOM   1534 H HA   . PRO A 1 95  ? 1.889   6.366   11.515  1.00 34.52 ? 116 PRO A HA   1 
ATOM   1535 H HB2  . PRO A 1 95  ? 4.193   6.651   12.767  1.00 33.95 ? 116 PRO A HB2  1 
ATOM   1536 H HB3  . PRO A 1 95  ? 3.054   5.626   13.206  1.00 33.95 ? 116 PRO A HB3  1 
ATOM   1537 H HG2  . PRO A 1 95  ? 5.361   5.099   11.750  1.00 31.44 ? 116 PRO A HG2  1 
ATOM   1538 H HG3  . PRO A 1 95  ? 4.648   4.162   12.824  1.00 31.44 ? 116 PRO A HG3  1 
ATOM   1539 H HD2  . PRO A 1 95  ? 4.410   3.684   10.333  1.00 32.75 ? 116 PRO A HD2  1 
ATOM   1540 H HD3  . PRO A 1 95  ? 3.200   3.370   11.338  1.00 32.75 ? 116 PRO A HD3  1 
ATOM   1541 N N    . ASP A 1 96  ? 4.453   7.662   10.040  1.00 32.23 ? 117 ASP A N    1 
ATOM   1542 C CA   . ASP A 1 96  ? 4.929   8.911   9.451   1.00 28.11 ? 117 ASP A CA   1 
ATOM   1543 C C    . ASP A 1 96  ? 3.905   9.490   8.483   1.00 28.53 ? 117 ASP A C    1 
ATOM   1544 O O    . ASP A 1 96  ? 3.574   10.677  8.548   1.00 27.30 ? 117 ASP A O    1 
ATOM   1545 C CB   . ASP A 1 96  ? 6.262   8.684   8.740   1.00 27.61 ? 117 ASP A CB   1 
ATOM   1546 C CG   . ASP A 1 96  ? 7.444   8.697   9.690   1.00 35.69 ? 117 ASP A CG   1 
ATOM   1547 O OD1  . ASP A 1 96  ? 7.229   8.681   10.920  1.00 34.36 ? 117 ASP A OD1  1 
ATOM   1548 O OD2  . ASP A 1 96  ? 8.593   8.725   9.201   1.00 41.40 ? 117 ASP A OD2  1 
ATOM   1549 H H    . ASP A 1 96  ? 4.990   6.997   9.953   1.00 38.78 ? 117 ASP A H    1 
ATOM   1550 H HA   . ASP A 1 96  ? 5.073   9.559   10.159  1.00 33.84 ? 117 ASP A HA   1 
ATOM   1551 H HB2  . ASP A 1 96  ? 6.242   7.821   8.298   1.00 33.24 ? 117 ASP A HB2  1 
ATOM   1552 H HB3  . ASP A 1 96  ? 6.396   9.388   8.086   1.00 33.24 ? 117 ASP A HB3  1 
ATOM   1553 N N    . LEU A 1 97  ? 3.398   8.662   7.568   1.00 31.23 ? 118 LEU A N    1 
ATOM   1554 C CA   . LEU A 1 97  ? 2.393   9.143   6.624   1.00 28.80 ? 118 LEU A CA   1 
ATOM   1555 C C    . LEU A 1 97  ? 1.167   9.670   7.356   1.00 28.92 ? 118 LEU A C    1 
ATOM   1556 O O    . LEU A 1 97  ? 0.604   10.702  6.973   1.00 24.98 ? 118 LEU A O    1 
ATOM   1557 C CB   . LEU A 1 97  ? 2.003   8.029   5.652   1.00 26.00 ? 118 LEU A CB   1 
ATOM   1558 C CG   . LEU A 1 97  ? 0.955   8.400   4.596   1.00 33.58 ? 118 LEU A CG   1 
ATOM   1559 C CD1  . LEU A 1 97  ? 1.448   9.534   3.698   1.00 29.63 ? 118 LEU A CD1  1 
ATOM   1560 C CD2  . LEU A 1 97  ? 0.578   7.192   3.762   1.00 24.75 ? 118 LEU A CD2  1 
ATOM   1561 H H    . LEU A 1 97  ? 3.613   7.835   7.474   1.00 37.59 ? 118 LEU A H    1 
ATOM   1562 H HA   . LEU A 1 97  ? 2.769   9.873   6.108   1.00 34.67 ? 118 LEU A HA   1 
ATOM   1563 H HB2  . LEU A 1 97  ? 2.801   7.742   5.181   1.00 31.31 ? 118 LEU A HB2  1 
ATOM   1564 H HB3  . LEU A 1 97  ? 1.647   7.288   6.166   1.00 31.31 ? 118 LEU A HB3  1 
ATOM   1565 H HG   . LEU A 1 97  ? 0.154   8.709   5.048   1.00 40.41 ? 118 LEU A HG   1 
ATOM   1566 H HD11 . LEU A 1 97  ? 0.762   9.741   3.045   1.00 35.66 ? 118 LEU A HD11 1 
ATOM   1567 H HD12 . LEU A 1 97  ? 1.630   10.314  4.246   1.00 35.66 ? 118 LEU A HD12 1 
ATOM   1568 H HD13 . LEU A 1 97  ? 2.259   9.250   3.248   1.00 35.66 ? 118 LEU A HD13 1 
ATOM   1569 H HD21 . LEU A 1 97  ? -0.084  7.458   3.104   1.00 29.82 ? 118 LEU A HD21 1 
ATOM   1570 H HD22 . LEU A 1 97  ? 1.372   6.858   3.314   1.00 29.82 ? 118 LEU A HD22 1 
ATOM   1571 H HD23 . LEU A 1 97  ? 0.212   6.508   4.344   1.00 29.82 ? 118 LEU A HD23 1 
ATOM   1572 N N    . VAL A 1 98  ? 0.735   8.969   8.408   1.00 32.80 ? 119 VAL A N    1 
ATOM   1573 C CA   . VAL A 1 98  ? -0.393  9.445   9.206   1.00 34.19 ? 119 VAL A CA   1 
ATOM   1574 C C    . VAL A 1 98  ? -0.121  10.856  9.711   1.00 34.53 ? 119 VAL A C    1 
ATOM   1575 O O    . VAL A 1 98  ? -0.995  11.733  9.656   1.00 33.07 ? 119 VAL A O    1 
ATOM   1576 C CB   . VAL A 1 98  ? -0.680  8.469   10.365  1.00 34.37 ? 119 VAL A CB   1 
ATOM   1577 C CG1  . VAL A 1 98  ? -1.791  8.999   11.258  1.00 36.35 ? 119 VAL A CG1  1 
ATOM   1578 C CG2  . VAL A 1 98  ? -1.066  7.093   9.830   1.00 26.85 ? 119 VAL A CG2  1 
ATOM   1579 H H    . VAL A 1 98  ? 1.073   8.226   8.677   1.00 39.47 ? 119 VAL A H    1 
ATOM   1580 H HA   . VAL A 1 98  ? -1.182  9.478   8.643   1.00 41.14 ? 119 VAL A HA   1 
ATOM   1581 H HB   . VAL A 1 98  ? 0.120   8.370   10.905  1.00 41.36 ? 119 VAL A HB   1 
ATOM   1582 H HG11 . VAL A 1 98  ? -1.948  8.365   11.976  1.00 43.73 ? 119 VAL A HG11 1 
ATOM   1583 H HG12 . VAL A 1 98  ? -1.519  9.854   11.626  1.00 43.73 ? 119 VAL A HG12 1 
ATOM   1584 H HG13 . VAL A 1 98  ? -2.596  9.106   10.729  1.00 43.73 ? 119 VAL A HG13 1 
ATOM   1585 H HG21 . VAL A 1 98  ? -1.241  6.501   10.578  1.00 32.33 ? 119 VAL A HG21 1 
ATOM   1586 H HG22 . VAL A 1 98  ? -1.864  7.180   9.283   1.00 32.33 ? 119 VAL A HG22 1 
ATOM   1587 H HG23 . VAL A 1 98  ? -0.335  6.745   9.296   1.00 32.33 ? 119 VAL A HG23 1 
ATOM   1588 N N    . LYS A 1 99  ? 1.098   11.103  10.197  1.00 31.09 ? 120 LYS A N    1 
ATOM   1589 C CA   . LYS A 1 99  ? 1.442   12.437  10.680  1.00 24.16 ? 120 LYS A CA   1 
ATOM   1590 C C    . LYS A 1 99  ? 1.447   13.455  9.548   1.00 28.54 ? 120 LYS A C    1 
ATOM   1591 O O    . LYS A 1 99  ? 0.970   14.585  9.720   1.00 34.59 ? 120 LYS A O    1 
ATOM   1592 C CB   . LYS A 1 99  ? 2.801   12.406  11.376  1.00 31.97 ? 120 LYS A CB   1 
ATOM   1593 C CG   . LYS A 1 99  ? 2.726   12.545  12.888  1.00 32.30 ? 120 LYS A CG   1 
ATOM   1594 C CD   . LYS A 1 99  ? 1.875   11.461  13.520  1.00 36.45 ? 120 LYS A CD   1 
ATOM   1595 C CE   . LYS A 1 99  ? 1.814   11.624  15.029  1.00 32.58 ? 120 LYS A CE   1 
ATOM   1596 N NZ   . LYS A 1 99  ? 0.858   10.670  15.649  1.00 43.16 ? 120 LYS A NZ   1 
ATOM   1597 H H    . LYS A 1 99  ? 1.731   10.525  10.258  1.00 37.42 ? 120 LYS A H    1 
ATOM   1598 H HA   . LYS A 1 99  ? 0.780   12.718  11.330  1.00 29.10 ? 120 LYS A HA   1 
ATOM   1599 H HB2  . LYS A 1 99  ? 3.233   11.561  11.178  1.00 38.48 ? 120 LYS A HB2  1 
ATOM   1600 H HB3  . LYS A 1 99  ? 3.341   13.138  11.038  1.00 38.48 ? 120 LYS A HB3  1 
ATOM   1601 H HG2  . LYS A 1 99  ? 3.620   12.482  13.258  1.00 38.87 ? 120 LYS A HG2  1 
ATOM   1602 H HG3  . LYS A 1 99  ? 2.333   13.405  13.108  1.00 38.87 ? 120 LYS A HG3  1 
ATOM   1603 H HD2  . LYS A 1 99  ? 0.973   11.515  13.170  1.00 43.85 ? 120 LYS A HD2  1 
ATOM   1604 H HD3  . LYS A 1 99  ? 2.261   10.593  13.323  1.00 43.85 ? 120 LYS A HD3  1 
ATOM   1605 H HE2  . LYS A 1 99  ? 2.693   11.460  15.404  1.00 39.20 ? 120 LYS A HE2  1 
ATOM   1606 H HE3  . LYS A 1 99  ? 1.523   12.525  15.241  1.00 39.20 ? 120 LYS A HE3  1 
ATOM   1607 H HZ1  . LYS A 1 99  ? 0.841   10.786  16.531  1.00 51.90 ? 120 LYS A HZ1  1 
ATOM   1608 H HZ2  . LYS A 1 99  ? 0.041   10.803  15.323  1.00 51.90 ? 120 LYS A HZ2  1 
ATOM   1609 H HZ3  . LYS A 1 99  ? 1.107   9.834   15.472  1.00 51.90 ? 120 LYS A HZ3  1 
ATOM   1610 N N    . LEU A 1 100 ? 1.979   13.080  8.381   1.00 26.86 ? 121 LEU A N    1 
ATOM   1611 C CA   . LEU A 1 100 ? 2.048   14.015  7.263   1.00 25.65 ? 121 LEU A CA   1 
ATOM   1612 C C    . LEU A 1 100 ? 0.661   14.440  6.800   1.00 34.19 ? 121 LEU A C    1 
ATOM   1613 O O    . LEU A 1 100 ? 0.489   15.560  6.303   1.00 30.82 ? 121 LEU A O    1 
ATOM   1614 C CB   . LEU A 1 100 ? 2.828   13.392  6.108   1.00 26.95 ? 121 LEU A CB   1 
ATOM   1615 C CG   . LEU A 1 100 ? 4.302   13.082  6.396   1.00 38.90 ? 121 LEU A CG   1 
ATOM   1616 C CD1  . LEU A 1 100 ? 4.925   12.289  5.257   1.00 32.39 ? 121 LEU A CD1  1 
ATOM   1617 C CD2  . LEU A 1 100 ? 5.093   14.360  6.649   1.00 29.54 ? 121 LEU A CD2  1 
ATOM   1618 H H    . LEU A 1 100 ? 2.302   12.300  8.216   1.00 32.35 ? 121 LEU A H    1 
ATOM   1619 H HA   . LEU A 1 100 ? 2.523   14.812  7.550   1.00 30.89 ? 121 LEU A HA   1 
ATOM   1620 H HB2  . LEU A 1 100 ? 2.399   12.558  5.864   1.00 32.45 ? 121 LEU A HB2  1 
ATOM   1621 H HB3  . LEU A 1 100 ? 2.802   14.003  5.356   1.00 32.45 ? 121 LEU A HB3  1 
ATOM   1622 H HG   . LEU A 1 100 ? 4.355   12.539  7.198   1.00 46.79 ? 121 LEU A HG   1 
ATOM   1623 H HD11 . LEU A 1 100 ? 5.855   12.110  5.470   1.00 38.98 ? 121 LEU A HD11 1 
ATOM   1624 H HD12 . LEU A 1 100 ? 4.443   11.454  5.153   1.00 38.98 ? 121 LEU A HD12 1 
ATOM   1625 H HD13 . LEU A 1 100 ? 4.867   12.810  4.442   1.00 38.98 ? 121 LEU A HD13 1 
ATOM   1626 H HD21 . LEU A 1 100 ? 6.018   14.129  6.827   1.00 35.56 ? 121 LEU A HD21 1 
ATOM   1627 H HD22 . LEU A 1 100 ? 5.038   14.925  5.862   1.00 35.56 ? 121 LEU A HD22 1 
ATOM   1628 H HD23 . LEU A 1 100 ? 4.713   14.820  7.414   1.00 35.56 ? 121 LEU A HD23 1 
ATOM   1629 N N    . LEU A 1 101 ? -0.336  13.573  6.958   1.00 33.30 ? 122 LEU A N    1 
ATOM   1630 C CA   . LEU A 1 101 ? -1.698  13.873  6.538   1.00 37.65 ? 122 LEU A CA   1 
ATOM   1631 C C    . LEU A 1 101 ? -2.554  14.430  7.669   1.00 38.20 ? 122 LEU A C    1 
ATOM   1632 O O    . LEU A 1 101 ? -3.749  14.670  7.461   1.00 35.20 ? 122 LEU A O    1 
ATOM   1633 C CB   . LEU A 1 101 ? -2.360  12.613  5.964   1.00 31.21 ? 122 LEU A CB   1 
ATOM   1634 C CG   . LEU A 1 101 ? -1.608  11.941  4.813   1.00 32.70 ? 122 LEU A CG   1 
ATOM   1635 C CD1  . LEU A 1 101 ? -2.238  10.597  4.448   1.00 29.32 ? 122 LEU A CD1  1 
ATOM   1636 C CD2  . LEU A 1 101 ? -1.560  12.856  3.603   1.00 37.64 ? 122 LEU A CD2  1 
ATOM   1637 H H    . LEU A 1 101 ? -0.246  12.794  7.312   1.00 40.07 ? 122 LEU A H    1 
ATOM   1638 H HA   . LEU A 1 101 ? -1.668  14.539  5.834   1.00 45.29 ? 122 LEU A HA   1 
ATOM   1639 H HB2  . LEU A 1 101 ? -2.446  11.960  6.676   1.00 37.56 ? 122 LEU A HB2  1 
ATOM   1640 H HB3  . LEU A 1 101 ? -3.241  12.852  5.636   1.00 37.56 ? 122 LEU A HB3  1 
ATOM   1641 H HG   . LEU A 1 101 ? -0.695  11.773  5.093   1.00 39.35 ? 122 LEU A HG   1 
ATOM   1642 H HD11 . LEU A 1 101 ? -1.737  10.202  3.718   1.00 35.29 ? 122 LEU A HD11 1 
ATOM   1643 H HD12 . LEU A 1 101 ? -2.210  10.015  5.224   1.00 35.29 ? 122 LEU A HD12 1 
ATOM   1644 H HD13 . LEU A 1 101 ? -3.158  10.743  4.178   1.00 35.29 ? 122 LEU A HD13 1 
ATOM   1645 H HD21 . LEU A 1 101 ? -1.079  12.410  2.889   1.00 45.28 ? 122 LEU A HD21 1 
ATOM   1646 H HD22 . LEU A 1 101 ? -2.467  13.053  3.320   1.00 45.28 ? 122 LEU A HD22 1 
ATOM   1647 H HD23 . LEU A 1 101 ? -1.104  13.677  3.847   1.00 45.28 ? 122 LEU A HD23 1 
ATOM   1648 N N    . THR A 1 102 ? -1.977  14.639  8.848   1.00 38.52 ? 123 THR A N    1 
ATOM   1649 C CA   . THR A 1 102 ? -2.727  15.188  9.968   1.00 34.72 ? 123 THR A CA   1 
ATOM   1650 C C    . THR A 1 102 ? -3.208  16.597  9.625   1.00 43.46 ? 123 THR A C    1 
ATOM   1651 O O    . THR A 1 102 ? -2.412  17.415  9.142   1.00 49.82 ? 123 THR A O    1 
ATOM   1652 C CB   . THR A 1 102 ? -1.854  15.214  11.224  1.00 43.96 ? 123 THR A CB   1 
ATOM   1653 O OG1  . THR A 1 102 ? -1.646  13.877  11.688  1.00 43.58 ? 123 THR A OG1  1 
ATOM   1654 C CG2  . THR A 1 102 ? -2.496  16.031  12.344  1.00 51.55 ? 123 THR A CG2  1 
ATOM   1655 H H    . THR A 1 102 ? -1.152  14.470  9.024   1.00 46.33 ? 123 THR A H    1 
ATOM   1656 H HA   . THR A 1 102 ? -3.502  14.632  10.143  1.00 41.78 ? 123 THR A HA   1 
ATOM   1657 H HB   . THR A 1 102 ? -0.997  15.614  11.009  1.00 52.87 ? 123 THR A HB   1 
ATOM   1658 H HG1  . THR A 1 102 ? -1.263  13.423  11.094  1.00 52.41 ? 123 THR A HG1  1 
ATOM   1659 H HG21 . THR A 1 102 ? -1.922  16.031  13.125  1.00 61.97 ? 123 THR A HG21 1 
ATOM   1660 H HG22 . THR A 1 102 ? -2.629  16.947  12.052  1.00 61.97 ? 123 THR A HG22 1 
ATOM   1661 H HG23 . THR A 1 102 ? -3.354  15.648  12.583  1.00 61.97 ? 123 THR A HG23 1 
ATOM   1662 N N    . PRO A 1 103 ? -4.492  16.923  9.850   1.00 38.88 ? 124 PRO A N    1 
ATOM   1663 C CA   . PRO A 1 103 ? -4.983  18.279  9.588   1.00 47.32 ? 124 PRO A CA   1 
ATOM   1664 C C    . PRO A 1 103 ? -4.665  19.248  10.726  1.00 45.64 ? 124 PRO A C    1 
ATOM   1665 O O    . PRO A 1 103 ? -3.807  20.117  10.553  1.00 60.39 ? 124 PRO A O    1 
ATOM   1666 C CB   . PRO A 1 103 ? -6.491  18.078  9.457   1.00 41.84 ? 124 PRO A CB   1 
ATOM   1667 C CG   . PRO A 1 103 ? -6.782  16.947  10.377  1.00 39.95 ? 124 PRO A CG   1 
ATOM   1668 C CD   . PRO A 1 103 ? -5.570  16.041  10.335  1.00 40.37 ? 124 PRO A CD   1 
ATOM   1669 H HA   . PRO A 1 103 ? -4.624  18.620  8.755   1.00 56.90 ? 124 PRO A HA   1 
ATOM   1670 H HB2  . PRO A 1 103 ? -6.958  18.881  9.736   1.00 50.32 ? 124 PRO A HB2  1 
ATOM   1671 H HB3  . PRO A 1 103 ? -6.715  17.847  8.542   1.00 50.32 ? 124 PRO A HB3  1 
ATOM   1672 H HG2  . PRO A 1 103 ? -6.920  17.288  11.275  1.00 48.05 ? 124 PRO A HG2  1 
ATOM   1673 H HG3  . PRO A 1 103 ? -7.571  16.473  10.069  1.00 48.05 ? 124 PRO A HG3  1 
ATOM   1674 H HD2  . PRO A 1 103 ? -5.363  15.713  11.224  1.00 48.55 ? 124 PRO A HD2  1 
ATOM   1675 H HD3  . PRO A 1 103 ? -5.716  15.311  9.712   1.00 48.55 ? 124 PRO A HD3  1 
HETATM 1676 O O    . HOH B 2 .   ? -10.488 5.061   3.684   1.00 40.93 ? 201 HOH A O    1 
HETATM 1677 O O    . HOH B 2 .   ? 2.980   -10.448 -12.926 1.00 33.44 ? 202 HOH A O    1 
HETATM 1678 O O    . HOH B 2 .   ? -10.255 1.328   2.084   1.00 38.64 ? 203 HOH A O    1 
HETATM 1679 O O    . HOH B 2 .   ? 6.460   -1.602  4.259   1.00 35.78 ? 204 HOH A O    1 
HETATM 1680 O O    . HOH B 2 .   ? 2.216   -1.425  5.129   1.00 36.98 ? 205 HOH A O    1 
HETATM 1681 O O    . HOH B 2 .   ? -4.047  -2.413  10.770  1.00 42.23 ? 206 HOH A O    1 
HETATM 1682 O O    . HOH B 2 .   ? 5.675   5.253   8.248   1.00 26.86 ? 207 HOH A O    1 
HETATM 1683 O O    . HOH B 2 .   ? -5.949  -1.491  -12.870 1.00 29.94 ? 208 HOH A O    1 
HETATM 1684 O O    . HOH B 2 .   ? 2.316   0.378   -10.005 1.00 37.67 ? 209 HOH A O    1 
HETATM 1685 O O    . HOH B 2 .   ? 6.113   11.179  -3.942  1.00 42.95 ? 210 HOH A O    1 
HETATM 1686 O O    . HOH B 2 .   ? -5.377  1.798   -0.130  1.00 34.08 ? 211 HOH A O    1 
HETATM 1687 O O    . HOH B 2 .   ? -6.696  14.485  7.691   1.00 44.40 ? 212 HOH A O    1 
HETATM 1688 O O    . HOH B 2 .   ? 12.415  -6.690  -5.318  1.00 35.08 ? 213 HOH A O    1 
HETATM 1689 O O    . HOH B 2 .   ? -9.432  -4.738  -12.818 1.00 40.07 ? 214 HOH A O    1 
HETATM 1690 O O    . HOH B 2 .   ? 12.803  -0.800  -2.909  1.00 36.23 ? 215 HOH A O    1 
HETATM 1691 O O    . HOH B 2 .   ? -9.844  -4.834  4.778   1.00 35.25 ? 216 HOH A O    1 
HETATM 1692 O O    . HOH B 2 .   ? 4.717   0.862   11.806  1.00 34.53 ? 217 HOH A O    1 
HETATM 1693 O O    . HOH B 2 .   ? -11.490 -11.613 -8.877  1.00 40.49 ? 218 HOH A O    1 
HETATM 1694 O O    . HOH B 2 .   ? -13.426 1.489   -2.436  1.00 36.96 ? 219 HOH A O    1 
HETATM 1695 O O    . HOH B 2 .   ? 0.512   -24.009 -2.233  1.00 52.45 ? 220 HOH A O    1 
HETATM 1696 O O    . HOH B 2 .   ? -3.770  -10.766 1.004   1.00 51.67 ? 221 HOH A O    1 
HETATM 1697 O O    . HOH B 2 .   ? -11.813 12.955  3.946   1.00 37.71 ? 222 HOH A O    1 
HETATM 1698 O O    . HOH B 2 .   ? 4.546   -14.471 4.552   1.00 52.78 ? 223 HOH A O    1 
HETATM 1699 O O    . HOH B 2 .   ? 0.651   -12.029 -7.703  1.00 43.56 ? 224 HOH A O    1 
HETATM 1700 O O    . HOH B 2 .   ? -2.400  -19.982 -4.998  1.00 51.95 ? 225 HOH A O    1 
HETATM 1701 O O    . HOH B 2 .   ? -6.664  -7.424  2.925   1.00 41.20 ? 226 HOH A O    1 
HETATM 1702 O O    . HOH B 2 .   ? -7.716  -3.056  -13.784 1.00 39.62 ? 227 HOH A O    1 
HETATM 1703 O O    . HOH B 2 .   ? 14.248  -1.319  -9.859  1.00 50.43 ? 228 HOH A O    1 
HETATM 1704 O O    . HOH B 2 .   ? -0.454  25.117  -6.320  1.00 37.69 ? 229 HOH A O    1 
HETATM 1705 O O    . HOH B 2 .   ? -8.309  10.230  -6.583  1.00 45.07 ? 230 HOH A O    1 
HETATM 1706 O O    . HOH B 2 .   ? -10.741 -18.268 -11.567 1.00 34.93 ? 231 HOH A O    1 
HETATM 1707 O O    . HOH B 2 .   ? -4.538  0.323   -13.651 1.00 47.00 ? 232 HOH A O    1 
HETATM 1708 O O    . HOH B 2 .   ? 0.203   3.232   12.443  1.00 42.71 ? 233 HOH A O    1 
HETATM 1709 O O    . HOH B 2 .   ? -12.151 1.572   -5.845  1.00 45.71 ? 234 HOH A O    1 
HETATM 1710 O O    . HOH B 2 .   ? 7.609   4.578   10.533  1.00 43.58 ? 235 HOH A O    1 
HETATM 1711 O O    . HOH B 2 .   ? 0.019   0.088   14.985  1.00 44.64 ? 236 HOH A O    1 
HETATM 1712 O O    . HOH B 2 .   ? -12.584 -1.876  -12.237 1.00 40.77 ? 237 HOH A O    1 
HETATM 1713 O O    . HOH B 2 .   ? -12.302 8.942   -7.104  1.00 44.59 ? 238 HOH A O    1 
HETATM 1714 O O    . HOH B 2 .   ? -5.366  -5.393  10.802  1.00 49.85 ? 239 HOH A O    1 
HETATM 1715 O O    . HOH B 2 .   ? 5.845   -16.348 -8.889  1.00 51.28 ? 240 HOH A O    1 
# 
